data_5AZY
# 
_entry.id   5AZY 
# 
_audit_conform.dict_name       mmcif_pdbx.dic 
_audit_conform.dict_version    5.397 
_audit_conform.dict_location   http://mmcif.pdb.org/dictionaries/ascii/mmcif_pdbx.dic 
# 
loop_
_database_2.database_id 
_database_2.database_code 
_database_2.pdbx_database_accession 
_database_2.pdbx_DOI 
PDB   5AZY         pdb_00005azy 10.2210/pdb5azy/pdb 
WWPDB D_1300000293 ?            ?                   
# 
loop_
_pdbx_audit_revision_history.ordinal 
_pdbx_audit_revision_history.data_content_type 
_pdbx_audit_revision_history.major_revision 
_pdbx_audit_revision_history.minor_revision 
_pdbx_audit_revision_history.revision_date 
1 'Structure model' 1 0 2016-09-14 
2 'Structure model' 1 1 2016-10-19 
3 'Structure model' 1 2 2020-02-26 
4 'Structure model' 1 3 2023-11-08 
5 'Structure model' 1 4 2024-10-09 
# 
_pdbx_audit_revision_details.ordinal             1 
_pdbx_audit_revision_details.revision_ordinal    1 
_pdbx_audit_revision_details.data_content_type   'Structure model' 
_pdbx_audit_revision_details.provider            repository 
_pdbx_audit_revision_details.type                'Initial release' 
_pdbx_audit_revision_details.description         ? 
_pdbx_audit_revision_details.details             ? 
# 
loop_
_pdbx_audit_revision_group.ordinal 
_pdbx_audit_revision_group.revision_ordinal 
_pdbx_audit_revision_group.data_content_type 
_pdbx_audit_revision_group.group 
1 2 'Structure model' 'Database references'    
2 3 'Structure model' 'Data collection'        
3 3 'Structure model' 'Database references'    
4 3 'Structure model' 'Derived calculations'   
5 4 'Structure model' 'Data collection'        
6 4 'Structure model' 'Database references'    
7 4 'Structure model' 'Refinement description' 
8 5 'Structure model' 'Structure summary'      
# 
loop_
_pdbx_audit_revision_category.ordinal 
_pdbx_audit_revision_category.revision_ordinal 
_pdbx_audit_revision_category.data_content_type 
_pdbx_audit_revision_category.category 
1 3 'Structure model' citation                      
2 3 'Structure model' diffrn_source                 
3 3 'Structure model' pdbx_struct_oper_list         
4 4 'Structure model' chem_comp_atom                
5 4 'Structure model' chem_comp_bond                
6 4 'Structure model' database_2                    
7 4 'Structure model' pdbx_initial_refinement_model 
8 5 'Structure model' pdbx_entry_details            
9 5 'Structure model' pdbx_modification_feature     
# 
loop_
_pdbx_audit_revision_item.ordinal 
_pdbx_audit_revision_item.revision_ordinal 
_pdbx_audit_revision_item.data_content_type 
_pdbx_audit_revision_item.item 
1 3 'Structure model' '_citation.journal_id_CSD'                  
2 3 'Structure model' '_diffrn_source.pdbx_synchrotron_site'      
3 3 'Structure model' '_pdbx_struct_oper_list.symmetry_operation' 
4 4 'Structure model' '_database_2.pdbx_DOI'                      
5 4 'Structure model' '_database_2.pdbx_database_accession'       
# 
_pdbx_database_status.status_code                     REL 
_pdbx_database_status.status_code_sf                  REL 
_pdbx_database_status.status_code_mr                  ? 
_pdbx_database_status.entry_id                        5AZY 
_pdbx_database_status.recvd_initial_deposition_date   2015-10-23 
_pdbx_database_status.SG_entry                        N 
_pdbx_database_status.deposit_site                    PDBJ 
_pdbx_database_status.process_site                    PDBJ 
_pdbx_database_status.status_code_cs                  ? 
_pdbx_database_status.methods_development_category    ? 
_pdbx_database_status.pdb_format_compatible           Y 
_pdbx_database_status.status_code_nmr_data            ? 
# 
loop_
_pdbx_database_related.content_type 
_pdbx_database_related.db_id 
_pdbx_database_related.db_name 
_pdbx_database_related.details 
unspecified 5AZX PDB . 
unspecified 5AZW PDB . 
# 
loop_
_audit_author.name 
_audit_author.pdbx_ordinal 
'Nagae, M.'     1 
'Yamaguchi, Y.' 2 
# 
_citation.abstract                  ? 
_citation.abstract_id_CAS           ? 
_citation.book_id_ISBN              ? 
_citation.book_publisher            ? 
_citation.book_publisher_city       ? 
_citation.book_title                ? 
_citation.coordinate_linkage        ? 
_citation.country                   UK 
_citation.database_id_Medline       ? 
_citation.details                   ? 
_citation.id                        primary 
_citation.journal_abbrev            J.Mol.Biol. 
_citation.journal_id_ASTM           JMOBAK 
_citation.journal_id_CSD            0070 
_citation.journal_id_ISSN           1089-8638 
_citation.journal_full              ? 
_citation.journal_issue             ? 
_citation.journal_volume            428 
_citation.language                  ? 
_citation.page_first                4087 
_citation.page_last                 4099 
_citation.title                     
;3D Structure and Interaction of p24 beta and p24 delta Golgi Dynamics Domains: Implication for p24 Complex Formation and Cargo Transport
;
_citation.year                      2016 
_citation.database_id_CSD           ? 
_citation.pdbx_database_id_DOI      10.1016/j.jmb.2016.08.023 
_citation.pdbx_database_id_PubMed   27569046 
_citation.unpublished_flag          ? 
# 
loop_
_citation_author.citation_id 
_citation_author.name 
_citation_author.ordinal 
_citation_author.identifier_ORCID 
primary 'Nagae, M.'            1 ? 
primary 'Hirata, T.'           2 ? 
primary 'Morita-Matsumoto, K.' 3 ? 
primary 'Theiler, R.'          4 ? 
primary 'Fujita, M.'           5 ? 
primary 'Kinoshita, T.'        6 ? 
primary 'Yamaguchi, Y.'        7 ? 
# 
loop_
_entity.id 
_entity.type 
_entity.src_method 
_entity.pdbx_description 
_entity.formula_weight 
_entity.pdbx_number_of_molecules 
_entity.pdbx_ec 
_entity.pdbx_mutation 
_entity.pdbx_fragment 
_entity.details 
1 polymer     man 'Transmembrane emp24 domain-containing protein 10' 11345.822 2  ? ? 'UNP residues 32-132' ? 
2 non-polymer syn 'SULFATE ION'                                      96.063    2  ? ? ?                     ? 
3 non-polymer syn 1,2-ETHANEDIOL                                     62.068    1  ? ? ?                     ? 
4 water       nat water                                              18.015    31 ? ? ?                     ? 
# 
_entity_name_com.entity_id   1 
_entity_name_com.name        
'21 kDa transmembrane-trafficking protein,Transmembrane protein Tmp21,p24 family protein delta-1,p24delta1' 
# 
_entity_poly.entity_id                      1 
_entity_poly.type                           'polypeptide(L)' 
_entity_poly.nstd_linkage                   no 
_entity_poly.nstd_monomer                   no 
_entity_poly.pdbx_seq_one_letter_code       
;GSISFHLPVNSRKCLREEIHKDLLVTGAYEITDQSGGAGGLRTHLKITDSAGHILYAKEDATKGKFAFTTEDYDMFEVCF
ESKGTGRIPDQLVILDMKHGVEA
;
_entity_poly.pdbx_seq_one_letter_code_can   
;GSISFHLPVNSRKCLREEIHKDLLVTGAYEITDQSGGAGGLRTHLKITDSAGHILYAKEDATKGKFAFTTEDYDMFEVCF
ESKGTGRIPDQLVILDMKHGVEA
;
_entity_poly.pdbx_strand_id                 A,B 
_entity_poly.pdbx_target_identifier         ? 
# 
loop_
_pdbx_entity_nonpoly.entity_id 
_pdbx_entity_nonpoly.name 
_pdbx_entity_nonpoly.comp_id 
2 'SULFATE ION'  SO4 
3 1,2-ETHANEDIOL EDO 
4 water          HOH 
# 
loop_
_entity_poly_seq.entity_id 
_entity_poly_seq.num 
_entity_poly_seq.mon_id 
_entity_poly_seq.hetero 
1 1   GLY n 
1 2   SER n 
1 3   ILE n 
1 4   SER n 
1 5   PHE n 
1 6   HIS n 
1 7   LEU n 
1 8   PRO n 
1 9   VAL n 
1 10  ASN n 
1 11  SER n 
1 12  ARG n 
1 13  LYS n 
1 14  CYS n 
1 15  LEU n 
1 16  ARG n 
1 17  GLU n 
1 18  GLU n 
1 19  ILE n 
1 20  HIS n 
1 21  LYS n 
1 22  ASP n 
1 23  LEU n 
1 24  LEU n 
1 25  VAL n 
1 26  THR n 
1 27  GLY n 
1 28  ALA n 
1 29  TYR n 
1 30  GLU n 
1 31  ILE n 
1 32  THR n 
1 33  ASP n 
1 34  GLN n 
1 35  SER n 
1 36  GLY n 
1 37  GLY n 
1 38  ALA n 
1 39  GLY n 
1 40  GLY n 
1 41  LEU n 
1 42  ARG n 
1 43  THR n 
1 44  HIS n 
1 45  LEU n 
1 46  LYS n 
1 47  ILE n 
1 48  THR n 
1 49  ASP n 
1 50  SER n 
1 51  ALA n 
1 52  GLY n 
1 53  HIS n 
1 54  ILE n 
1 55  LEU n 
1 56  TYR n 
1 57  ALA n 
1 58  LYS n 
1 59  GLU n 
1 60  ASP n 
1 61  ALA n 
1 62  THR n 
1 63  LYS n 
1 64  GLY n 
1 65  LYS n 
1 66  PHE n 
1 67  ALA n 
1 68  PHE n 
1 69  THR n 
1 70  THR n 
1 71  GLU n 
1 72  ASP n 
1 73  TYR n 
1 74  ASP n 
1 75  MET n 
1 76  PHE n 
1 77  GLU n 
1 78  VAL n 
1 79  CYS n 
1 80  PHE n 
1 81  GLU n 
1 82  SER n 
1 83  LYS n 
1 84  GLY n 
1 85  THR n 
1 86  GLY n 
1 87  ARG n 
1 88  ILE n 
1 89  PRO n 
1 90  ASP n 
1 91  GLN n 
1 92  LEU n 
1 93  VAL n 
1 94  ILE n 
1 95  LEU n 
1 96  ASP n 
1 97  MET n 
1 98  LYS n 
1 99  HIS n 
1 100 GLY n 
1 101 VAL n 
1 102 GLU n 
1 103 ALA n 
# 
_entity_src_gen.entity_id                          1 
_entity_src_gen.pdbx_src_id                        1 
_entity_src_gen.pdbx_alt_source_flag               sample 
_entity_src_gen.pdbx_seq_type                      'Biological sequence' 
_entity_src_gen.pdbx_beg_seq_num                   1 
_entity_src_gen.pdbx_end_seq_num                   103 
_entity_src_gen.gene_src_common_name               Rat 
_entity_src_gen.gene_src_genus                     ? 
_entity_src_gen.pdbx_gene_src_gene                 'Tmed10, Tmp21' 
_entity_src_gen.gene_src_species                   ? 
_entity_src_gen.gene_src_strain                    ? 
_entity_src_gen.gene_src_tissue                    ? 
_entity_src_gen.gene_src_tissue_fraction           ? 
_entity_src_gen.gene_src_details                   ? 
_entity_src_gen.pdbx_gene_src_fragment             ? 
_entity_src_gen.pdbx_gene_src_scientific_name      'Rattus norvegicus' 
_entity_src_gen.pdbx_gene_src_ncbi_taxonomy_id     10116 
_entity_src_gen.pdbx_gene_src_variant              ? 
_entity_src_gen.pdbx_gene_src_cell_line            ? 
_entity_src_gen.pdbx_gene_src_atcc                 ? 
_entity_src_gen.pdbx_gene_src_organ                ? 
_entity_src_gen.pdbx_gene_src_organelle            ? 
_entity_src_gen.pdbx_gene_src_cell                 ? 
_entity_src_gen.pdbx_gene_src_cellular_location    ? 
_entity_src_gen.host_org_common_name               ? 
_entity_src_gen.pdbx_host_org_scientific_name      'Escherichia coli' 
_entity_src_gen.pdbx_host_org_ncbi_taxonomy_id     562 
_entity_src_gen.host_org_genus                     ? 
_entity_src_gen.pdbx_host_org_gene                 ? 
_entity_src_gen.pdbx_host_org_organ                ? 
_entity_src_gen.host_org_species                   ? 
_entity_src_gen.pdbx_host_org_tissue               ? 
_entity_src_gen.pdbx_host_org_tissue_fraction      ? 
_entity_src_gen.pdbx_host_org_strain               ? 
_entity_src_gen.pdbx_host_org_variant              ? 
_entity_src_gen.pdbx_host_org_cell_line            ? 
_entity_src_gen.pdbx_host_org_atcc                 ? 
_entity_src_gen.pdbx_host_org_culture_collection   ? 
_entity_src_gen.pdbx_host_org_cell                 ? 
_entity_src_gen.pdbx_host_org_organelle            ? 
_entity_src_gen.pdbx_host_org_cellular_location    ? 
_entity_src_gen.pdbx_host_org_vector_type          ? 
_entity_src_gen.pdbx_host_org_vector               ? 
_entity_src_gen.host_org_details                   ? 
_entity_src_gen.expression_system_id               ? 
_entity_src_gen.plasmid_name                       pCOLD 
_entity_src_gen.plasmid_details                    ? 
_entity_src_gen.pdbx_description                   ? 
# 
loop_
_chem_comp.id 
_chem_comp.type 
_chem_comp.mon_nstd_flag 
_chem_comp.name 
_chem_comp.pdbx_synonyms 
_chem_comp.formula 
_chem_comp.formula_weight 
ALA 'L-peptide linking' y ALANINE         ?                 'C3 H7 N O2'     89.093  
ARG 'L-peptide linking' y ARGININE        ?                 'C6 H15 N4 O2 1' 175.209 
ASN 'L-peptide linking' y ASPARAGINE      ?                 'C4 H8 N2 O3'    132.118 
ASP 'L-peptide linking' y 'ASPARTIC ACID' ?                 'C4 H7 N O4'     133.103 
CYS 'L-peptide linking' y CYSTEINE        ?                 'C3 H7 N O2 S'   121.158 
EDO non-polymer         . 1,2-ETHANEDIOL  'ETHYLENE GLYCOL' 'C2 H6 O2'       62.068  
GLN 'L-peptide linking' y GLUTAMINE       ?                 'C5 H10 N2 O3'   146.144 
GLU 'L-peptide linking' y 'GLUTAMIC ACID' ?                 'C5 H9 N O4'     147.129 
GLY 'peptide linking'   y GLYCINE         ?                 'C2 H5 N O2'     75.067  
HIS 'L-peptide linking' y HISTIDINE       ?                 'C6 H10 N3 O2 1' 156.162 
HOH non-polymer         . WATER           ?                 'H2 O'           18.015  
ILE 'L-peptide linking' y ISOLEUCINE      ?                 'C6 H13 N O2'    131.173 
LEU 'L-peptide linking' y LEUCINE         ?                 'C6 H13 N O2'    131.173 
LYS 'L-peptide linking' y LYSINE          ?                 'C6 H15 N2 O2 1' 147.195 
MET 'L-peptide linking' y METHIONINE      ?                 'C5 H11 N O2 S'  149.211 
PHE 'L-peptide linking' y PHENYLALANINE   ?                 'C9 H11 N O2'    165.189 
PRO 'L-peptide linking' y PROLINE         ?                 'C5 H9 N O2'     115.130 
SER 'L-peptide linking' y SERINE          ?                 'C3 H7 N O3'     105.093 
SO4 non-polymer         . 'SULFATE ION'   ?                 'O4 S -2'        96.063  
THR 'L-peptide linking' y THREONINE       ?                 'C4 H9 N O3'     119.119 
TYR 'L-peptide linking' y TYROSINE        ?                 'C9 H11 N O3'    181.189 
VAL 'L-peptide linking' y VALINE          ?                 'C5 H11 N O2'    117.146 
# 
loop_
_pdbx_poly_seq_scheme.asym_id 
_pdbx_poly_seq_scheme.entity_id 
_pdbx_poly_seq_scheme.seq_id 
_pdbx_poly_seq_scheme.mon_id 
_pdbx_poly_seq_scheme.ndb_seq_num 
_pdbx_poly_seq_scheme.pdb_seq_num 
_pdbx_poly_seq_scheme.auth_seq_num 
_pdbx_poly_seq_scheme.pdb_mon_id 
_pdbx_poly_seq_scheme.auth_mon_id 
_pdbx_poly_seq_scheme.pdb_strand_id 
_pdbx_poly_seq_scheme.pdb_ins_code 
_pdbx_poly_seq_scheme.hetero 
A 1 1   GLY 1   30  30  GLY GLY A . n 
A 1 2   SER 2   31  31  SER SER A . n 
A 1 3   ILE 3   32  32  ILE ILE A . n 
A 1 4   SER 4   33  33  SER SER A . n 
A 1 5   PHE 5   34  34  PHE PHE A . n 
A 1 6   HIS 6   35  35  HIS HIS A . n 
A 1 7   LEU 7   36  36  LEU LEU A . n 
A 1 8   PRO 8   37  37  PRO PRO A . n 
A 1 9   VAL 9   38  38  VAL VAL A . n 
A 1 10  ASN 10  39  39  ASN ASN A . n 
A 1 11  SER 11  40  40  SER SER A . n 
A 1 12  ARG 12  41  41  ARG ARG A . n 
A 1 13  LYS 13  42  42  LYS LYS A . n 
A 1 14  CYS 14  43  43  CYS CYS A . n 
A 1 15  LEU 15  44  44  LEU LEU A . n 
A 1 16  ARG 16  45  45  ARG ARG A . n 
A 1 17  GLU 17  46  46  GLU GLU A . n 
A 1 18  GLU 18  47  47  GLU GLU A . n 
A 1 19  ILE 19  48  48  ILE ILE A . n 
A 1 20  HIS 20  49  49  HIS HIS A . n 
A 1 21  LYS 21  50  50  LYS LYS A . n 
A 1 22  ASP 22  51  51  ASP ASP A . n 
A 1 23  LEU 23  52  52  LEU LEU A . n 
A 1 24  LEU 24  53  53  LEU LEU A . n 
A 1 25  VAL 25  54  54  VAL VAL A . n 
A 1 26  THR 26  55  55  THR THR A . n 
A 1 27  GLY 27  56  56  GLY GLY A . n 
A 1 28  ALA 28  57  57  ALA ALA A . n 
A 1 29  TYR 29  58  58  TYR TYR A . n 
A 1 30  GLU 30  59  59  GLU GLU A . n 
A 1 31  ILE 31  60  60  ILE ILE A . n 
A 1 32  THR 32  61  61  THR THR A . n 
A 1 33  ASP 33  62  62  ASP ASP A . n 
A 1 34  GLN 34  63  63  GLN GLN A . n 
A 1 35  SER 35  64  64  SER SER A . n 
A 1 36  GLY 36  65  65  GLY GLY A . n 
A 1 37  GLY 37  66  66  GLY GLY A . n 
A 1 38  ALA 38  67  67  ALA ALA A . n 
A 1 39  GLY 39  68  68  GLY GLY A . n 
A 1 40  GLY 40  69  69  GLY GLY A . n 
A 1 41  LEU 41  70  70  LEU LEU A . n 
A 1 42  ARG 42  71  71  ARG ARG A . n 
A 1 43  THR 43  72  72  THR THR A . n 
A 1 44  HIS 44  73  73  HIS HIS A . n 
A 1 45  LEU 45  74  74  LEU LEU A . n 
A 1 46  LYS 46  75  75  LYS LYS A . n 
A 1 47  ILE 47  76  76  ILE ILE A . n 
A 1 48  THR 48  77  77  THR THR A . n 
A 1 49  ASP 49  78  78  ASP ASP A . n 
A 1 50  SER 50  79  79  SER SER A . n 
A 1 51  ALA 51  80  80  ALA ALA A . n 
A 1 52  GLY 52  81  81  GLY GLY A . n 
A 1 53  HIS 53  82  82  HIS HIS A . n 
A 1 54  ILE 54  83  83  ILE ILE A . n 
A 1 55  LEU 55  84  84  LEU LEU A . n 
A 1 56  TYR 56  85  85  TYR TYR A . n 
A 1 57  ALA 57  86  86  ALA ALA A . n 
A 1 58  LYS 58  87  87  LYS LYS A . n 
A 1 59  GLU 59  88  88  GLU GLU A . n 
A 1 60  ASP 60  89  89  ASP ASP A . n 
A 1 61  ALA 61  90  90  ALA ALA A . n 
A 1 62  THR 62  91  91  THR THR A . n 
A 1 63  LYS 63  92  92  LYS LYS A . n 
A 1 64  GLY 64  93  93  GLY GLY A . n 
A 1 65  LYS 65  94  94  LYS LYS A . n 
A 1 66  PHE 66  95  95  PHE PHE A . n 
A 1 67  ALA 67  96  96  ALA ALA A . n 
A 1 68  PHE 68  97  97  PHE PHE A . n 
A 1 69  THR 69  98  98  THR THR A . n 
A 1 70  THR 70  99  99  THR THR A . n 
A 1 71  GLU 71  100 ?   ?   ?   A . n 
A 1 72  ASP 72  101 ?   ?   ?   A . n 
A 1 73  TYR 73  102 ?   ?   ?   A . n 
A 1 74  ASP 74  103 103 ASP ASP A . n 
A 1 75  MET 75  104 104 MET MET A . n 
A 1 76  PHE 76  105 105 PHE PHE A . n 
A 1 77  GLU 77  106 106 GLU GLU A . n 
A 1 78  VAL 78  107 107 VAL VAL A . n 
A 1 79  CYS 79  108 108 CYS CYS A . n 
A 1 80  PHE 80  109 109 PHE PHE A . n 
A 1 81  GLU 81  110 110 GLU GLU A . n 
A 1 82  SER 82  111 111 SER SER A . n 
A 1 83  LYS 83  112 112 LYS LYS A . n 
A 1 84  GLY 84  113 113 GLY GLY A . n 
A 1 85  THR 85  114 114 THR THR A . n 
A 1 86  GLY 86  115 115 GLY GLY A . n 
A 1 87  ARG 87  116 116 ARG ARG A . n 
A 1 88  ILE 88  117 117 ILE ILE A . n 
A 1 89  PRO 89  118 118 PRO PRO A . n 
A 1 90  ASP 90  119 119 ASP ASP A . n 
A 1 91  GLN 91  120 120 GLN GLN A . n 
A 1 92  LEU 92  121 121 LEU LEU A . n 
A 1 93  VAL 93  122 122 VAL VAL A . n 
A 1 94  ILE 94  123 123 ILE ILE A . n 
A 1 95  LEU 95  124 124 LEU LEU A . n 
A 1 96  ASP 96  125 125 ASP ASP A . n 
A 1 97  MET 97  126 126 MET MET A . n 
A 1 98  LYS 98  127 127 LYS LYS A . n 
A 1 99  HIS 99  128 128 HIS HIS A . n 
A 1 100 GLY 100 129 129 GLY GLY A . n 
A 1 101 VAL 101 130 ?   ?   ?   A . n 
A 1 102 GLU 102 131 ?   ?   ?   A . n 
A 1 103 ALA 103 132 ?   ?   ?   A . n 
B 1 1   GLY 1   30  30  GLY GLY B . n 
B 1 2   SER 2   31  31  SER SER B . n 
B 1 3   ILE 3   32  32  ILE ILE B . n 
B 1 4   SER 4   33  33  SER SER B . n 
B 1 5   PHE 5   34  34  PHE PHE B . n 
B 1 6   HIS 6   35  35  HIS HIS B . n 
B 1 7   LEU 7   36  36  LEU LEU B . n 
B 1 8   PRO 8   37  37  PRO PRO B . n 
B 1 9   VAL 9   38  38  VAL VAL B . n 
B 1 10  ASN 10  39  39  ASN ASN B . n 
B 1 11  SER 11  40  40  SER SER B . n 
B 1 12  ARG 12  41  41  ARG ARG B . n 
B 1 13  LYS 13  42  42  LYS LYS B . n 
B 1 14  CYS 14  43  43  CYS CYS B . n 
B 1 15  LEU 15  44  44  LEU LEU B . n 
B 1 16  ARG 16  45  45  ARG ARG B . n 
B 1 17  GLU 17  46  46  GLU GLU B . n 
B 1 18  GLU 18  47  47  GLU GLU B . n 
B 1 19  ILE 19  48  48  ILE ILE B . n 
B 1 20  HIS 20  49  49  HIS HIS B . n 
B 1 21  LYS 21  50  50  LYS LYS B . n 
B 1 22  ASP 22  51  51  ASP ASP B . n 
B 1 23  LEU 23  52  52  LEU LEU B . n 
B 1 24  LEU 24  53  53  LEU LEU B . n 
B 1 25  VAL 25  54  54  VAL VAL B . n 
B 1 26  THR 26  55  55  THR THR B . n 
B 1 27  GLY 27  56  56  GLY GLY B . n 
B 1 28  ALA 28  57  57  ALA ALA B . n 
B 1 29  TYR 29  58  58  TYR TYR B . n 
B 1 30  GLU 30  59  59  GLU GLU B . n 
B 1 31  ILE 31  60  60  ILE ILE B . n 
B 1 32  THR 32  61  61  THR THR B . n 
B 1 33  ASP 33  62  62  ASP ASP B . n 
B 1 34  GLN 34  63  63  GLN GLN B . n 
B 1 35  SER 35  64  64  SER SER B . n 
B 1 36  GLY 36  65  65  GLY GLY B . n 
B 1 37  GLY 37  66  66  GLY GLY B . n 
B 1 38  ALA 38  67  67  ALA ALA B . n 
B 1 39  GLY 39  68  68  GLY GLY B . n 
B 1 40  GLY 40  69  69  GLY GLY B . n 
B 1 41  LEU 41  70  70  LEU LEU B . n 
B 1 42  ARG 42  71  71  ARG ARG B . n 
B 1 43  THR 43  72  72  THR THR B . n 
B 1 44  HIS 44  73  73  HIS HIS B . n 
B 1 45  LEU 45  74  74  LEU LEU B . n 
B 1 46  LYS 46  75  75  LYS LYS B . n 
B 1 47  ILE 47  76  76  ILE ILE B . n 
B 1 48  THR 48  77  77  THR THR B . n 
B 1 49  ASP 49  78  78  ASP ASP B . n 
B 1 50  SER 50  79  79  SER SER B . n 
B 1 51  ALA 51  80  80  ALA ALA B . n 
B 1 52  GLY 52  81  81  GLY GLY B . n 
B 1 53  HIS 53  82  82  HIS HIS B . n 
B 1 54  ILE 54  83  83  ILE ILE B . n 
B 1 55  LEU 55  84  84  LEU LEU B . n 
B 1 56  TYR 56  85  85  TYR TYR B . n 
B 1 57  ALA 57  86  86  ALA ALA B . n 
B 1 58  LYS 58  87  87  LYS LYS B . n 
B 1 59  GLU 59  88  88  GLU GLU B . n 
B 1 60  ASP 60  89  89  ASP ASP B . n 
B 1 61  ALA 61  90  90  ALA ALA B . n 
B 1 62  THR 62  91  91  THR THR B . n 
B 1 63  LYS 63  92  92  LYS LYS B . n 
B 1 64  GLY 64  93  93  GLY GLY B . n 
B 1 65  LYS 65  94  94  LYS LYS B . n 
B 1 66  PHE 66  95  95  PHE PHE B . n 
B 1 67  ALA 67  96  96  ALA ALA B . n 
B 1 68  PHE 68  97  97  PHE PHE B . n 
B 1 69  THR 69  98  98  THR THR B . n 
B 1 70  THR 70  99  99  THR THR B . n 
B 1 71  GLU 71  100 100 GLU GLU B . n 
B 1 72  ASP 72  101 ?   ?   ?   B . n 
B 1 73  TYR 73  102 ?   ?   ?   B . n 
B 1 74  ASP 74  103 103 ASP ASP B . n 
B 1 75  MET 75  104 104 MET MET B . n 
B 1 76  PHE 76  105 105 PHE PHE B . n 
B 1 77  GLU 77  106 106 GLU GLU B . n 
B 1 78  VAL 78  107 107 VAL VAL B . n 
B 1 79  CYS 79  108 108 CYS CYS B . n 
B 1 80  PHE 80  109 109 PHE PHE B . n 
B 1 81  GLU 81  110 110 GLU GLU B . n 
B 1 82  SER 82  111 111 SER SER B . n 
B 1 83  LYS 83  112 112 LYS LYS B . n 
B 1 84  GLY 84  113 113 GLY GLY B . n 
B 1 85  THR 85  114 114 THR THR B . n 
B 1 86  GLY 86  115 115 GLY GLY B . n 
B 1 87  ARG 87  116 116 ARG ARG B . n 
B 1 88  ILE 88  117 117 ILE ILE B . n 
B 1 89  PRO 89  118 118 PRO PRO B . n 
B 1 90  ASP 90  119 119 ASP ASP B . n 
B 1 91  GLN 91  120 120 GLN GLN B . n 
B 1 92  LEU 92  121 121 LEU LEU B . n 
B 1 93  VAL 93  122 122 VAL VAL B . n 
B 1 94  ILE 94  123 123 ILE ILE B . n 
B 1 95  LEU 95  124 124 LEU LEU B . n 
B 1 96  ASP 96  125 125 ASP ASP B . n 
B 1 97  MET 97  126 126 MET MET B . n 
B 1 98  LYS 98  127 127 LYS LYS B . n 
B 1 99  HIS 99  128 128 HIS HIS B . n 
B 1 100 GLY 100 129 129 GLY GLY B . n 
B 1 101 VAL 101 130 ?   ?   ?   B . n 
B 1 102 GLU 102 131 ?   ?   ?   B . n 
B 1 103 ALA 103 132 ?   ?   ?   B . n 
# 
loop_
_pdbx_nonpoly_scheme.asym_id 
_pdbx_nonpoly_scheme.entity_id 
_pdbx_nonpoly_scheme.mon_id 
_pdbx_nonpoly_scheme.ndb_seq_num 
_pdbx_nonpoly_scheme.pdb_seq_num 
_pdbx_nonpoly_scheme.auth_seq_num 
_pdbx_nonpoly_scheme.pdb_mon_id 
_pdbx_nonpoly_scheme.auth_mon_id 
_pdbx_nonpoly_scheme.pdb_strand_id 
_pdbx_nonpoly_scheme.pdb_ins_code 
C 2 SO4 1  201 1  SO4 SO4 A . 
D 2 SO4 1  202 2  SO4 SO4 A . 
E 3 EDO 1  203 1  EDO EDO A . 
F 4 HOH 1  301 24 HOH HOH A . 
F 4 HOH 2  302 10 HOH HOH A . 
F 4 HOH 3  303 14 HOH HOH A . 
F 4 HOH 4  304 5  HOH HOH A . 
F 4 HOH 5  305 27 HOH HOH A . 
F 4 HOH 6  306 26 HOH HOH A . 
F 4 HOH 7  307 13 HOH HOH A . 
F 4 HOH 8  308 9  HOH HOH A . 
F 4 HOH 9  309 7  HOH HOH A . 
F 4 HOH 10 310 6  HOH HOH A . 
F 4 HOH 11 311 29 HOH HOH A . 
F 4 HOH 12 312 12 HOH HOH A . 
F 4 HOH 13 313 21 HOH HOH A . 
F 4 HOH 14 314 8  HOH HOH A . 
F 4 HOH 15 315 17 HOH HOH A . 
F 4 HOH 16 316 25 HOH HOH A . 
F 4 HOH 17 317 15 HOH HOH A . 
F 4 HOH 18 318 11 HOH HOH A . 
F 4 HOH 19 319 31 HOH HOH A . 
F 4 HOH 20 320 28 HOH HOH A . 
F 4 HOH 21 321 16 HOH HOH A . 
F 4 HOH 22 322 23 HOH HOH A . 
G 4 HOH 1  201 4  HOH HOH B . 
G 4 HOH 2  202 2  HOH HOH B . 
G 4 HOH 3  203 3  HOH HOH B . 
G 4 HOH 4  204 1  HOH HOH B . 
G 4 HOH 5  205 22 HOH HOH B . 
G 4 HOH 6  206 30 HOH HOH B . 
G 4 HOH 7  207 20 HOH HOH B . 
G 4 HOH 8  208 18 HOH HOH B . 
G 4 HOH 9  209 19 HOH HOH B . 
# 
loop_
_software.citation_id 
_software.classification 
_software.compiler_name 
_software.compiler_version 
_software.contact_author 
_software.contact_author_email 
_software.date 
_software.description 
_software.dependencies 
_software.hardware 
_software.language 
_software.location 
_software.mods 
_software.name 
_software.os 
_software.os_version 
_software.type 
_software.version 
_software.pdbx_ordinal 
? refinement       ? ? ? ? ? ? ? ? ? ? ? PHENIX   ? ? ? '(1.10_2155: ???)' 1 
? 'data reduction' ? ? ? ? ? ? ? ? ? ? ? HKL-2000 ? ? ? .                  2 
? 'data scaling'   ? ? ? ? ? ? ? ? ? ? ? HKL-2000 ? ? ? .                  3 
? phasing          ? ? ? ? ? ? ? ? ? ? ? MOLREP   ? ? ? .                  4 
# 
_cell.angle_alpha                  90.00 
_cell.angle_alpha_esd              ? 
_cell.angle_beta                   90.00 
_cell.angle_beta_esd               ? 
_cell.angle_gamma                  90.00 
_cell.angle_gamma_esd              ? 
_cell.entry_id                     5AZY 
_cell.details                      ? 
_cell.formula_units_Z              ? 
_cell.length_a                     66.798 
_cell.length_a_esd                 ? 
_cell.length_b                     77.354 
_cell.length_b_esd                 ? 
_cell.length_c                     41.680 
_cell.length_c_esd                 ? 
_cell.volume                       ? 
_cell.volume_esd                   ? 
_cell.Z_PDB                        8 
_cell.reciprocal_angle_alpha       ? 
_cell.reciprocal_angle_beta        ? 
_cell.reciprocal_angle_gamma       ? 
_cell.reciprocal_angle_alpha_esd   ? 
_cell.reciprocal_angle_beta_esd    ? 
_cell.reciprocal_angle_gamma_esd   ? 
_cell.reciprocal_length_a          ? 
_cell.reciprocal_length_b          ? 
_cell.reciprocal_length_c          ? 
_cell.reciprocal_length_a_esd      ? 
_cell.reciprocal_length_b_esd      ? 
_cell.reciprocal_length_c_esd      ? 
_cell.pdbx_unique_axis             ? 
# 
_symmetry.entry_id                         5AZY 
_symmetry.cell_setting                     ? 
_symmetry.Int_Tables_number                18 
_symmetry.space_group_name_Hall            ? 
_symmetry.space_group_name_H-M             'P 21 21 2' 
_symmetry.pdbx_full_space_group_name_H-M   ? 
# 
_exptl.absorpt_coefficient_mu     ? 
_exptl.absorpt_correction_T_max   ? 
_exptl.absorpt_correction_T_min   ? 
_exptl.absorpt_correction_type    ? 
_exptl.absorpt_process_details    ? 
_exptl.entry_id                   5AZY 
_exptl.crystals_number            ? 
_exptl.details                    ? 
_exptl.method                     'X-RAY DIFFRACTION' 
_exptl.method_details             ? 
# 
_exptl_crystal.colour                      ? 
_exptl_crystal.density_diffrn              ? 
_exptl_crystal.density_Matthews            2.37 
_exptl_crystal.density_method              ? 
_exptl_crystal.density_percent_sol         48.16 
_exptl_crystal.description                 ? 
_exptl_crystal.F_000                       ? 
_exptl_crystal.id                          1 
_exptl_crystal.preparation                 ? 
_exptl_crystal.size_max                    ? 
_exptl_crystal.size_mid                    ? 
_exptl_crystal.size_min                    ? 
_exptl_crystal.size_rad                    ? 
_exptl_crystal.colour_lustre               ? 
_exptl_crystal.colour_modifier             ? 
_exptl_crystal.colour_primary              ? 
_exptl_crystal.density_meas                ? 
_exptl_crystal.density_meas_esd            ? 
_exptl_crystal.density_meas_gt             ? 
_exptl_crystal.density_meas_lt             ? 
_exptl_crystal.density_meas_temp           ? 
_exptl_crystal.density_meas_temp_esd       ? 
_exptl_crystal.density_meas_temp_gt        ? 
_exptl_crystal.density_meas_temp_lt        ? 
_exptl_crystal.pdbx_crystal_image_url      ? 
_exptl_crystal.pdbx_crystal_image_format   ? 
_exptl_crystal.pdbx_mosaicity              ? 
_exptl_crystal.pdbx_mosaicity_esd          ? 
# 
_exptl_crystal_grow.apparatus       ? 
_exptl_crystal_grow.atmosphere      ? 
_exptl_crystal_grow.crystal_id      1 
_exptl_crystal_grow.details         ? 
_exptl_crystal_grow.method          'VAPOR DIFFUSION, HANGING DROP' 
_exptl_crystal_grow.method_ref      ? 
_exptl_crystal_grow.pH              ? 
_exptl_crystal_grow.pressure        ? 
_exptl_crystal_grow.pressure_esd    ? 
_exptl_crystal_grow.seeding         ? 
_exptl_crystal_grow.seeding_ref     ? 
_exptl_crystal_grow.temp            293 
_exptl_crystal_grow.temp_details    ? 
_exptl_crystal_grow.temp_esd        ? 
_exptl_crystal_grow.time            ? 
_exptl_crystal_grow.pdbx_details    '1.8 M ammonium citrate (pH 7.0)' 
_exptl_crystal_grow.pdbx_pH_range   ? 
# 
_diffrn.ambient_environment    ? 
_diffrn.ambient_temp           95 
_diffrn.ambient_temp_details   ? 
_diffrn.ambient_temp_esd       ? 
_diffrn.crystal_id             1 
_diffrn.crystal_support        ? 
_diffrn.crystal_treatment      ? 
_diffrn.details                ? 
_diffrn.id                     1 
_diffrn.ambient_pressure       ? 
_diffrn.ambient_pressure_esd   ? 
_diffrn.ambient_pressure_gt    ? 
_diffrn.ambient_pressure_lt    ? 
_diffrn.ambient_temp_gt        ? 
_diffrn.ambient_temp_lt        ? 
# 
_diffrn_detector.details                      ? 
_diffrn_detector.detector                     CCD 
_diffrn_detector.diffrn_id                    1 
_diffrn_detector.type                         'RAYONIX MX225HE' 
_diffrn_detector.area_resol_mean              ? 
_diffrn_detector.dtime                        ? 
_diffrn_detector.pdbx_frames_total            ? 
_diffrn_detector.pdbx_collection_time_total   ? 
_diffrn_detector.pdbx_collection_date         2011-11-16 
# 
_diffrn_radiation.collimation                      ? 
_diffrn_radiation.diffrn_id                        1 
_diffrn_radiation.filter_edge                      ? 
_diffrn_radiation.inhomogeneity                    ? 
_diffrn_radiation.monochromator                    ? 
_diffrn_radiation.polarisn_norm                    ? 
_diffrn_radiation.polarisn_ratio                   ? 
_diffrn_radiation.probe                            ? 
_diffrn_radiation.type                             ? 
_diffrn_radiation.xray_symbol                      ? 
_diffrn_radiation.wavelength_id                    1 
_diffrn_radiation.pdbx_monochromatic_or_laue_m_l   M 
_diffrn_radiation.pdbx_wavelength_list             ? 
_diffrn_radiation.pdbx_wavelength                  ? 
_diffrn_radiation.pdbx_diffrn_protocol             'SINGLE WAVELENGTH' 
_diffrn_radiation.pdbx_analyzer                    ? 
_diffrn_radiation.pdbx_scattering_type             x-ray 
# 
_diffrn_radiation_wavelength.id           1 
_diffrn_radiation_wavelength.wavelength   1 
_diffrn_radiation_wavelength.wt           1.0 
# 
_diffrn_source.current                     ? 
_diffrn_source.details                     ? 
_diffrn_source.diffrn_id                   1 
_diffrn_source.power                       ? 
_diffrn_source.size                        ? 
_diffrn_source.source                      SYNCHROTRON 
_diffrn_source.target                      ? 
_diffrn_source.type                        'SPRING-8 BEAMLINE BL32XU' 
_diffrn_source.voltage                     ? 
_diffrn_source.take-off_angle              ? 
_diffrn_source.pdbx_wavelength_list        1 
_diffrn_source.pdbx_wavelength             ? 
_diffrn_source.pdbx_synchrotron_beamline   BL32XU 
_diffrn_source.pdbx_synchrotron_site       SPring-8 
# 
_reflns.B_iso_Wilson_estimate            ? 
_reflns.entry_id                         5AZY 
_reflns.data_reduction_details           ? 
_reflns.data_reduction_method            ? 
_reflns.d_resolution_high                1.8 
_reflns.d_resolution_low                 100 
_reflns.details                          ? 
_reflns.limit_h_max                      ? 
_reflns.limit_h_min                      ? 
_reflns.limit_k_max                      ? 
_reflns.limit_k_min                      ? 
_reflns.limit_l_max                      ? 
_reflns.limit_l_min                      ? 
_reflns.number_all                       ? 
_reflns.number_obs                       20574 
_reflns.observed_criterion               ? 
_reflns.observed_criterion_F_max         ? 
_reflns.observed_criterion_F_min         ? 
_reflns.observed_criterion_I_max         ? 
_reflns.observed_criterion_I_min         ? 
_reflns.observed_criterion_sigma_F       ? 
_reflns.observed_criterion_sigma_I       ? 
_reflns.percent_possible_obs             98 
_reflns.R_free_details                   ? 
_reflns.Rmerge_F_all                     ? 
_reflns.Rmerge_F_obs                     ? 
_reflns.Friedel_coverage                 ? 
_reflns.number_gt                        ? 
_reflns.threshold_expression             ? 
_reflns.pdbx_redundancy                  7.1 
_reflns.pdbx_Rmerge_I_obs                ? 
_reflns.pdbx_Rmerge_I_all                ? 
_reflns.pdbx_Rsym_value                  0.067 
_reflns.pdbx_netI_over_av_sigmaI         ? 
_reflns.pdbx_netI_over_sigmaI            56.7 
_reflns.pdbx_res_netI_over_av_sigmaI_2   ? 
_reflns.pdbx_res_netI_over_sigmaI_2      ? 
_reflns.pdbx_chi_squared                 ? 
_reflns.pdbx_scaling_rejects             ? 
_reflns.pdbx_d_res_high_opt              ? 
_reflns.pdbx_d_res_low_opt               ? 
_reflns.pdbx_d_res_opt_method            ? 
_reflns.phase_calculation_details        ? 
_reflns.pdbx_Rrim_I_all                  ? 
_reflns.pdbx_Rpim_I_all                  ? 
_reflns.pdbx_d_opt                       ? 
_reflns.pdbx_number_measured_all         ? 
_reflns.pdbx_diffrn_id                   1 
_reflns.pdbx_ordinal                     1 
_reflns.pdbx_CC_half                     ? 
_reflns.pdbx_R_split                     ? 
# 
_reflns_shell.d_res_high                  1.8 
_reflns_shell.d_res_low                   1.83 
_reflns_shell.meanI_over_sigI_all         ? 
_reflns_shell.meanI_over_sigI_obs         4.6 
_reflns_shell.number_measured_all         ? 
_reflns_shell.number_measured_obs         ? 
_reflns_shell.number_possible             ? 
_reflns_shell.number_unique_all           ? 
_reflns_shell.number_unique_obs           ? 
_reflns_shell.percent_possible_all        100 
_reflns_shell.percent_possible_obs        ? 
_reflns_shell.Rmerge_F_all                ? 
_reflns_shell.Rmerge_F_obs                ? 
_reflns_shell.Rmerge_I_all                ? 
_reflns_shell.Rmerge_I_obs                0.563 
_reflns_shell.meanI_over_sigI_gt          ? 
_reflns_shell.meanI_over_uI_all           ? 
_reflns_shell.meanI_over_uI_gt            ? 
_reflns_shell.number_measured_gt          ? 
_reflns_shell.number_unique_gt            ? 
_reflns_shell.percent_possible_gt         ? 
_reflns_shell.Rmerge_F_gt                 ? 
_reflns_shell.Rmerge_I_gt                 ? 
_reflns_shell.pdbx_redundancy             7.2 
_reflns_shell.pdbx_Rsym_value             ? 
_reflns_shell.pdbx_chi_squared            ? 
_reflns_shell.pdbx_netI_over_sigmaI_all   ? 
_reflns_shell.pdbx_netI_over_sigmaI_obs   ? 
_reflns_shell.pdbx_Rrim_I_all             ? 
_reflns_shell.pdbx_Rpim_I_all             ? 
_reflns_shell.pdbx_rejects                ? 
_reflns_shell.pdbx_ordinal                1 
_reflns_shell.pdbx_diffrn_id              1 
_reflns_shell.pdbx_CC_half                ? 
_reflns_shell.pdbx_R_split                ? 
# 
_refine.aniso_B[1][1]                            ? 
_refine.aniso_B[1][2]                            ? 
_refine.aniso_B[1][3]                            ? 
_refine.aniso_B[2][2]                            ? 
_refine.aniso_B[2][3]                            ? 
_refine.aniso_B[3][3]                            ? 
_refine.B_iso_max                                ? 
_refine.B_iso_mean                               ? 
_refine.B_iso_min                                ? 
_refine.correlation_coeff_Fo_to_Fc               ? 
_refine.correlation_coeff_Fo_to_Fc_free          ? 
_refine.details                                  ? 
_refine.diff_density_max                         ? 
_refine.diff_density_max_esd                     ? 
_refine.diff_density_min                         ? 
_refine.diff_density_min_esd                     ? 
_refine.diff_density_rms                         ? 
_refine.diff_density_rms_esd                     ? 
_refine.entry_id                                 5AZY 
_refine.pdbx_refine_id                           'X-RAY DIFFRACTION' 
_refine.ls_abs_structure_details                 ? 
_refine.ls_abs_structure_Flack                   ? 
_refine.ls_abs_structure_Flack_esd               ? 
_refine.ls_abs_structure_Rogers                  ? 
_refine.ls_abs_structure_Rogers_esd              ? 
_refine.ls_d_res_high                            1.800 
_refine.ls_d_res_low                             33.471 
_refine.ls_extinction_coef                       ? 
_refine.ls_extinction_coef_esd                   ? 
_refine.ls_extinction_expression                 ? 
_refine.ls_extinction_method                     ? 
_refine.ls_goodness_of_fit_all                   ? 
_refine.ls_goodness_of_fit_all_esd               ? 
_refine.ls_goodness_of_fit_obs                   ? 
_refine.ls_goodness_of_fit_obs_esd               ? 
_refine.ls_hydrogen_treatment                    ? 
_refine.ls_matrix_type                           ? 
_refine.ls_number_constraints                    ? 
_refine.ls_number_parameters                     ? 
_refine.ls_number_reflns_all                     ? 
_refine.ls_number_reflns_obs                     20217 
_refine.ls_number_reflns_R_free                  1044 
_refine.ls_number_reflns_R_work                  ? 
_refine.ls_number_restraints                     ? 
_refine.ls_percent_reflns_obs                    97.87 
_refine.ls_percent_reflns_R_free                 5.16 
_refine.ls_R_factor_all                          ? 
_refine.ls_R_factor_obs                          0.2354 
_refine.ls_R_factor_R_free                       0.2805 
_refine.ls_R_factor_R_free_error                 ? 
_refine.ls_R_factor_R_free_error_details         ? 
_refine.ls_R_factor_R_work                       0.2329 
_refine.ls_R_Fsqd_factor_obs                     ? 
_refine.ls_R_I_factor_obs                        ? 
_refine.ls_redundancy_reflns_all                 ? 
_refine.ls_redundancy_reflns_obs                 ? 
_refine.ls_restrained_S_all                      ? 
_refine.ls_restrained_S_obs                      ? 
_refine.ls_shift_over_esd_max                    ? 
_refine.ls_shift_over_esd_mean                   ? 
_refine.ls_structure_factor_coef                 ? 
_refine.ls_weighting_details                     ? 
_refine.ls_weighting_scheme                      ? 
_refine.ls_wR_factor_all                         ? 
_refine.ls_wR_factor_obs                         ? 
_refine.ls_wR_factor_R_free                      ? 
_refine.ls_wR_factor_R_work                      ? 
_refine.occupancy_max                            ? 
_refine.occupancy_min                            ? 
_refine.solvent_model_details                    'FLAT BULK SOLVENT MODEL' 
_refine.solvent_model_param_bsol                 ? 
_refine.solvent_model_param_ksol                 ? 
_refine.ls_R_factor_gt                           ? 
_refine.ls_goodness_of_fit_gt                    ? 
_refine.ls_goodness_of_fit_ref                   ? 
_refine.ls_shift_over_su_max                     ? 
_refine.ls_shift_over_su_max_lt                  ? 
_refine.ls_shift_over_su_mean                    ? 
_refine.ls_shift_over_su_mean_lt                 ? 
_refine.pdbx_ls_sigma_I                          ? 
_refine.pdbx_ls_sigma_F                          1.34 
_refine.pdbx_ls_sigma_Fsqd                       ? 
_refine.pdbx_data_cutoff_high_absF               ? 
_refine.pdbx_data_cutoff_high_rms_absF           ? 
_refine.pdbx_data_cutoff_low_absF                ? 
_refine.pdbx_isotropic_thermal_model             ? 
_refine.pdbx_ls_cross_valid_method               'FREE R-VALUE' 
_refine.pdbx_method_to_determine_struct          'MOLECULAR REPLACEMENT' 
_refine.pdbx_starting_model                      5AZX 
_refine.pdbx_stereochemistry_target_values       ML 
_refine.pdbx_R_Free_selection_details            'Random selection' 
_refine.pdbx_stereochem_target_val_spec_case     ? 
_refine.pdbx_overall_ESU_R                       ? 
_refine.pdbx_overall_ESU_R_Free                  ? 
_refine.pdbx_solvent_vdw_probe_radii             1.11 
_refine.pdbx_solvent_ion_probe_radii             ? 
_refine.pdbx_solvent_shrinkage_radii             0.90 
_refine.pdbx_real_space_R                        ? 
_refine.pdbx_density_correlation                 ? 
_refine.pdbx_pd_number_of_powder_patterns        ? 
_refine.pdbx_pd_number_of_points                 ? 
_refine.pdbx_pd_meas_number_of_points            ? 
_refine.pdbx_pd_proc_ls_prof_R_factor            ? 
_refine.pdbx_pd_proc_ls_prof_wR_factor           ? 
_refine.pdbx_pd_Marquardt_correlation_coeff      ? 
_refine.pdbx_pd_Fsqrd_R_factor                   ? 
_refine.pdbx_pd_ls_matrix_band_width             ? 
_refine.pdbx_overall_phase_error                 26.58 
_refine.pdbx_overall_SU_R_free_Cruickshank_DPI   ? 
_refine.pdbx_overall_SU_R_free_Blow_DPI          ? 
_refine.pdbx_overall_SU_R_Blow_DPI               ? 
_refine.pdbx_TLS_residual_ADP_flag               ? 
_refine.pdbx_diffrn_id                           1 
_refine.overall_SU_B                             ? 
_refine.overall_SU_ML                            0.16 
_refine.overall_SU_R_Cruickshank_DPI             ? 
_refine.overall_SU_R_free                        ? 
_refine.overall_FOM_free_R_set                   ? 
_refine.overall_FOM_work_R_set                   ? 
_refine.pdbx_average_fsc_overall                 ? 
_refine.pdbx_average_fsc_work                    ? 
_refine.pdbx_average_fsc_free                    ? 
# 
_refine_hist.pdbx_refine_id                   'X-RAY DIFFRACTION' 
_refine_hist.cycle_id                         LAST 
_refine_hist.pdbx_number_atoms_protein        1499 
_refine_hist.pdbx_number_atoms_nucleic_acid   0 
_refine_hist.pdbx_number_atoms_ligand         14 
_refine_hist.number_atoms_solvent             31 
_refine_hist.number_atoms_total               1544 
_refine_hist.d_res_high                       1.800 
_refine_hist.d_res_low                        33.471 
# 
loop_
_refine_ls_restr.pdbx_refine_id 
_refine_ls_restr.criterion 
_refine_ls_restr.dev_ideal 
_refine_ls_restr.dev_ideal_target 
_refine_ls_restr.number 
_refine_ls_restr.rejects 
_refine_ls_restr.type 
_refine_ls_restr.weight 
_refine_ls_restr.pdbx_restraint_function 
'X-RAY DIFFRACTION' ? 0.006  ? 1545 ? f_bond_d           ? ? 
'X-RAY DIFFRACTION' ? 0.875  ? 2072 ? f_angle_d          ? ? 
'X-RAY DIFFRACTION' ? 13.714 ? 917  ? f_dihedral_angle_d ? ? 
'X-RAY DIFFRACTION' ? 0.061  ? 231  ? f_chiral_restr     ? ? 
'X-RAY DIFFRACTION' ? 0.004  ? 262  ? f_plane_restr      ? ? 
# 
loop_
_refine_ls_shell.pdbx_refine_id 
_refine_ls_shell.d_res_high 
_refine_ls_shell.d_res_low 
_refine_ls_shell.number_reflns_all 
_refine_ls_shell.number_reflns_obs 
_refine_ls_shell.number_reflns_R_free 
_refine_ls_shell.number_reflns_R_work 
_refine_ls_shell.percent_reflns_obs 
_refine_ls_shell.percent_reflns_R_free 
_refine_ls_shell.R_factor_all 
_refine_ls_shell.R_factor_obs 
_refine_ls_shell.R_factor_R_free 
_refine_ls_shell.R_factor_R_free_error 
_refine_ls_shell.R_factor_R_work 
_refine_ls_shell.redundancy_reflns_all 
_refine_ls_shell.redundancy_reflns_obs 
_refine_ls_shell.wR_factor_all 
_refine_ls_shell.wR_factor_obs 
_refine_ls_shell.wR_factor_R_free 
_refine_ls_shell.wR_factor_R_work 
_refine_ls_shell.pdbx_total_number_of_bins_used 
_refine_ls_shell.pdbx_phase_error 
_refine_ls_shell.pdbx_fsc_work 
_refine_ls_shell.pdbx_fsc_free 
'X-RAY DIFFRACTION' 1.8000 1.8949  . . 145 2740 100.00 . . . 0.2780 . 0.2461 . . . . . . . . . . 
'X-RAY DIFFRACTION' 1.8949 2.0136  . . 143 2736 100.00 . . . 0.2902 . 0.2249 . . . . . . . . . . 
'X-RAY DIFFRACTION' 2.0136 2.1691  . . 162 2744 100.00 . . . 0.2950 . 0.2190 . . . . . . . . . . 
'X-RAY DIFFRACTION' 2.1691 2.3873  . . 142 2785 100.00 . . . 0.2501 . 0.2349 . . . . . . . . . . 
'X-RAY DIFFRACTION' 2.3873 2.7326  . . 151 2781 100.00 . . . 0.2967 . 0.2487 . . . . . . . . . . 
'X-RAY DIFFRACTION' 2.7326 3.4423  . . 159 2831 100.00 . . . 0.2946 . 0.2387 . . . . . . . . . . 
'X-RAY DIFFRACTION' 3.4423 33.4769 . . 142 2556 87.00  . . . 0.2696 . 0.2259 . . . . . . . . . . 
# 
_struct.entry_id                     5AZY 
_struct.title                        'Crystal structure of p24delta1 GOLD domain (Native 2)' 
_struct.pdbx_model_details           ? 
_struct.pdbx_formula_weight          ? 
_struct.pdbx_formula_weight_method   ? 
_struct.pdbx_model_type_details      ? 
_struct.pdbx_CASP_flag               ? 
# 
_struct_keywords.entry_id        5AZY 
_struct_keywords.text            'Protein transport, GPI-anchored protein, p24 complex' 
_struct_keywords.pdbx_keywords   'PROTEIN TRANSPORT' 
# 
loop_
_struct_asym.id 
_struct_asym.pdbx_blank_PDB_chainid_flag 
_struct_asym.pdbx_modified 
_struct_asym.entity_id 
_struct_asym.details 
A N N 1 ? 
B N N 1 ? 
C N N 2 ? 
D N N 2 ? 
E N N 3 ? 
F N N 4 ? 
G N N 4 ? 
# 
_struct_ref.id                         1 
_struct_ref.db_name                    UNP 
_struct_ref.db_code                    TMEDA_RAT 
_struct_ref.pdbx_db_accession          Q63584 
_struct_ref.pdbx_db_isoform            ? 
_struct_ref.entity_id                  1 
_struct_ref.pdbx_seq_one_letter_code   
;ISFHLPVNSRKCLREEIHKDLLVTGAYEITDQSGGAGGLRTHLKITDSAGHILYAKEDATKGKFAFTTEDYDMFEVCFES
KGTGRIPDQLVILDMKHGVEA
;
_struct_ref.pdbx_align_begin           32 
# 
loop_
_struct_ref_seq.align_id 
_struct_ref_seq.ref_id 
_struct_ref_seq.pdbx_PDB_id_code 
_struct_ref_seq.pdbx_strand_id 
_struct_ref_seq.seq_align_beg 
_struct_ref_seq.pdbx_seq_align_beg_ins_code 
_struct_ref_seq.seq_align_end 
_struct_ref_seq.pdbx_seq_align_end_ins_code 
_struct_ref_seq.pdbx_db_accession 
_struct_ref_seq.db_align_beg 
_struct_ref_seq.pdbx_db_align_beg_ins_code 
_struct_ref_seq.db_align_end 
_struct_ref_seq.pdbx_db_align_end_ins_code 
_struct_ref_seq.pdbx_auth_seq_align_beg 
_struct_ref_seq.pdbx_auth_seq_align_end 
1 1 5AZY A 3 ? 103 ? Q63584 32 ? 132 ? 32 132 
2 1 5AZY B 3 ? 103 ? Q63584 32 ? 132 ? 32 132 
# 
loop_
_struct_ref_seq_dif.align_id 
_struct_ref_seq_dif.pdbx_pdb_id_code 
_struct_ref_seq_dif.mon_id 
_struct_ref_seq_dif.pdbx_pdb_strand_id 
_struct_ref_seq_dif.seq_num 
_struct_ref_seq_dif.pdbx_pdb_ins_code 
_struct_ref_seq_dif.pdbx_seq_db_name 
_struct_ref_seq_dif.pdbx_seq_db_accession_code 
_struct_ref_seq_dif.db_mon_id 
_struct_ref_seq_dif.pdbx_seq_db_seq_num 
_struct_ref_seq_dif.details 
_struct_ref_seq_dif.pdbx_auth_seq_num 
_struct_ref_seq_dif.pdbx_ordinal 
1 5AZY GLY A 1 ? UNP Q63584 ? ? 'expression tag' 30 1 
1 5AZY SER A 2 ? UNP Q63584 ? ? 'expression tag' 31 2 
2 5AZY GLY B 1 ? UNP Q63584 ? ? 'expression tag' 30 3 
2 5AZY SER B 2 ? UNP Q63584 ? ? 'expression tag' 31 4 
# 
loop_
_pdbx_struct_assembly.id 
_pdbx_struct_assembly.details 
_pdbx_struct_assembly.method_details 
_pdbx_struct_assembly.oligomeric_details 
_pdbx_struct_assembly.oligomeric_count 
1 author_defined_assembly   ?    monomeric 1 
2 author_defined_assembly   ?    monomeric 1 
3 software_defined_assembly PISA dimeric   2 
# 
loop_
_pdbx_struct_assembly_prop.biol_id 
_pdbx_struct_assembly_prop.type 
_pdbx_struct_assembly_prop.value 
_pdbx_struct_assembly_prop.details 
3 'ABSA (A^2)' 2460 ? 
3 MORE         -26  ? 
3 'SSA (A^2)'  9940 ? 
# 
loop_
_pdbx_struct_assembly_gen.assembly_id 
_pdbx_struct_assembly_gen.oper_expression 
_pdbx_struct_assembly_gen.asym_id_list 
1 1 A,C,D,E,F     
2 1 B,G           
3 1 A,B,C,D,E,F,G 
# 
_pdbx_struct_oper_list.id                   1 
_pdbx_struct_oper_list.type                 'identity operation' 
_pdbx_struct_oper_list.name                 1_555 
_pdbx_struct_oper_list.symmetry_operation   x,y,z 
_pdbx_struct_oper_list.matrix[1][1]         1.0000000000 
_pdbx_struct_oper_list.matrix[1][2]         0.0000000000 
_pdbx_struct_oper_list.matrix[1][3]         0.0000000000 
_pdbx_struct_oper_list.vector[1]            0.0000000000 
_pdbx_struct_oper_list.matrix[2][1]         0.0000000000 
_pdbx_struct_oper_list.matrix[2][2]         1.0000000000 
_pdbx_struct_oper_list.matrix[2][3]         0.0000000000 
_pdbx_struct_oper_list.vector[2]            0.0000000000 
_pdbx_struct_oper_list.matrix[3][1]         0.0000000000 
_pdbx_struct_oper_list.matrix[3][2]         0.0000000000 
_pdbx_struct_oper_list.matrix[3][3]         1.0000000000 
_pdbx_struct_oper_list.vector[3]            0.0000000000 
# 
loop_
_struct_conf.conf_type_id 
_struct_conf.id 
_struct_conf.pdbx_PDB_helix_id 
_struct_conf.beg_label_comp_id 
_struct_conf.beg_label_asym_id 
_struct_conf.beg_label_seq_id 
_struct_conf.pdbx_beg_PDB_ins_code 
_struct_conf.end_label_comp_id 
_struct_conf.end_label_asym_id 
_struct_conf.end_label_seq_id 
_struct_conf.pdbx_end_PDB_ins_code 
_struct_conf.beg_auth_comp_id 
_struct_conf.beg_auth_asym_id 
_struct_conf.beg_auth_seq_id 
_struct_conf.end_auth_comp_id 
_struct_conf.end_auth_asym_id 
_struct_conf.end_auth_seq_id 
_struct_conf.pdbx_PDB_helix_class 
_struct_conf.details 
_struct_conf.pdbx_PDB_helix_length 
HELX_P HELX_P1 AA1 GLY A 37 ? LEU A 41 ? GLY A 66 LEU A 70 5 ? 5 
HELX_P HELX_P2 AA2 GLY B 37 ? LEU B 41 ? GLY B 66 LEU B 70 5 ? 5 
# 
_struct_conf_type.id          HELX_P 
_struct_conf_type.criteria    ? 
_struct_conf_type.reference   ? 
# 
loop_
_struct_conn.id 
_struct_conn.conn_type_id 
_struct_conn.pdbx_leaving_atom_flag 
_struct_conn.pdbx_PDB_id 
_struct_conn.ptnr1_label_asym_id 
_struct_conn.ptnr1_label_comp_id 
_struct_conn.ptnr1_label_seq_id 
_struct_conn.ptnr1_label_atom_id 
_struct_conn.pdbx_ptnr1_label_alt_id 
_struct_conn.pdbx_ptnr1_PDB_ins_code 
_struct_conn.pdbx_ptnr1_standard_comp_id 
_struct_conn.ptnr1_symmetry 
_struct_conn.ptnr2_label_asym_id 
_struct_conn.ptnr2_label_comp_id 
_struct_conn.ptnr2_label_seq_id 
_struct_conn.ptnr2_label_atom_id 
_struct_conn.pdbx_ptnr2_label_alt_id 
_struct_conn.pdbx_ptnr2_PDB_ins_code 
_struct_conn.ptnr1_auth_asym_id 
_struct_conn.ptnr1_auth_comp_id 
_struct_conn.ptnr1_auth_seq_id 
_struct_conn.ptnr2_auth_asym_id 
_struct_conn.ptnr2_auth_comp_id 
_struct_conn.ptnr2_auth_seq_id 
_struct_conn.ptnr2_symmetry 
_struct_conn.pdbx_ptnr3_label_atom_id 
_struct_conn.pdbx_ptnr3_label_seq_id 
_struct_conn.pdbx_ptnr3_label_comp_id 
_struct_conn.pdbx_ptnr3_label_asym_id 
_struct_conn.pdbx_ptnr3_label_alt_id 
_struct_conn.pdbx_ptnr3_PDB_ins_code 
_struct_conn.details 
_struct_conn.pdbx_dist_value 
_struct_conn.pdbx_value_order 
_struct_conn.pdbx_role 
disulf1 disulf ? ? A CYS 14 SG ? ? ? 1_555 A CYS 79 SG ? ? A CYS 43 A CYS 108 1_555 ? ? ? ? ? ? ? 2.068 ? ? 
disulf2 disulf ? ? B CYS 14 SG ? ? ? 1_555 B CYS 79 SG ? ? B CYS 43 B CYS 108 1_555 ? ? ? ? ? ? ? 2.069 ? ? 
# 
_struct_conn_type.id          disulf 
_struct_conn_type.criteria    ? 
_struct_conn_type.reference   ? 
# 
loop_
_pdbx_modification_feature.ordinal 
_pdbx_modification_feature.label_comp_id 
_pdbx_modification_feature.label_asym_id 
_pdbx_modification_feature.label_seq_id 
_pdbx_modification_feature.label_alt_id 
_pdbx_modification_feature.modified_residue_label_comp_id 
_pdbx_modification_feature.modified_residue_label_asym_id 
_pdbx_modification_feature.modified_residue_label_seq_id 
_pdbx_modification_feature.modified_residue_label_alt_id 
_pdbx_modification_feature.auth_comp_id 
_pdbx_modification_feature.auth_asym_id 
_pdbx_modification_feature.auth_seq_id 
_pdbx_modification_feature.PDB_ins_code 
_pdbx_modification_feature.symmetry 
_pdbx_modification_feature.modified_residue_auth_comp_id 
_pdbx_modification_feature.modified_residue_auth_asym_id 
_pdbx_modification_feature.modified_residue_auth_seq_id 
_pdbx_modification_feature.modified_residue_PDB_ins_code 
_pdbx_modification_feature.modified_residue_symmetry 
_pdbx_modification_feature.comp_id_linking_atom 
_pdbx_modification_feature.modified_residue_id_linking_atom 
_pdbx_modification_feature.modified_residue_id 
_pdbx_modification_feature.ref_pcm_id 
_pdbx_modification_feature.ref_comp_id 
_pdbx_modification_feature.type 
_pdbx_modification_feature.category 
1 CYS A 14 ? CYS A 79 ? CYS A 43 ? 1_555 CYS A 108 ? 1_555 SG SG . . . None 'Disulfide bridge' 
2 CYS B 14 ? CYS B 79 ? CYS B 43 ? 1_555 CYS B 108 ? 1_555 SG SG . . . None 'Disulfide bridge' 
# 
loop_
_struct_sheet.id 
_struct_sheet.type 
_struct_sheet.number_strands 
_struct_sheet.details 
AA1 ? 8 ? 
AA2 ? 8 ? 
# 
loop_
_struct_sheet_order.sheet_id 
_struct_sheet_order.range_id_1 
_struct_sheet_order.range_id_2 
_struct_sheet_order.offset 
_struct_sheet_order.sense 
AA1 1 2 ? anti-parallel 
AA1 2 3 ? anti-parallel 
AA1 3 4 ? anti-parallel 
AA1 4 5 ? anti-parallel 
AA1 5 6 ? anti-parallel 
AA1 6 7 ? anti-parallel 
AA1 7 8 ? anti-parallel 
AA2 1 2 ? anti-parallel 
AA2 2 3 ? anti-parallel 
AA2 3 4 ? anti-parallel 
AA2 4 5 ? anti-parallel 
AA2 5 6 ? anti-parallel 
AA2 6 7 ? anti-parallel 
AA2 7 8 ? anti-parallel 
# 
loop_
_struct_sheet_range.sheet_id 
_struct_sheet_range.id 
_struct_sheet_range.beg_label_comp_id 
_struct_sheet_range.beg_label_asym_id 
_struct_sheet_range.beg_label_seq_id 
_struct_sheet_range.pdbx_beg_PDB_ins_code 
_struct_sheet_range.end_label_comp_id 
_struct_sheet_range.end_label_asym_id 
_struct_sheet_range.end_label_seq_id 
_struct_sheet_range.pdbx_end_PDB_ins_code 
_struct_sheet_range.beg_auth_comp_id 
_struct_sheet_range.beg_auth_asym_id 
_struct_sheet_range.beg_auth_seq_id 
_struct_sheet_range.end_auth_comp_id 
_struct_sheet_range.end_auth_asym_id 
_struct_sheet_range.end_auth_seq_id 
AA1 1 LYS A 63 ? THR A 69 ? LYS A 92  THR A 98  
AA1 2 LEU A 24 ? THR A 32 ? LEU A 53  THR A 61  
AA1 3 GLN A 91 ? HIS A 99 ? GLN A 120 HIS A 128 
AA1 4 SER A 2  ? LEU A 7  ? SER A 31  LEU A 36  
AA1 5 SER B 2  ? LEU B 7  ? SER B 31  LEU B 36  
AA1 6 GLN B 91 ? HIS B 99 ? GLN B 120 HIS B 128 
AA1 7 LEU B 24 ? THR B 32 ? LEU B 53  THR B 61  
AA1 8 LYS B 63 ? THR B 69 ? LYS B 92  THR B 98  
AA2 1 ILE A 54 ? LYS A 58 ? ILE A 83  LYS A 87  
AA2 2 ARG A 42 ? ASP A 49 ? ARG A 71  ASP A 78  
AA2 3 PHE A 76 ? LYS A 83 ? PHE A 105 LYS A 112 
AA2 4 ARG A 12 ? GLU A 18 ? ARG A 41  GLU A 47  
AA2 5 ARG B 12 ? GLU B 18 ? ARG B 41  GLU B 47  
AA2 6 MET B 75 ? LYS B 83 ? MET B 104 LYS B 112 
AA2 7 ARG B 42 ? ASP B 49 ? ARG B 71  ASP B 78  
AA2 8 ILE B 54 ? LYS B 58 ? ILE B 83  LYS B 87  
# 
loop_
_pdbx_struct_sheet_hbond.sheet_id 
_pdbx_struct_sheet_hbond.range_id_1 
_pdbx_struct_sheet_hbond.range_id_2 
_pdbx_struct_sheet_hbond.range_1_label_atom_id 
_pdbx_struct_sheet_hbond.range_1_label_comp_id 
_pdbx_struct_sheet_hbond.range_1_label_asym_id 
_pdbx_struct_sheet_hbond.range_1_label_seq_id 
_pdbx_struct_sheet_hbond.range_1_PDB_ins_code 
_pdbx_struct_sheet_hbond.range_1_auth_atom_id 
_pdbx_struct_sheet_hbond.range_1_auth_comp_id 
_pdbx_struct_sheet_hbond.range_1_auth_asym_id 
_pdbx_struct_sheet_hbond.range_1_auth_seq_id 
_pdbx_struct_sheet_hbond.range_2_label_atom_id 
_pdbx_struct_sheet_hbond.range_2_label_comp_id 
_pdbx_struct_sheet_hbond.range_2_label_asym_id 
_pdbx_struct_sheet_hbond.range_2_label_seq_id 
_pdbx_struct_sheet_hbond.range_2_PDB_ins_code 
_pdbx_struct_sheet_hbond.range_2_auth_atom_id 
_pdbx_struct_sheet_hbond.range_2_auth_comp_id 
_pdbx_struct_sheet_hbond.range_2_auth_asym_id 
_pdbx_struct_sheet_hbond.range_2_auth_seq_id 
AA1 1 2 O PHE A 68 ? O PHE A 97  N VAL A 25 ? N VAL A 54  
AA1 2 3 N THR A 32 ? N THR A 61  O LEU A 92 ? O LEU A 121 
AA1 3 4 O VAL A 93 ? O VAL A 122 N PHE A 5  ? N PHE A 34  
AA1 4 5 N SER A 4  ? N SER A 33  O SER B 2  ? O SER B 31  
AA1 5 6 N PHE B 5  ? N PHE B 34  O VAL B 93 ? O VAL B 122 
AA1 6 7 O LEU B 92 ? O LEU B 121 N THR B 32 ? N THR B 61  
AA1 7 8 N VAL B 25 ? N VAL B 54  O PHE B 68 ? O PHE B 97  
AA2 1 2 O TYR A 56 ? O TYR A 85  N ILE A 47 ? N ILE A 76  
AA2 2 3 N HIS A 44 ? N HIS A 73  O GLU A 81 ? O GLU A 110 
AA2 3 4 O VAL A 78 ? O VAL A 107 N LEU A 15 ? N LEU A 44  
AA2 4 5 N ARG A 16 ? N ARG A 45  O CYS B 14 ? O CYS B 43  
AA2 5 6 N LEU B 15 ? N LEU B 44  O VAL B 78 ? O VAL B 107 
AA2 6 7 O GLU B 81 ? O GLU B 110 N HIS B 44 ? N HIS B 73  
AA2 7 8 N ILE B 47 ? N ILE B 76  O TYR B 56 ? O TYR B 85  
# 
loop_
_struct_site.id 
_struct_site.pdbx_evidence_code 
_struct_site.pdbx_auth_asym_id 
_struct_site.pdbx_auth_comp_id 
_struct_site.pdbx_auth_seq_id 
_struct_site.pdbx_auth_ins_code 
_struct_site.pdbx_num_residues 
_struct_site.details 
AC1 Software A SO4 201 ? 6 'binding site for residue SO4 A 201' 
AC2 Software A SO4 202 ? 3 'binding site for residue SO4 A 202' 
AC3 Software A EDO 203 ? 4 'binding site for residue EDO A 203' 
# 
loop_
_struct_site_gen.id 
_struct_site_gen.site_id 
_struct_site_gen.pdbx_num_res 
_struct_site_gen.label_comp_id 
_struct_site_gen.label_asym_id 
_struct_site_gen.label_seq_id 
_struct_site_gen.pdbx_auth_ins_code 
_struct_site_gen.auth_comp_id 
_struct_site_gen.auth_asym_id 
_struct_site_gen.auth_seq_id 
_struct_site_gen.label_atom_id 
_struct_site_gen.label_alt_id 
_struct_site_gen.symmetry 
_struct_site_gen.details 
1  AC1 6 GLY A 1  ? GLY A 30  . ? 1_555 ? 
2  AC1 6 MET A 97 ? MET A 126 . ? 1_555 ? 
3  AC1 6 HIS A 99 ? HIS A 128 . ? 1_555 ? 
4  AC1 6 PHE B 5  ? PHE B 34  . ? 1_555 ? 
5  AC1 6 HIS B 6  ? HIS B 35  . ? 1_555 ? 
6  AC1 6 LYS B 13 ? LYS B 42  . ? 1_555 ? 
7  AC2 3 ARG A 42 ? ARG A 71  . ? 1_555 ? 
8  AC2 3 HIS A 44 ? HIS A 73  . ? 1_555 ? 
9  AC2 3 LYS A 83 ? LYS A 112 . ? 1_555 ? 
10 AC3 4 HIS A 6  ? HIS A 35  . ? 1_555 ? 
11 AC3 4 LYS A 13 ? LYS A 42  . ? 1_555 ? 
12 AC3 4 GLY B 1  ? GLY B 30  . ? 1_555 ? 
13 AC3 4 HIS B 99 ? HIS B 128 . ? 1_555 ? 
# 
_pdbx_entry_details.entry_id                   5AZY 
_pdbx_entry_details.compound_details           ? 
_pdbx_entry_details.source_details             ? 
_pdbx_entry_details.nonpolymer_details         ? 
_pdbx_entry_details.sequence_details           ? 
_pdbx_entry_details.has_ligand_of_interest     ? 
_pdbx_entry_details.has_protein_modification   Y 
# 
_pdbx_validate_close_contact.id               1 
_pdbx_validate_close_contact.PDB_model_num    1 
_pdbx_validate_close_contact.auth_atom_id_1   OE1 
_pdbx_validate_close_contact.auth_asym_id_1   A 
_pdbx_validate_close_contact.auth_comp_id_1   GLN 
_pdbx_validate_close_contact.auth_seq_id_1    63 
_pdbx_validate_close_contact.PDB_ins_code_1   ? 
_pdbx_validate_close_contact.label_alt_id_1   ? 
_pdbx_validate_close_contact.auth_atom_id_2   O 
_pdbx_validate_close_contact.auth_asym_id_2   A 
_pdbx_validate_close_contact.auth_comp_id_2   HOH 
_pdbx_validate_close_contact.auth_seq_id_2    301 
_pdbx_validate_close_contact.PDB_ins_code_2   ? 
_pdbx_validate_close_contact.label_alt_id_2   ? 
_pdbx_validate_close_contact.dist             1.89 
# 
_pdbx_validate_symm_contact.id                1 
_pdbx_validate_symm_contact.PDB_model_num     1 
_pdbx_validate_symm_contact.auth_atom_id_1    N 
_pdbx_validate_symm_contact.auth_asym_id_1    B 
_pdbx_validate_symm_contact.auth_comp_id_1    ASP 
_pdbx_validate_symm_contact.auth_seq_id_1     62 
_pdbx_validate_symm_contact.PDB_ins_code_1    ? 
_pdbx_validate_symm_contact.label_alt_id_1    ? 
_pdbx_validate_symm_contact.site_symmetry_1   1_555 
_pdbx_validate_symm_contact.auth_atom_id_2    O 
_pdbx_validate_symm_contact.auth_asym_id_2    A 
_pdbx_validate_symm_contact.auth_comp_id_2    HOH 
_pdbx_validate_symm_contact.auth_seq_id_2     301 
_pdbx_validate_symm_contact.PDB_ins_code_2    ? 
_pdbx_validate_symm_contact.label_alt_id_2    ? 
_pdbx_validate_symm_contact.site_symmetry_2   2_545 
_pdbx_validate_symm_contact.dist              2.09 
# 
loop_
_pdbx_validate_torsion.id 
_pdbx_validate_torsion.PDB_model_num 
_pdbx_validate_torsion.auth_comp_id 
_pdbx_validate_torsion.auth_asym_id 
_pdbx_validate_torsion.auth_seq_id 
_pdbx_validate_torsion.PDB_ins_code 
_pdbx_validate_torsion.label_alt_id 
_pdbx_validate_torsion.phi 
_pdbx_validate_torsion.psi 
1 1 THR A 91 ? ? -131.73 -76.63 
2 1 TYR B 85 ? ? -172.11 135.28 
3 1 THR B 91 ? ? -129.82 -74.96 
# 
loop_
_pdbx_unobs_or_zero_occ_residues.id 
_pdbx_unobs_or_zero_occ_residues.PDB_model_num 
_pdbx_unobs_or_zero_occ_residues.polymer_flag 
_pdbx_unobs_or_zero_occ_residues.occupancy_flag 
_pdbx_unobs_or_zero_occ_residues.auth_asym_id 
_pdbx_unobs_or_zero_occ_residues.auth_comp_id 
_pdbx_unobs_or_zero_occ_residues.auth_seq_id 
_pdbx_unobs_or_zero_occ_residues.PDB_ins_code 
_pdbx_unobs_or_zero_occ_residues.label_asym_id 
_pdbx_unobs_or_zero_occ_residues.label_comp_id 
_pdbx_unobs_or_zero_occ_residues.label_seq_id 
1  1 Y 1 A GLU 100 ? A GLU 71  
2  1 Y 1 A ASP 101 ? A ASP 72  
3  1 Y 1 A TYR 102 ? A TYR 73  
4  1 Y 1 A VAL 130 ? A VAL 101 
5  1 Y 1 A GLU 131 ? A GLU 102 
6  1 Y 1 A ALA 132 ? A ALA 103 
7  1 Y 1 B ASP 101 ? B ASP 72  
8  1 Y 1 B TYR 102 ? B TYR 73  
9  1 Y 1 B VAL 130 ? B VAL 101 
10 1 Y 1 B GLU 131 ? B GLU 102 
11 1 Y 1 B ALA 132 ? B ALA 103 
# 
loop_
_chem_comp_atom.comp_id 
_chem_comp_atom.atom_id 
_chem_comp_atom.type_symbol 
_chem_comp_atom.pdbx_aromatic_flag 
_chem_comp_atom.pdbx_stereo_config 
_chem_comp_atom.pdbx_ordinal 
ALA N    N N N 1   
ALA CA   C N S 2   
ALA C    C N N 3   
ALA O    O N N 4   
ALA CB   C N N 5   
ALA OXT  O N N 6   
ALA H    H N N 7   
ALA H2   H N N 8   
ALA HA   H N N 9   
ALA HB1  H N N 10  
ALA HB2  H N N 11  
ALA HB3  H N N 12  
ALA HXT  H N N 13  
ARG N    N N N 14  
ARG CA   C N S 15  
ARG C    C N N 16  
ARG O    O N N 17  
ARG CB   C N N 18  
ARG CG   C N N 19  
ARG CD   C N N 20  
ARG NE   N N N 21  
ARG CZ   C N N 22  
ARG NH1  N N N 23  
ARG NH2  N N N 24  
ARG OXT  O N N 25  
ARG H    H N N 26  
ARG H2   H N N 27  
ARG HA   H N N 28  
ARG HB2  H N N 29  
ARG HB3  H N N 30  
ARG HG2  H N N 31  
ARG HG3  H N N 32  
ARG HD2  H N N 33  
ARG HD3  H N N 34  
ARG HE   H N N 35  
ARG HH11 H N N 36  
ARG HH12 H N N 37  
ARG HH21 H N N 38  
ARG HH22 H N N 39  
ARG HXT  H N N 40  
ASN N    N N N 41  
ASN CA   C N S 42  
ASN C    C N N 43  
ASN O    O N N 44  
ASN CB   C N N 45  
ASN CG   C N N 46  
ASN OD1  O N N 47  
ASN ND2  N N N 48  
ASN OXT  O N N 49  
ASN H    H N N 50  
ASN H2   H N N 51  
ASN HA   H N N 52  
ASN HB2  H N N 53  
ASN HB3  H N N 54  
ASN HD21 H N N 55  
ASN HD22 H N N 56  
ASN HXT  H N N 57  
ASP N    N N N 58  
ASP CA   C N S 59  
ASP C    C N N 60  
ASP O    O N N 61  
ASP CB   C N N 62  
ASP CG   C N N 63  
ASP OD1  O N N 64  
ASP OD2  O N N 65  
ASP OXT  O N N 66  
ASP H    H N N 67  
ASP H2   H N N 68  
ASP HA   H N N 69  
ASP HB2  H N N 70  
ASP HB3  H N N 71  
ASP HD2  H N N 72  
ASP HXT  H N N 73  
CYS N    N N N 74  
CYS CA   C N R 75  
CYS C    C N N 76  
CYS O    O N N 77  
CYS CB   C N N 78  
CYS SG   S N N 79  
CYS OXT  O N N 80  
CYS H    H N N 81  
CYS H2   H N N 82  
CYS HA   H N N 83  
CYS HB2  H N N 84  
CYS HB3  H N N 85  
CYS HG   H N N 86  
CYS HXT  H N N 87  
EDO C1   C N N 88  
EDO O1   O N N 89  
EDO C2   C N N 90  
EDO O2   O N N 91  
EDO H11  H N N 92  
EDO H12  H N N 93  
EDO HO1  H N N 94  
EDO H21  H N N 95  
EDO H22  H N N 96  
EDO HO2  H N N 97  
GLN N    N N N 98  
GLN CA   C N S 99  
GLN C    C N N 100 
GLN O    O N N 101 
GLN CB   C N N 102 
GLN CG   C N N 103 
GLN CD   C N N 104 
GLN OE1  O N N 105 
GLN NE2  N N N 106 
GLN OXT  O N N 107 
GLN H    H N N 108 
GLN H2   H N N 109 
GLN HA   H N N 110 
GLN HB2  H N N 111 
GLN HB3  H N N 112 
GLN HG2  H N N 113 
GLN HG3  H N N 114 
GLN HE21 H N N 115 
GLN HE22 H N N 116 
GLN HXT  H N N 117 
GLU N    N N N 118 
GLU CA   C N S 119 
GLU C    C N N 120 
GLU O    O N N 121 
GLU CB   C N N 122 
GLU CG   C N N 123 
GLU CD   C N N 124 
GLU OE1  O N N 125 
GLU OE2  O N N 126 
GLU OXT  O N N 127 
GLU H    H N N 128 
GLU H2   H N N 129 
GLU HA   H N N 130 
GLU HB2  H N N 131 
GLU HB3  H N N 132 
GLU HG2  H N N 133 
GLU HG3  H N N 134 
GLU HE2  H N N 135 
GLU HXT  H N N 136 
GLY N    N N N 137 
GLY CA   C N N 138 
GLY C    C N N 139 
GLY O    O N N 140 
GLY OXT  O N N 141 
GLY H    H N N 142 
GLY H2   H N N 143 
GLY HA2  H N N 144 
GLY HA3  H N N 145 
GLY HXT  H N N 146 
HIS N    N N N 147 
HIS CA   C N S 148 
HIS C    C N N 149 
HIS O    O N N 150 
HIS CB   C N N 151 
HIS CG   C Y N 152 
HIS ND1  N Y N 153 
HIS CD2  C Y N 154 
HIS CE1  C Y N 155 
HIS NE2  N Y N 156 
HIS OXT  O N N 157 
HIS H    H N N 158 
HIS H2   H N N 159 
HIS HA   H N N 160 
HIS HB2  H N N 161 
HIS HB3  H N N 162 
HIS HD1  H N N 163 
HIS HD2  H N N 164 
HIS HE1  H N N 165 
HIS HE2  H N N 166 
HIS HXT  H N N 167 
HOH O    O N N 168 
HOH H1   H N N 169 
HOH H2   H N N 170 
ILE N    N N N 171 
ILE CA   C N S 172 
ILE C    C N N 173 
ILE O    O N N 174 
ILE CB   C N S 175 
ILE CG1  C N N 176 
ILE CG2  C N N 177 
ILE CD1  C N N 178 
ILE OXT  O N N 179 
ILE H    H N N 180 
ILE H2   H N N 181 
ILE HA   H N N 182 
ILE HB   H N N 183 
ILE HG12 H N N 184 
ILE HG13 H N N 185 
ILE HG21 H N N 186 
ILE HG22 H N N 187 
ILE HG23 H N N 188 
ILE HD11 H N N 189 
ILE HD12 H N N 190 
ILE HD13 H N N 191 
ILE HXT  H N N 192 
LEU N    N N N 193 
LEU CA   C N S 194 
LEU C    C N N 195 
LEU O    O N N 196 
LEU CB   C N N 197 
LEU CG   C N N 198 
LEU CD1  C N N 199 
LEU CD2  C N N 200 
LEU OXT  O N N 201 
LEU H    H N N 202 
LEU H2   H N N 203 
LEU HA   H N N 204 
LEU HB2  H N N 205 
LEU HB3  H N N 206 
LEU HG   H N N 207 
LEU HD11 H N N 208 
LEU HD12 H N N 209 
LEU HD13 H N N 210 
LEU HD21 H N N 211 
LEU HD22 H N N 212 
LEU HD23 H N N 213 
LEU HXT  H N N 214 
LYS N    N N N 215 
LYS CA   C N S 216 
LYS C    C N N 217 
LYS O    O N N 218 
LYS CB   C N N 219 
LYS CG   C N N 220 
LYS CD   C N N 221 
LYS CE   C N N 222 
LYS NZ   N N N 223 
LYS OXT  O N N 224 
LYS H    H N N 225 
LYS H2   H N N 226 
LYS HA   H N N 227 
LYS HB2  H N N 228 
LYS HB3  H N N 229 
LYS HG2  H N N 230 
LYS HG3  H N N 231 
LYS HD2  H N N 232 
LYS HD3  H N N 233 
LYS HE2  H N N 234 
LYS HE3  H N N 235 
LYS HZ1  H N N 236 
LYS HZ2  H N N 237 
LYS HZ3  H N N 238 
LYS HXT  H N N 239 
MET N    N N N 240 
MET CA   C N S 241 
MET C    C N N 242 
MET O    O N N 243 
MET CB   C N N 244 
MET CG   C N N 245 
MET SD   S N N 246 
MET CE   C N N 247 
MET OXT  O N N 248 
MET H    H N N 249 
MET H2   H N N 250 
MET HA   H N N 251 
MET HB2  H N N 252 
MET HB3  H N N 253 
MET HG2  H N N 254 
MET HG3  H N N 255 
MET HE1  H N N 256 
MET HE2  H N N 257 
MET HE3  H N N 258 
MET HXT  H N N 259 
PHE N    N N N 260 
PHE CA   C N S 261 
PHE C    C N N 262 
PHE O    O N N 263 
PHE CB   C N N 264 
PHE CG   C Y N 265 
PHE CD1  C Y N 266 
PHE CD2  C Y N 267 
PHE CE1  C Y N 268 
PHE CE2  C Y N 269 
PHE CZ   C Y N 270 
PHE OXT  O N N 271 
PHE H    H N N 272 
PHE H2   H N N 273 
PHE HA   H N N 274 
PHE HB2  H N N 275 
PHE HB3  H N N 276 
PHE HD1  H N N 277 
PHE HD2  H N N 278 
PHE HE1  H N N 279 
PHE HE2  H N N 280 
PHE HZ   H N N 281 
PHE HXT  H N N 282 
PRO N    N N N 283 
PRO CA   C N S 284 
PRO C    C N N 285 
PRO O    O N N 286 
PRO CB   C N N 287 
PRO CG   C N N 288 
PRO CD   C N N 289 
PRO OXT  O N N 290 
PRO H    H N N 291 
PRO HA   H N N 292 
PRO HB2  H N N 293 
PRO HB3  H N N 294 
PRO HG2  H N N 295 
PRO HG3  H N N 296 
PRO HD2  H N N 297 
PRO HD3  H N N 298 
PRO HXT  H N N 299 
SER N    N N N 300 
SER CA   C N S 301 
SER C    C N N 302 
SER O    O N N 303 
SER CB   C N N 304 
SER OG   O N N 305 
SER OXT  O N N 306 
SER H    H N N 307 
SER H2   H N N 308 
SER HA   H N N 309 
SER HB2  H N N 310 
SER HB3  H N N 311 
SER HG   H N N 312 
SER HXT  H N N 313 
SO4 S    S N N 314 
SO4 O1   O N N 315 
SO4 O2   O N N 316 
SO4 O3   O N N 317 
SO4 O4   O N N 318 
THR N    N N N 319 
THR CA   C N S 320 
THR C    C N N 321 
THR O    O N N 322 
THR CB   C N R 323 
THR OG1  O N N 324 
THR CG2  C N N 325 
THR OXT  O N N 326 
THR H    H N N 327 
THR H2   H N N 328 
THR HA   H N N 329 
THR HB   H N N 330 
THR HG1  H N N 331 
THR HG21 H N N 332 
THR HG22 H N N 333 
THR HG23 H N N 334 
THR HXT  H N N 335 
TYR N    N N N 336 
TYR CA   C N S 337 
TYR C    C N N 338 
TYR O    O N N 339 
TYR CB   C N N 340 
TYR CG   C Y N 341 
TYR CD1  C Y N 342 
TYR CD2  C Y N 343 
TYR CE1  C Y N 344 
TYR CE2  C Y N 345 
TYR CZ   C Y N 346 
TYR OH   O N N 347 
TYR OXT  O N N 348 
TYR H    H N N 349 
TYR H2   H N N 350 
TYR HA   H N N 351 
TYR HB2  H N N 352 
TYR HB3  H N N 353 
TYR HD1  H N N 354 
TYR HD2  H N N 355 
TYR HE1  H N N 356 
TYR HE2  H N N 357 
TYR HH   H N N 358 
TYR HXT  H N N 359 
VAL N    N N N 360 
VAL CA   C N S 361 
VAL C    C N N 362 
VAL O    O N N 363 
VAL CB   C N N 364 
VAL CG1  C N N 365 
VAL CG2  C N N 366 
VAL OXT  O N N 367 
VAL H    H N N 368 
VAL H2   H N N 369 
VAL HA   H N N 370 
VAL HB   H N N 371 
VAL HG11 H N N 372 
VAL HG12 H N N 373 
VAL HG13 H N N 374 
VAL HG21 H N N 375 
VAL HG22 H N N 376 
VAL HG23 H N N 377 
VAL HXT  H N N 378 
# 
loop_
_chem_comp_bond.comp_id 
_chem_comp_bond.atom_id_1 
_chem_comp_bond.atom_id_2 
_chem_comp_bond.value_order 
_chem_comp_bond.pdbx_aromatic_flag 
_chem_comp_bond.pdbx_stereo_config 
_chem_comp_bond.pdbx_ordinal 
ALA N   CA   sing N N 1   
ALA N   H    sing N N 2   
ALA N   H2   sing N N 3   
ALA CA  C    sing N N 4   
ALA CA  CB   sing N N 5   
ALA CA  HA   sing N N 6   
ALA C   O    doub N N 7   
ALA C   OXT  sing N N 8   
ALA CB  HB1  sing N N 9   
ALA CB  HB2  sing N N 10  
ALA CB  HB3  sing N N 11  
ALA OXT HXT  sing N N 12  
ARG N   CA   sing N N 13  
ARG N   H    sing N N 14  
ARG N   H2   sing N N 15  
ARG CA  C    sing N N 16  
ARG CA  CB   sing N N 17  
ARG CA  HA   sing N N 18  
ARG C   O    doub N N 19  
ARG C   OXT  sing N N 20  
ARG CB  CG   sing N N 21  
ARG CB  HB2  sing N N 22  
ARG CB  HB3  sing N N 23  
ARG CG  CD   sing N N 24  
ARG CG  HG2  sing N N 25  
ARG CG  HG3  sing N N 26  
ARG CD  NE   sing N N 27  
ARG CD  HD2  sing N N 28  
ARG CD  HD3  sing N N 29  
ARG NE  CZ   sing N N 30  
ARG NE  HE   sing N N 31  
ARG CZ  NH1  sing N N 32  
ARG CZ  NH2  doub N N 33  
ARG NH1 HH11 sing N N 34  
ARG NH1 HH12 sing N N 35  
ARG NH2 HH21 sing N N 36  
ARG NH2 HH22 sing N N 37  
ARG OXT HXT  sing N N 38  
ASN N   CA   sing N N 39  
ASN N   H    sing N N 40  
ASN N   H2   sing N N 41  
ASN CA  C    sing N N 42  
ASN CA  CB   sing N N 43  
ASN CA  HA   sing N N 44  
ASN C   O    doub N N 45  
ASN C   OXT  sing N N 46  
ASN CB  CG   sing N N 47  
ASN CB  HB2  sing N N 48  
ASN CB  HB3  sing N N 49  
ASN CG  OD1  doub N N 50  
ASN CG  ND2  sing N N 51  
ASN ND2 HD21 sing N N 52  
ASN ND2 HD22 sing N N 53  
ASN OXT HXT  sing N N 54  
ASP N   CA   sing N N 55  
ASP N   H    sing N N 56  
ASP N   H2   sing N N 57  
ASP CA  C    sing N N 58  
ASP CA  CB   sing N N 59  
ASP CA  HA   sing N N 60  
ASP C   O    doub N N 61  
ASP C   OXT  sing N N 62  
ASP CB  CG   sing N N 63  
ASP CB  HB2  sing N N 64  
ASP CB  HB3  sing N N 65  
ASP CG  OD1  doub N N 66  
ASP CG  OD2  sing N N 67  
ASP OD2 HD2  sing N N 68  
ASP OXT HXT  sing N N 69  
CYS N   CA   sing N N 70  
CYS N   H    sing N N 71  
CYS N   H2   sing N N 72  
CYS CA  C    sing N N 73  
CYS CA  CB   sing N N 74  
CYS CA  HA   sing N N 75  
CYS C   O    doub N N 76  
CYS C   OXT  sing N N 77  
CYS CB  SG   sing N N 78  
CYS CB  HB2  sing N N 79  
CYS CB  HB3  sing N N 80  
CYS SG  HG   sing N N 81  
CYS OXT HXT  sing N N 82  
EDO C1  O1   sing N N 83  
EDO C1  C2   sing N N 84  
EDO C1  H11  sing N N 85  
EDO C1  H12  sing N N 86  
EDO O1  HO1  sing N N 87  
EDO C2  O2   sing N N 88  
EDO C2  H21  sing N N 89  
EDO C2  H22  sing N N 90  
EDO O2  HO2  sing N N 91  
GLN N   CA   sing N N 92  
GLN N   H    sing N N 93  
GLN N   H2   sing N N 94  
GLN CA  C    sing N N 95  
GLN CA  CB   sing N N 96  
GLN CA  HA   sing N N 97  
GLN C   O    doub N N 98  
GLN C   OXT  sing N N 99  
GLN CB  CG   sing N N 100 
GLN CB  HB2  sing N N 101 
GLN CB  HB3  sing N N 102 
GLN CG  CD   sing N N 103 
GLN CG  HG2  sing N N 104 
GLN CG  HG3  sing N N 105 
GLN CD  OE1  doub N N 106 
GLN CD  NE2  sing N N 107 
GLN NE2 HE21 sing N N 108 
GLN NE2 HE22 sing N N 109 
GLN OXT HXT  sing N N 110 
GLU N   CA   sing N N 111 
GLU N   H    sing N N 112 
GLU N   H2   sing N N 113 
GLU CA  C    sing N N 114 
GLU CA  CB   sing N N 115 
GLU CA  HA   sing N N 116 
GLU C   O    doub N N 117 
GLU C   OXT  sing N N 118 
GLU CB  CG   sing N N 119 
GLU CB  HB2  sing N N 120 
GLU CB  HB3  sing N N 121 
GLU CG  CD   sing N N 122 
GLU CG  HG2  sing N N 123 
GLU CG  HG3  sing N N 124 
GLU CD  OE1  doub N N 125 
GLU CD  OE2  sing N N 126 
GLU OE2 HE2  sing N N 127 
GLU OXT HXT  sing N N 128 
GLY N   CA   sing N N 129 
GLY N   H    sing N N 130 
GLY N   H2   sing N N 131 
GLY CA  C    sing N N 132 
GLY CA  HA2  sing N N 133 
GLY CA  HA3  sing N N 134 
GLY C   O    doub N N 135 
GLY C   OXT  sing N N 136 
GLY OXT HXT  sing N N 137 
HIS N   CA   sing N N 138 
HIS N   H    sing N N 139 
HIS N   H2   sing N N 140 
HIS CA  C    sing N N 141 
HIS CA  CB   sing N N 142 
HIS CA  HA   sing N N 143 
HIS C   O    doub N N 144 
HIS C   OXT  sing N N 145 
HIS CB  CG   sing N N 146 
HIS CB  HB2  sing N N 147 
HIS CB  HB3  sing N N 148 
HIS CG  ND1  sing Y N 149 
HIS CG  CD2  doub Y N 150 
HIS ND1 CE1  doub Y N 151 
HIS ND1 HD1  sing N N 152 
HIS CD2 NE2  sing Y N 153 
HIS CD2 HD2  sing N N 154 
HIS CE1 NE2  sing Y N 155 
HIS CE1 HE1  sing N N 156 
HIS NE2 HE2  sing N N 157 
HIS OXT HXT  sing N N 158 
HOH O   H1   sing N N 159 
HOH O   H2   sing N N 160 
ILE N   CA   sing N N 161 
ILE N   H    sing N N 162 
ILE N   H2   sing N N 163 
ILE CA  C    sing N N 164 
ILE CA  CB   sing N N 165 
ILE CA  HA   sing N N 166 
ILE C   O    doub N N 167 
ILE C   OXT  sing N N 168 
ILE CB  CG1  sing N N 169 
ILE CB  CG2  sing N N 170 
ILE CB  HB   sing N N 171 
ILE CG1 CD1  sing N N 172 
ILE CG1 HG12 sing N N 173 
ILE CG1 HG13 sing N N 174 
ILE CG2 HG21 sing N N 175 
ILE CG2 HG22 sing N N 176 
ILE CG2 HG23 sing N N 177 
ILE CD1 HD11 sing N N 178 
ILE CD1 HD12 sing N N 179 
ILE CD1 HD13 sing N N 180 
ILE OXT HXT  sing N N 181 
LEU N   CA   sing N N 182 
LEU N   H    sing N N 183 
LEU N   H2   sing N N 184 
LEU CA  C    sing N N 185 
LEU CA  CB   sing N N 186 
LEU CA  HA   sing N N 187 
LEU C   O    doub N N 188 
LEU C   OXT  sing N N 189 
LEU CB  CG   sing N N 190 
LEU CB  HB2  sing N N 191 
LEU CB  HB3  sing N N 192 
LEU CG  CD1  sing N N 193 
LEU CG  CD2  sing N N 194 
LEU CG  HG   sing N N 195 
LEU CD1 HD11 sing N N 196 
LEU CD1 HD12 sing N N 197 
LEU CD1 HD13 sing N N 198 
LEU CD2 HD21 sing N N 199 
LEU CD2 HD22 sing N N 200 
LEU CD2 HD23 sing N N 201 
LEU OXT HXT  sing N N 202 
LYS N   CA   sing N N 203 
LYS N   H    sing N N 204 
LYS N   H2   sing N N 205 
LYS CA  C    sing N N 206 
LYS CA  CB   sing N N 207 
LYS CA  HA   sing N N 208 
LYS C   O    doub N N 209 
LYS C   OXT  sing N N 210 
LYS CB  CG   sing N N 211 
LYS CB  HB2  sing N N 212 
LYS CB  HB3  sing N N 213 
LYS CG  CD   sing N N 214 
LYS CG  HG2  sing N N 215 
LYS CG  HG3  sing N N 216 
LYS CD  CE   sing N N 217 
LYS CD  HD2  sing N N 218 
LYS CD  HD3  sing N N 219 
LYS CE  NZ   sing N N 220 
LYS CE  HE2  sing N N 221 
LYS CE  HE3  sing N N 222 
LYS NZ  HZ1  sing N N 223 
LYS NZ  HZ2  sing N N 224 
LYS NZ  HZ3  sing N N 225 
LYS OXT HXT  sing N N 226 
MET N   CA   sing N N 227 
MET N   H    sing N N 228 
MET N   H2   sing N N 229 
MET CA  C    sing N N 230 
MET CA  CB   sing N N 231 
MET CA  HA   sing N N 232 
MET C   O    doub N N 233 
MET C   OXT  sing N N 234 
MET CB  CG   sing N N 235 
MET CB  HB2  sing N N 236 
MET CB  HB3  sing N N 237 
MET CG  SD   sing N N 238 
MET CG  HG2  sing N N 239 
MET CG  HG3  sing N N 240 
MET SD  CE   sing N N 241 
MET CE  HE1  sing N N 242 
MET CE  HE2  sing N N 243 
MET CE  HE3  sing N N 244 
MET OXT HXT  sing N N 245 
PHE N   CA   sing N N 246 
PHE N   H    sing N N 247 
PHE N   H2   sing N N 248 
PHE CA  C    sing N N 249 
PHE CA  CB   sing N N 250 
PHE CA  HA   sing N N 251 
PHE C   O    doub N N 252 
PHE C   OXT  sing N N 253 
PHE CB  CG   sing N N 254 
PHE CB  HB2  sing N N 255 
PHE CB  HB3  sing N N 256 
PHE CG  CD1  doub Y N 257 
PHE CG  CD2  sing Y N 258 
PHE CD1 CE1  sing Y N 259 
PHE CD1 HD1  sing N N 260 
PHE CD2 CE2  doub Y N 261 
PHE CD2 HD2  sing N N 262 
PHE CE1 CZ   doub Y N 263 
PHE CE1 HE1  sing N N 264 
PHE CE2 CZ   sing Y N 265 
PHE CE2 HE2  sing N N 266 
PHE CZ  HZ   sing N N 267 
PHE OXT HXT  sing N N 268 
PRO N   CA   sing N N 269 
PRO N   CD   sing N N 270 
PRO N   H    sing N N 271 
PRO CA  C    sing N N 272 
PRO CA  CB   sing N N 273 
PRO CA  HA   sing N N 274 
PRO C   O    doub N N 275 
PRO C   OXT  sing N N 276 
PRO CB  CG   sing N N 277 
PRO CB  HB2  sing N N 278 
PRO CB  HB3  sing N N 279 
PRO CG  CD   sing N N 280 
PRO CG  HG2  sing N N 281 
PRO CG  HG3  sing N N 282 
PRO CD  HD2  sing N N 283 
PRO CD  HD3  sing N N 284 
PRO OXT HXT  sing N N 285 
SER N   CA   sing N N 286 
SER N   H    sing N N 287 
SER N   H2   sing N N 288 
SER CA  C    sing N N 289 
SER CA  CB   sing N N 290 
SER CA  HA   sing N N 291 
SER C   O    doub N N 292 
SER C   OXT  sing N N 293 
SER CB  OG   sing N N 294 
SER CB  HB2  sing N N 295 
SER CB  HB3  sing N N 296 
SER OG  HG   sing N N 297 
SER OXT HXT  sing N N 298 
SO4 S   O1   doub N N 299 
SO4 S   O2   doub N N 300 
SO4 S   O3   sing N N 301 
SO4 S   O4   sing N N 302 
THR N   CA   sing N N 303 
THR N   H    sing N N 304 
THR N   H2   sing N N 305 
THR CA  C    sing N N 306 
THR CA  CB   sing N N 307 
THR CA  HA   sing N N 308 
THR C   O    doub N N 309 
THR C   OXT  sing N N 310 
THR CB  OG1  sing N N 311 
THR CB  CG2  sing N N 312 
THR CB  HB   sing N N 313 
THR OG1 HG1  sing N N 314 
THR CG2 HG21 sing N N 315 
THR CG2 HG22 sing N N 316 
THR CG2 HG23 sing N N 317 
THR OXT HXT  sing N N 318 
TYR N   CA   sing N N 319 
TYR N   H    sing N N 320 
TYR N   H2   sing N N 321 
TYR CA  C    sing N N 322 
TYR CA  CB   sing N N 323 
TYR CA  HA   sing N N 324 
TYR C   O    doub N N 325 
TYR C   OXT  sing N N 326 
TYR CB  CG   sing N N 327 
TYR CB  HB2  sing N N 328 
TYR CB  HB3  sing N N 329 
TYR CG  CD1  doub Y N 330 
TYR CG  CD2  sing Y N 331 
TYR CD1 CE1  sing Y N 332 
TYR CD1 HD1  sing N N 333 
TYR CD2 CE2  doub Y N 334 
TYR CD2 HD2  sing N N 335 
TYR CE1 CZ   doub Y N 336 
TYR CE1 HE1  sing N N 337 
TYR CE2 CZ   sing Y N 338 
TYR CE2 HE2  sing N N 339 
TYR CZ  OH   sing N N 340 
TYR OH  HH   sing N N 341 
TYR OXT HXT  sing N N 342 
VAL N   CA   sing N N 343 
VAL N   H    sing N N 344 
VAL N   H2   sing N N 345 
VAL CA  C    sing N N 346 
VAL CA  CB   sing N N 347 
VAL CA  HA   sing N N 348 
VAL C   O    doub N N 349 
VAL C   OXT  sing N N 350 
VAL CB  CG1  sing N N 351 
VAL CB  CG2  sing N N 352 
VAL CB  HB   sing N N 353 
VAL CG1 HG11 sing N N 354 
VAL CG1 HG12 sing N N 355 
VAL CG1 HG13 sing N N 356 
VAL CG2 HG21 sing N N 357 
VAL CG2 HG22 sing N N 358 
VAL CG2 HG23 sing N N 359 
VAL OXT HXT  sing N N 360 
# 
_pdbx_audit_support.funding_organization   MEXT 
_pdbx_audit_support.country                Japan 
_pdbx_audit_support.grant_number           25121738 
_pdbx_audit_support.ordinal                1 
# 
_pdbx_initial_refinement_model.id               1 
_pdbx_initial_refinement_model.entity_id_list   ? 
_pdbx_initial_refinement_model.type             'experimental model' 
_pdbx_initial_refinement_model.source_name      PDB 
_pdbx_initial_refinement_model.accession_code   5AZX 
_pdbx_initial_refinement_model.details          ? 
# 
_atom_sites.entry_id                    5AZY 
_atom_sites.fract_transf_matrix[1][1]   0.00151128 
_atom_sites.fract_transf_matrix[1][2]   -0.00246653 
_atom_sites.fract_transf_matrix[1][3]   -0.01468888 
_atom_sites.fract_transf_matrix[2][1]   0.01141805 
_atom_sites.fract_transf_matrix[2][2]   -0.00567736 
_atom_sites.fract_transf_matrix[2][3]   0.00212809 
_atom_sites.fract_transf_matrix[3][1]   -0.01098827 
_atom_sites.fract_transf_matrix[3][2]   -0.02118918 
_atom_sites.fract_transf_matrix[3][3]   0.00242751 
_atom_sites.fract_transf_vector[1]      0.130272 
_atom_sites.fract_transf_vector[2]      -0.384476 
_atom_sites.fract_transf_vector[3]      0.007644 
# 
loop_
_atom_type.symbol 
C 
N 
O 
S 
# 
loop_
_atom_site.group_PDB 
_atom_site.id 
_atom_site.type_symbol 
_atom_site.label_atom_id 
_atom_site.label_alt_id 
_atom_site.label_comp_id 
_atom_site.label_asym_id 
_atom_site.label_entity_id 
_atom_site.label_seq_id 
_atom_site.pdbx_PDB_ins_code 
_atom_site.Cartn_x 
_atom_site.Cartn_y 
_atom_site.Cartn_z 
_atom_site.occupancy 
_atom_site.B_iso_or_equiv 
_atom_site.pdbx_formal_charge 
_atom_site.auth_seq_id 
_atom_site.auth_comp_id 
_atom_site.auth_asym_id 
_atom_site.auth_atom_id 
_atom_site.pdbx_PDB_model_num 
ATOM   1    N N   . GLY A 1 1   ? -4.338  10.637  0.787   1.00 33.01 ? 30  GLY A N   1 
ATOM   2    C CA  . GLY A 1 1   ? -4.540  9.227   1.085   1.00 30.73 ? 30  GLY A CA  1 
ATOM   3    C C   . GLY A 1 1   ? -4.216  8.919   2.529   1.00 28.78 ? 30  GLY A C   1 
ATOM   4    O O   . GLY A 1 1   ? -3.408  9.604   3.156   1.00 28.57 ? 30  GLY A O   1 
ATOM   5    N N   . SER A 1 2   ? -4.860  7.894   3.073   1.00 26.36 ? 31  SER A N   1 
ATOM   6    C CA  . SER A 1 2   ? -4.632  7.505   4.457   1.00 25.96 ? 31  SER A CA  1 
ATOM   7    C C   . SER A 1 2   ? -4.678  5.991   4.565   1.00 27.96 ? 31  SER A C   1 
ATOM   8    O O   . SER A 1 2   ? -5.586  5.358   4.022   1.00 22.52 ? 31  SER A O   1 
ATOM   9    C CB  . SER A 1 2   ? -5.677  8.128   5.385   1.00 31.04 ? 31  SER A CB  1 
ATOM   10   O OG  . SER A 1 2   ? -5.391  7.778   6.732   1.00 39.53 ? 31  SER A OG  1 
ATOM   11   N N   . ILE A 1 3   ? -3.708  5.409   5.269   1.00 20.06 ? 32  ILE A N   1 
ATOM   12   C CA  . ILE A 1 3   ? -3.696  3.969   5.474   1.00 19.59 ? 32  ILE A CA  1 
ATOM   13   C C   . ILE A 1 3   ? -3.428  3.674   6.939   1.00 24.27 ? 32  ILE A C   1 
ATOM   14   O O   . ILE A 1 3   ? -2.608  4.335   7.579   1.00 21.80 ? 32  ILE A O   1 
ATOM   15   C CB  . ILE A 1 3   ? -2.671  3.251   4.573   1.00 26.88 ? 32  ILE A CB  1 
ATOM   16   C CG1 . ILE A 1 3   ? -2.678  1.745   4.867   1.00 28.55 ? 32  ILE A CG1 1 
ATOM   17   C CG2 . ILE A 1 3   ? -1.278  3.807   4.766   1.00 29.38 ? 32  ILE A CG2 1 
ATOM   18   C CD1 . ILE A 1 3   ? -1.729  0.942   4.006   1.00 29.32 ? 32  ILE A CD1 1 
ATOM   19   N N   . SER A 1 4   ? -4.155  2.699   7.474   1.00 23.20 ? 33  SER A N   1 
ATOM   20   C CA  . SER A 1 4   ? -3.854  2.112   8.770   1.00 21.39 ? 33  SER A CA  1 
ATOM   21   C C   . SER A 1 4   ? -3.610  0.625   8.559   1.00 26.80 ? 33  SER A C   1 
ATOM   22   O O   . SER A 1 4   ? -4.328  -0.030  7.795   1.00 24.35 ? 33  SER A O   1 
ATOM   23   C CB  . SER A 1 4   ? -4.992  2.345   9.764   1.00 29.44 ? 33  SER A CB  1 
ATOM   24   O OG  . SER A 1 4   ? -6.194  1.732   9.336   1.00 32.39 ? 33  SER A OG  1 
ATOM   25   N N   . PHE A 1 5   ? -2.570  0.093   9.193   1.00 20.53 ? 34  PHE A N   1 
ATOM   26   C CA  . PHE A 1 5   ? -2.285  -1.315  9.006   1.00 19.97 ? 34  PHE A CA  1 
ATOM   27   C C   . PHE A 1 5   ? -1.529  -1.827  10.222  1.00 19.90 ? 34  PHE A C   1 
ATOM   28   O O   . PHE A 1 5   ? -0.932  -1.058  10.972  1.00 20.61 ? 34  PHE A O   1 
ATOM   29   C CB  . PHE A 1 5   ? -1.499  -1.586  7.710   1.00 24.18 ? 34  PHE A CB  1 
ATOM   30   C CG  . PHE A 1 5   ? -0.125  -0.905  7.625   1.00 21.48 ? 34  PHE A CG  1 
ATOM   31   C CD1 . PHE A 1 5   ? 1.030   -1.604  7.958   1.00 21.11 ? 34  PHE A CD1 1 
ATOM   32   C CD2 . PHE A 1 5   ? -0.001  0.400   7.178   1.00 24.31 ? 34  PHE A CD2 1 
ATOM   33   C CE1 . PHE A 1 5   ? 2.291   -0.998  7.867   1.00 24.08 ? 34  PHE A CE1 1 
ATOM   34   C CE2 . PHE A 1 5   ? 1.251   1.013   7.064   1.00 28.44 ? 34  PHE A CE2 1 
ATOM   35   C CZ  . PHE A 1 5   ? 2.402   0.301   7.408   1.00 25.47 ? 34  PHE A CZ  1 
ATOM   36   N N   . HIS A 1 6   ? -1.583  -3.140  10.410  1.00 20.08 ? 35  HIS A N   1 
ATOM   37   C CA  . HIS A 1 6   ? -0.752  -3.803  11.405  1.00 23.61 ? 35  HIS A CA  1 
ATOM   38   C C   . HIS A 1 6   ? 0.529   -4.307  10.758  1.00 23.04 ? 35  HIS A C   1 
ATOM   39   O O   . HIS A 1 6   ? 0.528   -4.773  9.612   1.00 23.34 ? 35  HIS A O   1 
ATOM   40   C CB  . HIS A 1 6   ? -1.513  -4.956  12.068  1.00 22.85 ? 35  HIS A CB  1 
ATOM   41   C CG  . HIS A 1 6   ? -2.557  -4.485  13.034  1.00 29.18 ? 35  HIS A CG  1 
ATOM   42   N ND1 . HIS A 1 6   ? -3.906  -4.530  12.757  1.00 37.31 ? 35  HIS A ND1 1 
ATOM   43   C CD2 . HIS A 1 6   ? -2.444  -3.919  14.259  1.00 27.20 ? 35  HIS A CD2 1 
ATOM   44   C CE1 . HIS A 1 6   ? -4.581  -4.027  13.777  1.00 35.93 ? 35  HIS A CE1 1 
ATOM   45   N NE2 . HIS A 1 6   ? -3.718  -3.655  14.706  1.00 32.74 ? 35  HIS A NE2 1 
ATOM   46   N N   . LEU A 1 7   ? 1.631   -4.185  11.491  1.00 20.18 ? 36  LEU A N   1 
ATOM   47   C CA  . LEU A 1 7   ? 2.938   -4.620  11.013  1.00 18.91 ? 36  LEU A CA  1 
ATOM   48   C C   . LEU A 1 7   ? 3.463   -5.700  11.954  1.00 21.00 ? 36  LEU A C   1 
ATOM   49   O O   . LEU A 1 7   ? 3.915   -5.389  13.071  1.00 23.08 ? 36  LEU A O   1 
ATOM   50   C CB  . LEU A 1 7   ? 3.907   -3.440  10.938  1.00 23.33 ? 36  LEU A CB  1 
ATOM   51   C CG  . LEU A 1 7   ? 5.273   -3.692  10.282  1.00 23.02 ? 36  LEU A CG  1 
ATOM   52   C CD1 . LEU A 1 7   ? 5.136   -4.037  8.787   1.00 20.44 ? 36  LEU A CD1 1 
ATOM   53   C CD2 . LEU A 1 7   ? 6.171   -2.475  10.489  1.00 22.38 ? 36  LEU A CD2 1 
ATOM   54   N N   . PRO A 1 8   ? 3.405   -6.968  11.565  1.00 23.54 ? 37  PRO A N   1 
ATOM   55   C CA  . PRO A 1 8   ? 3.960   -8.038  12.405  1.00 27.87 ? 37  PRO A CA  1 
ATOM   56   C C   . PRO A 1 8   ? 5.472   -7.911  12.543  1.00 25.05 ? 37  PRO A C   1 
ATOM   57   O O   . PRO A 1 8   ? 6.151   -7.303  11.712  1.00 23.26 ? 37  PRO A O   1 
ATOM   58   C CB  . PRO A 1 8   ? 3.585   -9.321  11.647  1.00 29.03 ? 37  PRO A CB  1 
ATOM   59   C CG  . PRO A 1 8   ? 2.450   -8.929  10.759  1.00 30.89 ? 37  PRO A CG  1 
ATOM   60   C CD  . PRO A 1 8   ? 2.740   -7.498  10.364  1.00 26.79 ? 37  PRO A CD  1 
ATOM   61   N N   . VAL A 1 9   ? 6.014   -8.504  13.614  1.00 25.68 ? 38  VAL A N   1 
ATOM   62   C CA  . VAL A 1 9   ? 7.456   -8.428  13.810  1.00 23.66 ? 38  VAL A CA  1 
ATOM   63   C C   . VAL A 1 9   ? 8.161   -9.107  12.642  1.00 22.07 ? 38  VAL A C   1 
ATOM   64   O O   . VAL A 1 9   ? 7.684   -10.113 12.097  1.00 28.48 ? 38  VAL A O   1 
ATOM   65   C CB  . VAL A 1 9   ? 7.877   -9.047  15.158  1.00 27.00 ? 38  VAL A CB  1 
ATOM   66   C CG1 . VAL A 1 9   ? 7.603   -10.530 15.191  1.00 30.07 ? 38  VAL A CG1 1 
ATOM   67   C CG2 . VAL A 1 9   ? 9.349   -8.756  15.448  1.00 32.46 ? 38  VAL A CG2 1 
ATOM   68   N N   . ASN A 1 10  ? 9.265   -8.510  12.208  1.00 23.59 ? 39  ASN A N   1 
ATOM   69   C CA  . ASN A 1 10  ? 10.103  -9.061  11.145  1.00 23.44 ? 39  ASN A CA  1 
ATOM   70   C C   . ASN A 1 10  ? 9.364   -9.147  9.816   1.00 30.00 ? 39  ASN A C   1 
ATOM   71   O O   . ASN A 1 10  ? 9.579   -10.066 9.022   1.00 29.72 ? 39  ASN A O   1 
ATOM   72   C CB  . ASN A 1 10  ? 10.659  -10.429 11.554  1.00 28.23 ? 39  ASN A CB  1 
ATOM   73   C CG  . ASN A 1 10  ? 11.576  -10.333 12.750  1.00 26.59 ? 39  ASN A CG  1 
ATOM   74   O OD1 . ASN A 1 10  ? 12.440  -9.460  12.808  1.00 26.77 ? 39  ASN A OD1 1 
ATOM   75   N ND2 . ASN A 1 10  ? 11.386  -11.221 13.717  1.00 34.52 ? 39  ASN A ND2 1 
ATOM   76   N N   . SER A 1 11  ? 8.487   -8.193  9.542   1.00 20.94 ? 40  SER A N   1 
ATOM   77   C CA  . SER A 1 11  ? 7.771   -8.201  8.275   1.00 21.61 ? 40  SER A CA  1 
ATOM   78   C C   . SER A 1 11  ? 7.944   -6.846  7.606   1.00 22.50 ? 40  SER A C   1 
ATOM   79   O O   . SER A 1 11  ? 8.454   -5.898  8.202   1.00 22.95 ? 40  SER A O   1 
ATOM   80   C CB  . SER A 1 11  ? 6.285   -8.513  8.469   1.00 26.11 ? 40  SER A CB  1 
ATOM   81   O OG  . SER A 1 11  ? 5.662   -7.422  9.100   1.00 34.51 ? 40  SER A OG  1 
ATOM   82   N N   . ARG A 1 12  ? 7.498   -6.755  6.358   1.00 21.39 ? 41  ARG A N   1 
ATOM   83   C CA  . ARG A 1 12  ? 7.633   -5.525  5.593   1.00 20.60 ? 41  ARG A CA  1 
ATOM   84   C C   . ARG A 1 12  ? 6.328   -5.279  4.862   1.00 18.80 ? 41  ARG A C   1 
ATOM   85   O O   . ARG A 1 12  ? 5.761   -6.205  4.276   1.00 22.34 ? 41  ARG A O   1 
ATOM   86   C CB  . ARG A 1 12  ? 8.801   -5.601  4.598   1.00 22.95 ? 41  ARG A CB  1 
ATOM   87   C CG  . ARG A 1 12  ? 8.928   -4.390  3.692   1.00 27.86 ? 41  ARG A CG  1 
ATOM   88   C CD  . ARG A 1 12  ? 10.307  -4.324  3.037   1.00 33.26 ? 41  ARG A CD  1 
ATOM   89   N NE  . ARG A 1 12  ? 10.675  -5.581  2.396   1.00 37.92 ? 41  ARG A NE  1 
ATOM   90   C CZ  . ARG A 1 12  ? 11.857  -5.802  1.821   1.00 43.71 ? 41  ARG A CZ  1 
ATOM   91   N NH1 . ARG A 1 12  ? 12.779  -4.851  1.814   1.00 44.74 ? 41  ARG A NH1 1 
ATOM   92   N NH2 . ARG A 1 12  ? 12.119  -6.974  1.259   1.00 43.60 ? 41  ARG A NH2 1 
ATOM   93   N N   . LYS A 1 13  ? 5.837   -4.045  4.899   1.00 17.01 ? 42  LYS A N   1 
ATOM   94   C CA  . LYS A 1 13  ? 4.683   -3.692  4.084   1.00 16.49 ? 42  LYS A CA  1 
ATOM   95   C C   . LYS A 1 13  ? 4.976   -2.399  3.338   1.00 18.11 ? 42  LYS A C   1 
ATOM   96   O O   . LYS A 1 13  ? 5.572   -1.476  3.901   1.00 18.77 ? 42  LYS A O   1 
ATOM   97   C CB  . LYS A 1 13  ? 3.423   -3.561  4.956   1.00 19.22 ? 42  LYS A CB  1 
ATOM   98   C CG  . LYS A 1 13  ? 3.043   -4.858  5.662   1.00 23.84 ? 42  LYS A CG  1 
ATOM   99   C CD  . LYS A 1 13  ? 1.664   -4.758  6.312   1.00 23.21 ? 42  LYS A CD  1 
ATOM   100  C CE  . LYS A 1 13  ? 1.247   -6.134  6.839   1.00 26.65 ? 42  LYS A CE  1 
ATOM   101  N NZ  . LYS A 1 13  ? -0.193  -6.125  7.239   1.00 26.62 ? 42  LYS A NZ  1 
ATOM   102  N N   . CYS A 1 14  ? 4.595   -2.351  2.058   1.00 18.01 ? 43  CYS A N   1 
ATOM   103  C CA  . CYS A 1 14  ? 4.950   -1.246  1.179   1.00 15.66 ? 43  CYS A CA  1 
ATOM   104  C C   . CYS A 1 14  ? 3.726   -0.717  0.442   1.00 21.99 ? 43  CYS A C   1 
ATOM   105  O O   . CYS A 1 14  ? 2.807   -1.464  0.097   1.00 21.55 ? 43  CYS A O   1 
ATOM   106  C CB  . CYS A 1 14  ? 5.973   -1.672  0.143   1.00 22.70 ? 43  CYS A CB  1 
ATOM   107  S SG  . CYS A 1 14  ? 7.489   -2.354  0.849   1.00 29.35 ? 43  CYS A SG  1 
ATOM   108  N N   . LEU A 1 15  ? 3.741   0.579   0.175   1.00 19.03 ? 44  LEU A N   1 
ATOM   109  C CA  . LEU A 1 15  ? 2.756   1.209   -0.693  1.00 18.05 ? 44  LEU A CA  1 
ATOM   110  C C   . LEU A 1 15  ? 3.513   1.707   -1.909  1.00 21.89 ? 44  LEU A C   1 
ATOM   111  O O   . LEU A 1 15  ? 4.479   2.466   -1.761  1.00 21.49 ? 44  LEU A O   1 
ATOM   112  C CB  . LEU A 1 15  ? 2.048   2.361   0.023   1.00 18.52 ? 44  LEU A CB  1 
ATOM   113  C CG  . LEU A 1 15  ? 1.303   3.335   -0.886  1.00 28.24 ? 44  LEU A CG  1 
ATOM   114  C CD1 . LEU A 1 15  ? 0.114   2.660   -1.553  1.00 31.02 ? 44  LEU A CD1 1 
ATOM   115  C CD2 . LEU A 1 15  ? 0.852   4.551   -0.078  1.00 35.60 ? 44  LEU A CD2 1 
ATOM   116  N N   . ARG A 1 16  ? 3.104   1.259   -3.094  1.00 17.56 ? 45  ARG A N   1 
ATOM   117  C CA  . ARG A 1 16  ? 3.767   1.623   -4.347  1.00 15.61 ? 45  ARG A CA  1 
ATOM   118  C C   . ARG A 1 16  ? 2.860   2.553   -5.129  1.00 20.96 ? 45  ARG A C   1 
ATOM   119  O O   . ARG A 1 16  ? 1.652   2.301   -5.242  1.00 19.87 ? 45  ARG A O   1 
ATOM   120  C CB  . ARG A 1 16  ? 4.087   0.388   -5.192  1.00 19.19 ? 45  ARG A CB  1 
ATOM   121  C CG  . ARG A 1 16  ? 4.728   -0.730  -4.380  1.00 28.55 ? 45  ARG A CG  1 
ATOM   122  C CD  . ARG A 1 16  ? 5.098   -1.929  -5.225  1.00 35.36 ? 45  ARG A CD  1 
ATOM   123  N NE  . ARG A 1 16  ? 6.147   -1.592  -6.170  1.00 32.89 ? 45  ARG A NE  1 
ATOM   124  C CZ  . ARG A 1 16  ? 6.804   -2.469  -6.908  1.00 38.49 ? 45  ARG A CZ  1 
ATOM   125  N NH1 . ARG A 1 16  ? 6.509   -3.752  -6.821  1.00 40.55 ? 45  ARG A NH1 1 
ATOM   126  N NH2 . ARG A 1 16  ? 7.754   -2.055  -7.731  1.00 33.03 ? 45  ARG A NH2 1 
ATOM   127  N N   . GLU A 1 17  ? 3.423   3.649   -5.626  1.00 19.39 ? 46  GLU A N   1 
ATOM   128  C CA  . GLU A 1 17  ? 2.628   4.629   -6.354  1.00 23.48 ? 46  GLU A CA  1 
ATOM   129  C C   . GLU A 1 17  ? 3.269   4.872   -7.709  1.00 20.96 ? 46  GLU A C   1 
ATOM   130  O O   . GLU A 1 17  ? 4.464   5.181   -7.792  1.00 22.65 ? 46  GLU A O   1 
ATOM   131  C CB  . GLU A 1 17  ? 2.500   5.938   -5.566  1.00 25.36 ? 46  GLU A CB  1 
ATOM   132  C CG  . GLU A 1 17  ? 1.843   5.772   -4.186  1.00 30.88 ? 46  GLU A CG  1 
ATOM   133  C CD  . GLU A 1 17  ? 0.845   6.870   -3.897  1.00 38.06 ? 46  GLU A CD  1 
ATOM   134  O OE1 . GLU A 1 17  ? 0.859   7.880   -4.629  1.00 41.92 ? 46  GLU A OE1 1 
ATOM   135  O OE2 . GLU A 1 17  ? 0.035   6.717   -2.953  1.00 42.90 ? 46  GLU A OE2 1 
ATOM   136  N N   . GLU A 1 18  ? 2.480   4.725   -8.771  1.00 20.03 ? 47  GLU A N   1 
ATOM   137  C CA  . GLU A 1 18  ? 2.957   4.962   -10.129 1.00 20.25 ? 47  GLU A CA  1 
ATOM   138  C C   . GLU A 1 18  ? 2.045   5.992   -10.790 1.00 24.25 ? 47  GLU A C   1 
ATOM   139  O O   . GLU A 1 18  ? 1.108   5.658   -11.515 1.00 25.05 ? 47  GLU A O   1 
ATOM   140  C CB  . GLU A 1 18  ? 3.026   3.641   -10.864 1.00 27.41 ? 47  GLU A CB  1 
ATOM   141  C CG  . GLU A 1 18  ? 3.988   2.702   -10.137 1.00 25.68 ? 47  GLU A CG  1 
ATOM   142  C CD  . GLU A 1 18  ? 4.052   1.302   -10.700 1.00 33.73 ? 47  GLU A CD  1 
ATOM   143  O OE1 . GLU A 1 18  ? 3.357   1.015   -11.691 1.00 29.10 ? 47  GLU A OE1 1 
ATOM   144  O OE2 . GLU A 1 18  ? 4.820   0.489   -10.144 1.00 33.09 ? 47  GLU A OE2 1 
ATOM   145  N N   . ILE A 1 19  ? 2.314   7.256   -10.476 1.00 26.87 ? 48  ILE A N   1 
ATOM   146  C CA  . ILE A 1 19  ? 1.679   8.419   -11.080 1.00 27.20 ? 48  ILE A CA  1 
ATOM   147  C C   . ILE A 1 19  ? 2.742   9.065   -11.953 1.00 32.70 ? 48  ILE A C   1 
ATOM   148  O O   . ILE A 1 19  ? 3.762   9.543   -11.443 1.00 40.05 ? 48  ILE A O   1 
ATOM   149  C CB  . ILE A 1 19  ? 1.179   9.411   -10.017 1.00 30.17 ? 48  ILE A CB  1 
ATOM   150  C CG1 . ILE A 1 19  ? 0.248   8.712   -9.020  1.00 27.10 ? 48  ILE A CG1 1 
ATOM   151  C CG2 . ILE A 1 19  ? 0.494   10.620  -10.678 1.00 27.42 ? 48  ILE A CG2 1 
ATOM   152  C CD1 . ILE A 1 19  ? 0.069   9.480   -7.708  1.00 31.25 ? 48  ILE A CD1 1 
ATOM   153  N N   . HIS A 1 20  ? 2.520   9.063   -13.260 1.00 29.92 ? 49  HIS A N   1 
ATOM   154  C CA  . HIS A 1 20  ? 3.521   9.528   -14.216 1.00 36.44 ? 49  HIS A CA  1 
ATOM   155  C C   . HIS A 1 20  ? 3.407   11.040  -14.423 1.00 35.83 ? 49  HIS A C   1 
ATOM   156  O O   . HIS A 1 20  ? 3.208   11.557  -15.524 1.00 36.62 ? 49  HIS A O   1 
ATOM   157  C CB  . HIS A 1 20  ? 3.375   8.743   -15.509 1.00 36.37 ? 49  HIS A CB  1 
ATOM   158  C CG  . HIS A 1 20  ? 3.132   7.282   -15.281 1.00 38.10 ? 49  HIS A CG  1 
ATOM   159  N ND1 . HIS A 1 20  ? 4.140   6.399   -14.956 1.00 35.91 ? 49  HIS A ND1 1 
ATOM   160  C CD2 . HIS A 1 20  ? 1.986   6.557   -15.292 1.00 39.66 ? 49  HIS A CD2 1 
ATOM   161  C CE1 . HIS A 1 20  ? 3.630   5.189   -14.795 1.00 40.13 ? 49  HIS A CE1 1 
ATOM   162  N NE2 . HIS A 1 20  ? 2.324   5.259   -14.989 1.00 39.52 ? 49  HIS A NE2 1 
ATOM   163  N N   . LYS A 1 21  ? 3.520   11.749  -13.304 1.00 34.55 ? 50  LYS A N   1 
ATOM   164  C CA  . LYS A 1 21  ? 3.566   13.206  -13.267 1.00 37.77 ? 50  LYS A CA  1 
ATOM   165  C C   . LYS A 1 21  ? 4.613   13.613  -12.248 1.00 35.61 ? 50  LYS A C   1 
ATOM   166  O O   . LYS A 1 21  ? 4.915   12.868  -11.319 1.00 33.51 ? 50  LYS A O   1 
ATOM   167  C CB  . LYS A 1 21  ? 2.216   13.824  -12.881 1.00 36.38 ? 50  LYS A CB  1 
ATOM   168  C CG  . LYS A 1 21  ? 1.058   13.403  -13.757 1.00 45.32 ? 50  LYS A CG  1 
ATOM   169  C CD  . LYS A 1 21  ? -0.265  13.803  -13.128 1.00 50.14 ? 50  LYS A CD  1 
ATOM   170  C CE  . LYS A 1 21  ? -1.425  13.063  -13.777 1.00 49.53 ? 50  LYS A CE  1 
ATOM   171  N NZ  . LYS A 1 21  ? -2.730  13.507  -13.209 1.00 55.55 ? 50  LYS A NZ  1 
ATOM   172  N N   . ASP A 1 22  ? 5.178   14.801  -12.424 1.00 36.03 ? 51  ASP A N   1 
ATOM   173  C CA  . ASP A 1 22  ? 6.074   15.325  -11.407 1.00 39.26 ? 51  ASP A CA  1 
ATOM   174  C C   . ASP A 1 22  ? 5.235   15.848  -10.251 1.00 36.16 ? 51  ASP A C   1 
ATOM   175  O O   . ASP A 1 22  ? 4.236   16.547  -10.458 1.00 37.05 ? 51  ASP A O   1 
ATOM   176  C CB  . ASP A 1 22  ? 6.987   16.412  -11.978 1.00 47.41 ? 51  ASP A CB  1 
ATOM   177  C CG  . ASP A 1 22  ? 8.047   15.849  -12.918 1.00 53.55 ? 51  ASP A CG  1 
ATOM   178  O OD1 . ASP A 1 22  ? 8.085   14.614  -13.092 1.00 52.19 ? 51  ASP A OD1 1 
ATOM   179  O OD2 . ASP A 1 22  ? 8.842   16.642  -13.465 1.00 59.53 ? 51  ASP A OD2 1 
ATOM   180  N N   . LEU A 1 23  ? 5.607   15.463  -9.038  1.00 31.75 ? 52  LEU A N   1 
ATOM   181  C CA  . LEU A 1 23  ? 4.779   15.717  -7.875  1.00 37.85 ? 52  LEU A CA  1 
ATOM   182  C C   . LEU A 1 23  ? 5.640   16.165  -6.713  1.00 29.63 ? 52  LEU A C   1 
ATOM   183  O O   . LEU A 1 23  ? 6.782   15.725  -6.563  1.00 29.16 ? 52  LEU A O   1 
ATOM   184  C CB  . LEU A 1 23  ? 3.997   14.464  -7.449  1.00 34.90 ? 52  LEU A CB  1 
ATOM   185  C CG  . LEU A 1 23  ? 3.061   13.858  -8.491  1.00 38.33 ? 52  LEU A CG  1 
ATOM   186  C CD1 . LEU A 1 23  ? 2.770   12.407  -8.136  1.00 40.67 ? 52  LEU A CD1 1 
ATOM   187  C CD2 . LEU A 1 23  ? 1.776   14.665  -8.575  1.00 29.38 ? 52  LEU A CD2 1 
ATOM   188  N N   . LEU A 1 24  ? 5.068   17.027  -5.874  1.00 29.37 ? 53  LEU A N   1 
ATOM   189  C CA  . LEU A 1 24  ? 5.514   17.153  -4.492  1.00 29.48 ? 53  LEU A CA  1 
ATOM   190  C C   . LEU A 1 24  ? 4.703   16.167  -3.664  1.00 26.76 ? 53  LEU A C   1 
ATOM   191  O O   . LEU A 1 24  ? 3.471   16.248  -3.624  1.00 27.63 ? 53  LEU A O   1 
ATOM   192  C CB  . LEU A 1 24  ? 5.325   18.572  -3.954  1.00 33.04 ? 53  LEU A CB  1 
ATOM   193  C CG  . LEU A 1 24  ? 5.679   18.736  -2.466  1.00 31.49 ? 53  LEU A CG  1 
ATOM   194  C CD1 . LEU A 1 24  ? 7.088   18.239  -2.190  1.00 32.46 ? 53  LEU A CD1 1 
ATOM   195  C CD2 . LEU A 1 24  ? 5.521   20.173  -2.024  1.00 34.41 ? 53  LEU A CD2 1 
ATOM   196  N N   . VAL A 1 25  ? 5.385   15.241  -3.006  1.00 27.88 ? 54  VAL A N   1 
ATOM   197  C CA  . VAL A 1 25  ? 4.731   14.277  -2.130  1.00 23.57 ? 54  VAL A CA  1 
ATOM   198  C C   . VAL A 1 25  ? 5.123   14.597  -0.694  1.00 26.28 ? 54  VAL A C   1 
ATOM   199  O O   . VAL A 1 25  ? 6.311   14.752  -0.389  1.00 26.64 ? 54  VAL A O   1 
ATOM   200  C CB  . VAL A 1 25  ? 5.110   12.836  -2.510  1.00 26.31 ? 54  VAL A CB  1 
ATOM   201  C CG1 . VAL A 1 25  ? 4.413   11.874  -1.578  1.00 27.84 ? 54  VAL A CG1 1 
ATOM   202  C CG2 . VAL A 1 25  ? 4.721   12.551  -3.943  1.00 25.28 ? 54  VAL A CG2 1 
ATOM   203  N N   . THR A 1 26  ? 4.128   14.725  0.177   1.00 25.46 ? 55  THR A N   1 
ATOM   204  C CA  . THR A 1 26  ? 4.364   14.919  1.599   1.00 28.15 ? 55  THR A CA  1 
ATOM   205  C C   . THR A 1 26  ? 3.631   13.848  2.389   1.00 27.27 ? 55  THR A C   1 
ATOM   206  O O   . THR A 1 26  ? 2.590   13.340  1.967   1.00 27.26 ? 55  THR A O   1 
ATOM   207  C CB  . THR A 1 26  ? 3.924   16.306  2.070   1.00 30.01 ? 55  THR A CB  1 
ATOM   208  O OG1 . THR A 1 26  ? 2.514   16.456  1.882   1.00 33.86 ? 55  THR A OG1 1 
ATOM   209  C CG2 . THR A 1 26  ? 4.658   17.386  1.289   1.00 31.33 ? 55  THR A CG2 1 
ATOM   210  N N   . GLY A 1 27  ? 4.178   13.503  3.543   1.00 24.23 ? 56  GLY A N   1 
ATOM   211  C CA  . GLY A 1 27  ? 3.585   12.434  4.318   1.00 23.78 ? 56  GLY A CA  1 
ATOM   212  C C   . GLY A 1 27  ? 3.822   12.633  5.794   1.00 26.37 ? 56  GLY A C   1 
ATOM   213  O O   . GLY A 1 27  ? 4.708   13.386  6.218   1.00 26.57 ? 56  GLY A O   1 
ATOM   214  N N   . ALA A 1 28  ? 3.003   11.946  6.576   1.00 20.56 ? 57  ALA A N   1 
ATOM   215  C CA  . ALA A 1 28  ? 3.133   11.913  8.021   1.00 24.18 ? 57  ALA A CA  1 
ATOM   216  C C   . ALA A 1 28  ? 2.809   10.502  8.469   1.00 23.13 ? 57  ALA A C   1 
ATOM   217  O O   . ALA A 1 28  ? 1.903   9.864   7.923   1.00 25.28 ? 57  ALA A O   1 
ATOM   218  C CB  . ALA A 1 28  ? 2.208   12.933  8.695   1.00 26.05 ? 57  ALA A CB  1 
ATOM   219  N N   . TYR A 1 29  ? 3.563   9.995   9.437   1.00 20.30 ? 58  TYR A N   1 
ATOM   220  C CA  . TYR A 1 29  ? 3.392   8.613   9.844   1.00 17.97 ? 58  TYR A CA  1 
ATOM   221  C C   . TYR A 1 29  ? 3.513   8.519   11.359  1.00 18.95 ? 58  TYR A C   1 
ATOM   222  O O   . TYR A 1 29  ? 4.148   9.354   12.004  1.00 20.17 ? 58  TYR A O   1 
ATOM   223  C CB  . TYR A 1 29  ? 4.424   7.704   9.172   1.00 16.84 ? 58  TYR A CB  1 
ATOM   224  C CG  . TYR A 1 29  ? 5.848   8.070   9.554   1.00 20.54 ? 58  TYR A CG  1 
ATOM   225  C CD1 . TYR A 1 29  ? 6.468   7.482   10.656  1.00 20.75 ? 58  TYR A CD1 1 
ATOM   226  C CD2 . TYR A 1 29  ? 6.560   9.018   8.823   1.00 22.20 ? 58  TYR A CD2 1 
ATOM   227  C CE1 . TYR A 1 29  ? 7.752   7.833   11.010  1.00 21.62 ? 58  TYR A CE1 1 
ATOM   228  C CE2 . TYR A 1 29  ? 7.836   9.378   9.180   1.00 24.86 ? 58  TYR A CE2 1 
ATOM   229  C CZ  . TYR A 1 29  ? 8.423   8.775   10.273  1.00 24.59 ? 58  TYR A CZ  1 
ATOM   230  O OH  . TYR A 1 29  ? 9.712   9.115   10.626  1.00 28.32 ? 58  TYR A OH  1 
ATOM   231  N N   . GLU A 1 30  ? 2.896   7.479   11.915  1.00 19.84 ? 59  GLU A N   1 
ATOM   232  C CA  . GLU A 1 30  ? 3.002   7.168   13.335  1.00 20.03 ? 59  GLU A CA  1 
ATOM   233  C C   . GLU A 1 30  ? 3.026   5.657   13.470  1.00 19.31 ? 59  GLU A C   1 
ATOM   234  O O   . GLU A 1 30  ? 2.159   4.970   12.914  1.00 20.46 ? 59  GLU A O   1 
ATOM   235  C CB  . GLU A 1 30  ? 1.835   7.769   14.130  1.00 21.33 ? 59  GLU A CB  1 
ATOM   236  C CG  . GLU A 1 30  ? 1.866   7.456   15.628  1.00 30.31 ? 59  GLU A CG  1 
ATOM   237  C CD  . GLU A 1 30  ? 0.890   8.323   16.427  1.00 39.60 ? 59  GLU A CD  1 
ATOM   238  O OE1 . GLU A 1 30  ? 0.150   9.104   15.801  1.00 33.81 ? 59  GLU A OE1 1 
ATOM   239  O OE2 . GLU A 1 30  ? 0.878   8.233   17.678  1.00 40.48 ? 59  GLU A OE2 1 
ATOM   240  N N   . ILE A 1 31  ? 4.062   5.143   14.133  1.00 20.34 ? 60  ILE A N   1 
ATOM   241  C CA  . ILE A 1 31  ? 4.234   3.719   14.393  1.00 19.17 ? 60  ILE A CA  1 
ATOM   242  C C   . ILE A 1 31  ? 4.030   3.507   15.888  1.00 25.19 ? 60  ILE A C   1 
ATOM   243  O O   . ILE A 1 31  ? 4.771   4.073   16.700  1.00 25.24 ? 60  ILE A O   1 
ATOM   244  C CB  . ILE A 1 31  ? 5.625   3.239   13.955  1.00 23.45 ? 60  ILE A CB  1 
ATOM   245  C CG1 . ILE A 1 31  ? 5.816   3.480   12.452  1.00 19.67 ? 60  ILE A CG1 1 
ATOM   246  C CG2 . ILE A 1 31  ? 5.830   1.784   14.371  1.00 23.94 ? 60  ILE A CG2 1 
ATOM   247  C CD1 . ILE A 1 31  ? 7.290   3.704   12.031  1.00 25.15 ? 60  ILE A CD1 1 
ATOM   248  N N   . THR A 1 32  ? 3.028   2.714   16.260  1.00 21.07 ? 61  THR A N   1 
ATOM   249  C CA  . THR A 1 32  ? 2.686   2.511   17.664  1.00 24.11 ? 61  THR A CA  1 
ATOM   250  C C   . THR A 1 32  ? 2.974   1.078   18.081  1.00 28.85 ? 61  THR A C   1 
ATOM   251  O O   . THR A 1 32  ? 2.602   0.120   17.388  1.00 23.71 ? 61  THR A O   1 
ATOM   252  C CB  . THR A 1 32  ? 1.222   2.855   17.958  1.00 31.20 ? 61  THR A CB  1 
ATOM   253  O OG1 . THR A 1 32  ? 0.361   1.937   17.281  1.00 33.51 ? 61  THR A OG1 1 
ATOM   254  C CG2 . THR A 1 32  ? 0.914   4.261   17.512  1.00 27.91 ? 61  THR A CG2 1 
ATOM   255  N N   . ASP A 1 33  ? 3.608   0.939   19.237  1.00 29.75 ? 62  ASP A N   1 
ATOM   256  C CA  . ASP A 1 33  ? 4.057   -0.347  19.752  1.00 29.98 ? 62  ASP A CA  1 
ATOM   257  C C   . ASP A 1 33  ? 3.636   -0.406  21.213  1.00 31.00 ? 62  ASP A C   1 
ATOM   258  O O   . ASP A 1 33  ? 4.137   0.370   22.030  1.00 33.51 ? 62  ASP A O   1 
ATOM   259  C CB  . ASP A 1 33  ? 5.571   -0.482  19.586  1.00 30.81 ? 62  ASP A CB  1 
ATOM   260  C CG  . ASP A 1 33  ? 6.171   -1.608  20.414  1.00 36.38 ? 62  ASP A CG  1 
ATOM   261  O OD1 . ASP A 1 33  ? 5.510   -2.646  20.644  1.00 32.99 ? 62  ASP A OD1 1 
ATOM   262  O OD2 . ASP A 1 33  ? 7.344   -1.441  20.820  1.00 32.05 ? 62  ASP A OD2 1 
ATOM   263  N N   . GLN A 1 34  ? 2.698   -1.300  21.528  1.00 28.80 ? 63  GLN A N   1 
ATOM   264  C CA  . GLN A 1 34  ? 2.194   -1.435  22.892  1.00 40.97 ? 63  GLN A CA  1 
ATOM   265  C C   . GLN A 1 34  ? 3.227   -2.027  23.838  1.00 37.96 ? 63  GLN A C   1 
ATOM   266  O O   . GLN A 1 34  ? 3.112   -1.858  25.056  1.00 34.41 ? 63  GLN A O   1 
ATOM   267  C CB  . GLN A 1 34  ? 0.941   -2.306  22.883  1.00 41.22 ? 63  GLN A CB  1 
ATOM   268  C CG  . GLN A 1 34  ? -0.241  -1.616  22.240  1.00 61.90 ? 63  GLN A CG  1 
ATOM   269  C CD  . GLN A 1 34  ? -1.472  -1.639  23.121  1.00 56.81 ? 63  GLN A CD  1 
ATOM   270  O OE1 . GLN A 1 34  ? -1.527  -0.952  24.137  1.00 54.72 ? 63  GLN A OE1 1 
ATOM   271  N NE2 . GLN A 1 34  ? -2.483  -2.387  22.713  1.00 58.14 ? 63  GLN A NE2 1 
ATOM   272  N N   . SER A 1 35  ? 4.223   -2.716  23.306  1.00 29.25 ? 64  SER A N   1 
ATOM   273  C CA  . SER A 1 35  ? 5.168   -3.462  24.123  1.00 31.61 ? 64  SER A CA  1 
ATOM   274  C C   . SER A 1 35  ? 6.339   -2.623  24.605  1.00 29.66 ? 64  SER A C   1 
ATOM   275  O O   . SER A 1 35  ? 7.189   -3.140  25.338  1.00 31.30 ? 64  SER A O   1 
ATOM   276  C CB  . SER A 1 35  ? 5.709   -4.649  23.337  1.00 28.93 ? 64  SER A CB  1 
ATOM   277  O OG  . SER A 1 35  ? 6.660   -4.186  22.393  1.00 26.41 ? 64  SER A OG  1 
ATOM   278  N N   . GLY A 1 36  ? 6.431   -1.364  24.194  1.00 27.77 ? 65  GLY A N   1 
ATOM   279  C CA  . GLY A 1 36  ? 7.569   -0.549  24.588  1.00 34.65 ? 65  GLY A CA  1 
ATOM   280  C C   . GLY A 1 36  ? 8.895   -1.067  24.075  1.00 29.02 ? 65  GLY A C   1 
ATOM   281  O O   . GLY A 1 36  ? 9.904   -1.006  24.792  1.00 28.54 ? 65  GLY A O   1 
ATOM   282  N N   . GLY A 1 37  ? 8.921   -1.578  22.847  1.00 26.60 ? 66  GLY A N   1 
ATOM   283  C CA  . GLY A 1 37  ? 10.167  -2.048  22.276  1.00 30.94 ? 66  GLY A CA  1 
ATOM   284  C C   . GLY A 1 37  ? 10.632  -3.392  22.787  1.00 28.90 ? 66  GLY A C   1 
ATOM   285  O O   . GLY A 1 37  ? 11.841  -3.652  22.804  1.00 28.74 ? 66  GLY A O   1 
ATOM   286  N N   . ALA A 1 38  ? 9.706   -4.260  23.202  1.00 22.94 ? 67  ALA A N   1 
ATOM   287  C CA  . ALA A 1 38  ? 10.085  -5.595  23.652  1.00 26.66 ? 67  ALA A CA  1 
ATOM   288  C C   . ALA A 1 38  ? 10.837  -6.356  22.565  1.00 32.38 ? 67  ALA A C   1 
ATOM   289  O O   . ALA A 1 38  ? 10.591  -6.192  21.363  1.00 25.28 ? 67  ALA A O   1 
ATOM   290  C CB  . ALA A 1 38  ? 8.854   -6.390  24.080  1.00 27.45 ? 67  ALA A CB  1 
ATOM   291  N N   . GLY A 1 39  ? 11.784  -7.190  23.000  1.00 26.64 ? 68  GLY A N   1 
ATOM   292  C CA  . GLY A 1 39  ? 12.573  -7.963  22.059  1.00 26.64 ? 68  GLY A CA  1 
ATOM   293  C C   . GLY A 1 39  ? 13.463  -7.138  21.154  1.00 28.67 ? 68  GLY A C   1 
ATOM   294  O O   . GLY A 1 39  ? 13.856  -7.609  20.080  1.00 27.14 ? 68  GLY A O   1 
ATOM   295  N N   . GLY A 1 40  ? 13.794  -5.916  21.554  1.00 25.03 ? 69  GLY A N   1 
ATOM   296  C CA  . GLY A 1 40  ? 14.622  -5.074  20.717  1.00 29.39 ? 69  GLY A CA  1 
ATOM   297  C C   . GLY A 1 40  ? 13.907  -4.559  19.488  1.00 29.15 ? 69  GLY A C   1 
ATOM   298  O O   . GLY A 1 40  ? 14.563  -4.141  18.530  1.00 30.40 ? 69  GLY A O   1 
ATOM   299  N N   . LEU A 1 41  ? 12.574  -4.586  19.496  1.00 25.54 ? 70  LEU A N   1 
ATOM   300  C CA  . LEU A 1 41  ? 11.785  -4.192  18.330  1.00 26.32 ? 70  LEU A CA  1 
ATOM   301  C C   . LEU A 1 41  ? 12.157  -2.798  17.851  1.00 29.44 ? 70  LEU A C   1 
ATOM   302  O O   . LEU A 1 41  ? 12.272  -1.866  18.651  1.00 28.79 ? 70  LEU A O   1 
ATOM   303  C CB  . LEU A 1 41  ? 10.299  -4.254  18.681  1.00 25.79 ? 70  LEU A CB  1 
ATOM   304  C CG  . LEU A 1 41  ? 9.319   -3.890  17.571  1.00 30.33 ? 70  LEU A CG  1 
ATOM   305  C CD1 . LEU A 1 41  ? 9.479   -4.875  16.440  1.00 25.54 ? 70  LEU A CD1 1 
ATOM   306  C CD2 . LEU A 1 41  ? 7.884   -3.882  18.120  1.00 31.75 ? 70  LEU A CD2 1 
ATOM   307  N N   . ARG A 1 42  ? 12.347  -2.663  16.536  1.00 28.37 ? 71  ARG A N   1 
ATOM   308  C CA  . ARG A 1 42  ? 12.613  -1.384  15.889  1.00 28.29 ? 71  ARG A CA  1 
ATOM   309  C C   . ARG A 1 42  ? 12.021  -1.432  14.488  1.00 24.07 ? 71  ARG A C   1 
ATOM   310  O O   . ARG A 1 42  ? 11.837  -2.511  13.917  1.00 24.91 ? 71  ARG A O   1 
ATOM   311  C CB  . ARG A 1 42  ? 14.108  -1.074  15.809  1.00 29.11 ? 71  ARG A CB  1 
ATOM   312  C CG  . ARG A 1 42  ? 14.910  -2.109  15.027  1.00 30.37 ? 71  ARG A CG  1 
ATOM   313  C CD  . ARG A 1 42  ? 16.056  -2.666  15.868  1.00 40.08 ? 71  ARG A CD  1 
ATOM   314  N NE  . ARG A 1 42  ? 16.841  -3.667  15.146  1.00 37.71 ? 71  ARG A NE  1 
ATOM   315  C CZ  . ARG A 1 42  ? 16.874  -4.961  15.448  1.00 40.54 ? 71  ARG A CZ  1 
ATOM   316  N NH1 . ARG A 1 42  ? 16.167  -5.433  16.472  1.00 34.77 ? 71  ARG A NH1 1 
ATOM   317  N NH2 . ARG A 1 42  ? 17.628  -5.785  14.728  1.00 41.99 ? 71  ARG A NH2 1 
ATOM   318  N N   . THR A 1 43  ? 11.754  -0.257  13.925  1.00 19.64 ? 72  THR A N   1 
ATOM   319  C CA  . THR A 1 43  ? 11.090  -0.162  12.627  1.00 15.47 ? 72  THR A CA  1 
ATOM   320  C C   . THR A 1 43  ? 11.834  0.841   11.765  1.00 20.64 ? 72  THR A C   1 
ATOM   321  O O   . THR A 1 43  ? 12.205  1.920   12.238  1.00 25.08 ? 72  THR A O   1 
ATOM   322  C CB  . THR A 1 43  ? 9.619   0.271   12.778  1.00 20.09 ? 72  THR A CB  1 
ATOM   323  O OG1 . THR A 1 43  ? 9.003   -0.567  13.762  1.00 28.89 ? 72  THR A OG1 1 
ATOM   324  C CG2 . THR A 1 43  ? 8.871   0.151   11.439  1.00 20.45 ? 72  THR A CG2 1 
ATOM   325  N N   . HIS A 1 44  ? 12.079  0.470   10.513  1.00 24.82 ? 73  HIS A N   1 
ATOM   326  C CA  . HIS A 1 44  ? 12.764  1.338   9.567   1.00 19.38 ? 73  HIS A CA  1 
ATOM   327  C C   . HIS A 1 44  ? 11.776  1.760   8.490   1.00 22.75 ? 73  HIS A C   1 
ATOM   328  O O   . HIS A 1 44  ? 10.906  0.977   8.105   1.00 21.73 ? 73  HIS A O   1 
ATOM   329  C CB  . HIS A 1 44  ? 13.968  0.621   8.944   1.00 29.50 ? 73  HIS A CB  1 
ATOM   330  C CG  . HIS A 1 44  ? 14.928  0.081   9.961   1.00 37.44 ? 73  HIS A CG  1 
ATOM   331  N ND1 . HIS A 1 44  ? 15.310  0.799   11.074  1.00 40.87 ? 73  HIS A ND1 1 
ATOM   332  C CD2 . HIS A 1 44  ? 15.561  -1.113  10.049  1.00 48.83 ? 73  HIS A CD2 1 
ATOM   333  C CE1 . HIS A 1 44  ? 16.139  0.074   11.803  1.00 44.28 ? 73  HIS A CE1 1 
ATOM   334  N NE2 . HIS A 1 44  ? 16.317  -1.088  11.197  1.00 46.73 ? 73  HIS A NE2 1 
ATOM   335  N N   . LEU A 1 45  ? 11.893  3.007   8.039   1.00 19.62 ? 74  LEU A N   1 
ATOM   336  C CA  . LEU A 1 45  ? 11.078  3.547   6.958   1.00 22.19 ? 74  LEU A CA  1 
ATOM   337  C C   . LEU A 1 45  ? 12.001  3.910   5.806   1.00 25.48 ? 74  LEU A C   1 
ATOM   338  O O   . LEU A 1 45  ? 13.031  4.558   6.016   1.00 23.95 ? 74  LEU A O   1 
ATOM   339  C CB  . LEU A 1 45  ? 10.291  4.771   7.424   1.00 21.96 ? 74  LEU A CB  1 
ATOM   340  C CG  . LEU A 1 45  ? 9.667   5.698   6.374   1.00 26.86 ? 74  LEU A CG  1 
ATOM   341  C CD1 . LEU A 1 45  ? 8.699   4.945   5.483   1.00 23.94 ? 74  LEU A CD1 1 
ATOM   342  C CD2 . LEU A 1 45  ? 8.958   6.850   7.080   1.00 29.18 ? 74  LEU A CD2 1 
ATOM   343  N N   . LYS A 1 46  ? 11.658  3.455   4.604   1.00 18.38 ? 75  LYS A N   1 
ATOM   344  C CA  . LYS A 1 46  ? 12.497  3.695   3.442   1.00 19.10 ? 75  LYS A CA  1 
ATOM   345  C C   . LYS A 1 46  ? 11.606  3.997   2.254   1.00 19.79 ? 75  LYS A C   1 
ATOM   346  O O   . LYS A 1 46  ? 10.706  3.211   1.945   1.00 18.58 ? 75  LYS A O   1 
ATOM   347  C CB  . LYS A 1 46  ? 13.371  2.482   3.140   1.00 20.99 ? 75  LYS A CB  1 
ATOM   348  C CG  . LYS A 1 46  ? 14.461  2.721   2.118   1.00 28.12 ? 75  LYS A CG  1 
ATOM   349  C CD  . LYS A 1 46  ? 15.076  1.379   1.786   1.00 35.07 ? 75  LYS A CD  1 
ATOM   350  C CE  . LYS A 1 46  ? 16.531  1.483   1.433   1.00 46.03 ? 75  LYS A CE  1 
ATOM   351  N NZ  . LYS A 1 46  ? 17.119  0.113   1.421   1.00 51.40 ? 75  LYS A NZ  1 
ATOM   352  N N   . ILE A 1 47  ? 11.861  5.127   1.601   1.00 19.98 ? 76  ILE A N   1 
ATOM   353  C CA  . ILE A 1 47  ? 11.151  5.538   0.389   1.00 18.74 ? 76  ILE A CA  1 
ATOM   354  C C   . ILE A 1 47  ? 12.149  5.528   -0.759  1.00 21.23 ? 76  ILE A C   1 
ATOM   355  O O   . ILE A 1 47  ? 13.198  6.182   -0.677  1.00 23.22 ? 76  ILE A O   1 
ATOM   356  C CB  . ILE A 1 47  ? 10.499  6.918   0.561   1.00 20.94 ? 76  ILE A CB  1 
ATOM   357  C CG1 . ILE A 1 47  ? 9.579   6.892   1.788   1.00 19.96 ? 76  ILE A CG1 1 
ATOM   358  C CG2 . ILE A 1 47  ? 9.741   7.325   -0.713  1.00 20.21 ? 76  ILE A CG2 1 
ATOM   359  C CD1 . ILE A 1 47  ? 8.820   8.164   2.058   1.00 22.98 ? 76  ILE A CD1 1 
ATOM   360  N N   . THR A 1 48  ? 11.839  4.774   -1.819  1.00 18.68 ? 77  THR A N   1 
ATOM   361  C CA  . THR A 1 48  ? 12.750  4.574   -2.942  1.00 22.90 ? 77  THR A CA  1 
ATOM   362  C C   . THR A 1 48  ? 12.023  4.761   -4.265  1.00 24.13 ? 77  THR A C   1 
ATOM   363  O O   . THR A 1 48  ? 10.830  4.478   -4.383  1.00 21.21 ? 77  THR A O   1 
ATOM   364  C CB  . THR A 1 48  ? 13.351  3.168   -2.956  1.00 24.43 ? 77  THR A CB  1 
ATOM   365  O OG1 . THR A 1 48  ? 12.295  2.205   -2.994  1.00 31.24 ? 77  THR A OG1 1 
ATOM   366  C CG2 . THR A 1 48  ? 14.211  2.921   -1.722  1.00 26.14 ? 77  THR A CG2 1 
ATOM   367  N N   . ASP A 1 49  ? 12.762  5.201   -5.280  1.00 22.46 ? 78  ASP A N   1 
ATOM   368  C CA  . ASP A 1 49  ? 12.210  5.255   -6.622  1.00 25.53 ? 78  ASP A CA  1 
ATOM   369  C C   . ASP A 1 49  ? 12.432  3.919   -7.333  1.00 24.41 ? 78  ASP A C   1 
ATOM   370  O O   . ASP A 1 49  ? 12.985  2.969   -6.775  1.00 30.09 ? 78  ASP A O   1 
ATOM   371  C CB  . ASP A 1 49  ? 12.786  6.438   -7.410  1.00 27.99 ? 78  ASP A CB  1 
ATOM   372  C CG  . ASP A 1 49  ? 14.284  6.323   -7.664  1.00 29.24 ? 78  ASP A CG  1 
ATOM   373  O OD1 . ASP A 1 49  ? 14.825  5.213   -7.663  1.00 30.20 ? 78  ASP A OD1 1 
ATOM   374  O OD2 . ASP A 1 49  ? 14.920  7.368   -7.898  1.00 35.49 ? 78  ASP A OD2 1 
ATOM   375  N N   . SER A 1 50  ? 11.997  3.839   -8.596  1.00 27.52 ? 79  SER A N   1 
ATOM   376  C CA  . SER A 1 50  ? 12.018  2.554   -9.286  1.00 29.30 ? 79  SER A CA  1 
ATOM   377  C C   . SER A 1 50  ? 13.434  2.070   -9.576  1.00 35.23 ? 79  SER A C   1 
ATOM   378  O O   . SER A 1 50  ? 13.628  0.875   -9.831  1.00 37.26 ? 79  SER A O   1 
ATOM   379  C CB  . SER A 1 50  ? 11.180  2.642   -10.567 1.00 32.66 ? 79  SER A CB  1 
ATOM   380  O OG  . SER A 1 50  ? 11.352  3.885   -11.214 1.00 36.65 ? 79  SER A OG  1 
ATOM   381  N N   . ALA A 1 51  ? 14.431  2.951   -9.492  1.00 32.82 ? 80  ALA A N   1 
ATOM   382  C CA  . ALA A 1 51  ? 15.826  2.565   -9.648  1.00 35.69 ? 80  ALA A CA  1 
ATOM   383  C C   . ALA A 1 51  ? 16.522  2.333   -8.311  1.00 39.45 ? 80  ALA A C   1 
ATOM   384  O O   . ALA A 1 51  ? 17.747  2.193   -8.276  1.00 40.61 ? 80  ALA A O   1 
ATOM   385  C CB  . ALA A 1 51  ? 16.573  3.625   -10.458 1.00 37.76 ? 80  ALA A CB  1 
ATOM   386  N N   . GLY A 1 52  ? 15.774  2.297   -7.210  1.00 29.98 ? 81  GLY A N   1 
ATOM   387  C CA  . GLY A 1 52  ? 16.351  2.041   -5.911  1.00 30.90 ? 81  GLY A CA  1 
ATOM   388  C C   . GLY A 1 52  ? 17.035  3.217   -5.247  1.00 27.87 ? 81  GLY A C   1 
ATOM   389  O O   . GLY A 1 52  ? 17.609  3.032   -4.166  1.00 35.05 ? 81  GLY A O   1 
ATOM   390  N N   . HIS A 1 53  ? 17.010  4.407   -5.848  1.00 26.56 ? 82  HIS A N   1 
ATOM   391  C CA  . HIS A 1 53  ? 17.517  5.588   -5.160  1.00 27.87 ? 82  HIS A CA  1 
ATOM   392  C C   . HIS A 1 53  ? 16.658  5.874   -3.940  1.00 29.33 ? 82  HIS A C   1 
ATOM   393  O O   . HIS A 1 53  ? 15.429  5.796   -4.004  1.00 27.84 ? 82  HIS A O   1 
ATOM   394  C CB  . HIS A 1 53  ? 17.493  6.816   -6.069  1.00 32.14 ? 82  HIS A CB  1 
ATOM   395  C CG  . HIS A 1 53  ? 18.254  6.651   -7.346  1.00 40.11 ? 82  HIS A CG  1 
ATOM   396  N ND1 . HIS A 1 53  ? 17.673  6.846   -8.582  1.00 37.54 ? 82  HIS A ND1 1 
ATOM   397  C CD2 . HIS A 1 53  ? 19.551  6.343   -7.581  1.00 40.25 ? 82  HIS A CD2 1 
ATOM   398  C CE1 . HIS A 1 53  ? 18.578  6.645   -9.525  1.00 41.50 ? 82  HIS A CE1 1 
ATOM   399  N NE2 . HIS A 1 53  ? 19.725  6.341   -8.945  1.00 43.06 ? 82  HIS A NE2 1 
ATOM   400  N N   . ILE A 1 54  ? 17.304  6.246   -2.839  1.00 26.30 ? 83  ILE A N   1 
ATOM   401  C CA  . ILE A 1 54  ? 16.606  6.555   -1.599  1.00 25.49 ? 83  ILE A CA  1 
ATOM   402  C C   . ILE A 1 54  ? 16.118  7.998   -1.638  1.00 33.97 ? 83  ILE A C   1 
ATOM   403  O O   . ILE A 1 54  ? 16.915  8.942   -1.693  1.00 33.58 ? 83  ILE A O   1 
ATOM   404  C CB  . ILE A 1 54  ? 17.495  6.293   -0.377  1.00 28.87 ? 83  ILE A CB  1 
ATOM   405  C CG1 . ILE A 1 54  ? 17.789  4.792   -0.292  1.00 28.36 ? 83  ILE A CG1 1 
ATOM   406  C CG2 . ILE A 1 54  ? 16.803  6.792   0.890   1.00 29.16 ? 83  ILE A CG2 1 
ATOM   407  C CD1 . ILE A 1 54  ? 18.768  4.393   0.781   1.00 38.41 ? 83  ILE A CD1 1 
ATOM   408  N N   . LEU A 1 55  ? 14.802  8.168   -1.625  1.00 23.29 ? 84  LEU A N   1 
ATOM   409  C CA  . LEU A 1 55  ? 14.189  9.490   -1.550  1.00 24.98 ? 84  LEU A CA  1 
ATOM   410  C C   . LEU A 1 55  ? 14.054  9.980   -0.121  1.00 31.39 ? 84  LEU A C   1 
ATOM   411  O O   . LEU A 1 55  ? 14.023  11.197  0.109   1.00 27.94 ? 84  LEU A O   1 
ATOM   412  C CB  . LEU A 1 55  ? 12.807  9.477   -2.208  1.00 25.57 ? 84  LEU A CB  1 
ATOM   413  C CG  . LEU A 1 55  ? 12.831  8.956   -3.648  1.00 32.43 ? 84  LEU A CG  1 
ATOM   414  C CD1 . LEU A 1 55  ? 11.425  8.686   -4.178  1.00 26.67 ? 84  LEU A CD1 1 
ATOM   415  C CD2 . LEU A 1 55  ? 13.564  9.956   -4.531  1.00 38.31 ? 84  LEU A CD2 1 
ATOM   416  N N   . TYR A 1 56  ? 13.932  9.057   0.832   1.00 25.36 ? 85  TYR A N   1 
ATOM   417  C CA  . TYR A 1 56  ? 13.868  9.358   2.253   1.00 25.33 ? 85  TYR A CA  1 
ATOM   418  C C   . TYR A 1 56  ? 14.068  8.063   3.024   1.00 26.82 ? 85  TYR A C   1 
ATOM   419  O O   . TYR A 1 56  ? 13.616  7.002   2.589   1.00 25.76 ? 85  TYR A O   1 
ATOM   420  C CB  . TYR A 1 56  ? 12.528  10.005  2.637   1.00 24.52 ? 85  TYR A CB  1 
ATOM   421  C CG  . TYR A 1 56  ? 12.434  10.321  4.113   1.00 29.95 ? 85  TYR A CG  1 
ATOM   422  C CD1 . TYR A 1 56  ? 12.961  11.500  4.617   1.00 32.32 ? 85  TYR A CD1 1 
ATOM   423  C CD2 . TYR A 1 56  ? 11.844  9.428   5.003   1.00 32.01 ? 85  TYR A CD2 1 
ATOM   424  C CE1 . TYR A 1 56  ? 12.898  11.791  5.974   1.00 37.75 ? 85  TYR A CE1 1 
ATOM   425  C CE2 . TYR A 1 56  ? 11.774  9.716   6.364   1.00 31.54 ? 85  TYR A CE2 1 
ATOM   426  C CZ  . TYR A 1 56  ? 12.304  10.898  6.837   1.00 37.53 ? 85  TYR A CZ  1 
ATOM   427  O OH  . TYR A 1 56  ? 12.250  11.196  8.182   1.00 42.70 ? 85  TYR A OH  1 
ATOM   428  N N   . ALA A 1 57  ? 14.761  8.144   4.154   1.00 26.99 ? 86  ALA A N   1 
ATOM   429  C CA  . ALA A 1 57  ? 14.916  6.966   4.995   1.00 23.52 ? 86  ALA A CA  1 
ATOM   430  C C   . ALA A 1 57  ? 14.980  7.414   6.445   1.00 25.75 ? 86  ALA A C   1 
ATOM   431  O O   . ALA A 1 57  ? 15.520  8.480   6.749   1.00 28.09 ? 86  ALA A O   1 
ATOM   432  C CB  . ALA A 1 57  ? 16.163  6.152   4.636   1.00 27.37 ? 86  ALA A CB  1 
ATOM   433  N N   . LYS A 1 58  ? 14.407  6.600   7.324   1.00 25.38 ? 87  LYS A N   1 
ATOM   434  C CA  . LYS A 1 58  ? 14.479  6.810   8.769   1.00 25.21 ? 87  LYS A CA  1 
ATOM   435  C C   . LYS A 1 58  ? 14.755  5.465   9.414   1.00 30.20 ? 87  LYS A C   1 
ATOM   436  O O   . LYS A 1 58  ? 13.937  4.542   9.322   1.00 27.58 ? 87  LYS A O   1 
ATOM   437  C CB  . LYS A 1 58  ? 13.192  7.425   9.309   1.00 30.71 ? 87  LYS A CB  1 
ATOM   438  C CG  . LYS A 1 58  ? 13.200  7.696   10.819  1.00 30.30 ? 87  LYS A CG  1 
ATOM   439  C CD  . LYS A 1 58  ? 14.126  8.855   11.178  1.00 34.97 ? 87  LYS A CD  1 
ATOM   440  C CE  . LYS A 1 58  ? 14.079  9.167   12.673  1.00 36.82 ? 87  LYS A CE  1 
ATOM   441  N NZ  . LYS A 1 58  ? 14.704  10.494  12.949  1.00 41.19 ? 87  LYS A NZ  1 
ATOM   442  N N   . GLU A 1 59  ? 15.922  5.337   10.038  1.00 30.77 ? 88  GLU A N   1 
ATOM   443  C CA  . GLU A 1 59  ? 16.170  4.194   10.893  1.00 35.71 ? 88  GLU A CA  1 
ATOM   444  C C   . GLU A 1 59  ? 15.559  4.487   12.256  1.00 31.90 ? 88  GLU A C   1 
ATOM   445  O O   . GLU A 1 59  ? 15.504  5.644   12.687  1.00 34.88 ? 88  GLU A O   1 
ATOM   446  C CB  . GLU A 1 59  ? 17.674  3.924   11.005  1.00 42.74 ? 88  GLU A CB  1 
ATOM   447  C CG  . GLU A 1 59  ? 18.357  3.714   9.648   1.00 53.96 ? 88  GLU A CG  1 
ATOM   448  C CD  . GLU A 1 59  ? 18.301  2.269   9.170   1.00 56.37 ? 88  GLU A CD  1 
ATOM   449  O OE1 . GLU A 1 59  ? 18.623  2.014   7.992   1.00 57.70 ? 88  GLU A OE1 1 
ATOM   450  O OE2 . GLU A 1 59  ? 17.945  1.404   9.985   1.00 61.34 ? 88  GLU A OE2 1 
ATOM   451  N N   . ASP A 1 60  ? 15.074  3.443   12.920  1.00 34.83 ? 89  ASP A N   1 
ATOM   452  C CA  . ASP A 1 60  ? 14.371  3.586   14.196  1.00 31.47 ? 89  ASP A CA  1 
ATOM   453  C C   . ASP A 1 60  ? 13.294  4.669   14.093  1.00 32.85 ? 89  ASP A C   1 
ATOM   454  O O   . ASP A 1 60  ? 13.300  5.672   14.810  1.00 31.09 ? 89  ASP A O   1 
ATOM   455  C CB  . ASP A 1 60  ? 15.345  3.897   15.340  1.00 36.62 ? 89  ASP A CB  1 
ATOM   456  C CG  . ASP A 1 60  ? 16.560  2.987   15.342  1.00 47.48 ? 89  ASP A CG  1 
ATOM   457  O OD1 . ASP A 1 60  ? 16.411  1.771   15.090  1.00 47.57 ? 89  ASP A OD1 1 
ATOM   458  O OD2 . ASP A 1 60  ? 17.673  3.496   15.600  1.00 53.56 ? 89  ASP A OD2 1 
ATOM   459  N N   . ALA A 1 61  ? 12.373  4.456   13.156  1.00 27.77 ? 90  ALA A N   1 
ATOM   460  C CA  . ALA A 1 61  ? 11.273  5.382   12.946  1.00 27.74 ? 90  ALA A CA  1 
ATOM   461  C C   . ALA A 1 61  ? 10.226  5.253   14.043  1.00 29.52 ? 90  ALA A C   1 
ATOM   462  O O   . ALA A 1 61  ? 9.958   4.159   14.549  1.00 23.43 ? 90  ALA A O   1 
ATOM   463  C CB  . ALA A 1 61  ? 10.623  5.118   11.592  1.00 21.83 ? 90  ALA A CB  1 
ATOM   464  N N   . THR A 1 62  ? 9.622   6.389   14.405  1.00 23.06 ? 91  THR A N   1 
ATOM   465  C CA  . THR A 1 62  ? 8.524   6.389   15.368  1.00 23.05 ? 91  THR A CA  1 
ATOM   466  C C   . THR A 1 62  ? 7.356   7.214   14.846  1.00 25.25 ? 91  THR A C   1 
ATOM   467  O O   . THR A 1 62  ? 6.349   6.666   14.384  1.00 24.73 ? 91  THR A O   1 
ATOM   468  C CB  . THR A 1 62  ? 8.988   6.917   16.737  1.00 32.85 ? 91  THR A CB  1 
ATOM   469  O OG1 . THR A 1 62  ? 9.644   8.180   16.571  1.00 27.69 ? 91  THR A OG1 1 
ATOM   470  C CG2 . THR A 1 62  ? 9.957   5.937   17.415  1.00 31.35 ? 91  THR A CG2 1 
ATOM   471  N N   . LYS A 1 63  ? 7.485   8.533   14.919  1.00 23.05 ? 92  LYS A N   1 
ATOM   472  C CA  . LYS A 1 63  ? 6.470   9.473   14.467  1.00 24.37 ? 92  LYS A CA  1 
ATOM   473  C C   . LYS A 1 63  ? 7.201   10.610  13.769  1.00 28.64 ? 92  LYS A C   1 
ATOM   474  O O   . LYS A 1 63  ? 8.205   11.108  14.286  1.00 30.46 ? 92  LYS A O   1 
ATOM   475  C CB  . LYS A 1 63  ? 5.644   9.981   15.661  1.00 31.43 ? 92  LYS A CB  1 
ATOM   476  C CG  . LYS A 1 63  ? 4.472   10.876  15.324  1.00 38.26 ? 92  LYS A CG  1 
ATOM   477  C CD  . LYS A 1 63  ? 3.722   11.275  16.586  1.00 43.98 ? 92  LYS A CD  1 
ATOM   478  C CE  . LYS A 1 63  ? 2.545   12.186  16.261  1.00 40.84 ? 92  LYS A CE  1 
ATOM   479  N NZ  . LYS A 1 63  ? 1.776   12.572  17.480  1.00 53.93 ? 92  LYS A NZ  1 
ATOM   480  N N   . GLY A 1 64  ? 6.722   11.022  12.604  1.00 24.29 ? 93  GLY A N   1 
ATOM   481  C CA  . GLY A 1 64  ? 7.443   12.050  11.885  1.00 25.73 ? 93  GLY A CA  1 
ATOM   482  C C   . GLY A 1 64  ? 6.786   12.368  10.564  1.00 26.43 ? 93  GLY A C   1 
ATOM   483  O O   . GLY A 1 64  ? 5.656   11.953  10.287  1.00 23.18 ? 93  GLY A O   1 
ATOM   484  N N   . LYS A 1 65  ? 7.531   13.114  9.751   1.00 27.00 ? 94  LYS A N   1 
ATOM   485  C CA  . LYS A 1 65  ? 7.060   13.636  8.474   1.00 26.39 ? 94  LYS A CA  1 
ATOM   486  C C   . LYS A 1 65  ? 8.141   13.417  7.428   1.00 27.09 ? 94  LYS A C   1 
ATOM   487  O O   . LYS A 1 65  ? 9.313   13.225  7.754   1.00 28.41 ? 94  LYS A O   1 
ATOM   488  C CB  . LYS A 1 65  ? 6.723   15.137  8.556   1.00 32.60 ? 94  LYS A CB  1 
ATOM   489  C CG  . LYS A 1 65  ? 5.858   15.531  9.746   1.00 32.72 ? 94  LYS A CG  1 
ATOM   490  C CD  . LYS A 1 65  ? 4.441   15.872  9.343   1.00 46.77 ? 94  LYS A CD  1 
ATOM   491  C CE  . LYS A 1 65  ? 3.774   16.777  10.379  1.00 48.53 ? 94  LYS A CE  1 
ATOM   492  N NZ  . LYS A 1 65  ? 2.324   16.450  10.561  1.00 56.05 ? 94  LYS A NZ  1 
ATOM   493  N N   . PHE A 1 66  ? 7.744   13.452  6.154   1.00 26.21 ? 95  PHE A N   1 
ATOM   494  C CA  . PHE A 1 66  ? 8.709   13.387  5.070   1.00 24.25 ? 95  PHE A CA  1 
ATOM   495  C C   . PHE A 1 66  ? 8.178   14.191  3.895   1.00 28.59 ? 95  PHE A C   1 
ATOM   496  O O   . PHE A 1 66  ? 6.996   14.547  3.847   1.00 27.08 ? 95  PHE A O   1 
ATOM   497  C CB  . PHE A 1 66  ? 9.031   11.944  4.647   1.00 25.47 ? 95  PHE A CB  1 
ATOM   498  C CG  . PHE A 1 66  ? 7.828   11.123  4.238   1.00 24.56 ? 95  PHE A CG  1 
ATOM   499  C CD1 . PHE A 1 66  ? 7.279   11.237  2.971   1.00 25.32 ? 95  PHE A CD1 1 
ATOM   500  C CD2 . PHE A 1 66  ? 7.268   10.204  5.126   1.00 25.54 ? 95  PHE A CD2 1 
ATOM   501  C CE1 . PHE A 1 66  ? 6.189   10.480  2.598   1.00 27.53 ? 95  PHE A CE1 1 
ATOM   502  C CE2 . PHE A 1 66  ? 6.185   9.429   4.753   1.00 25.35 ? 95  PHE A CE2 1 
ATOM   503  C CZ  . PHE A 1 66  ? 5.637   9.572   3.489   1.00 22.08 ? 95  PHE A CZ  1 
ATOM   504  N N   . ALA A 1 67  ? 9.080   14.475  2.953   1.00 30.64 ? 96  ALA A N   1 
ATOM   505  C CA  . ALA A 1 67  ? 8.743   15.144  1.703   1.00 34.86 ? 96  ALA A CA  1 
ATOM   506  C C   . ALA A 1 67  ? 9.814   14.835  0.665   1.00 38.80 ? 96  ALA A C   1 
ATOM   507  O O   . ALA A 1 67  ? 10.993  14.664  0.989   1.00 36.43 ? 96  ALA A O   1 
ATOM   508  C CB  . ALA A 1 67  ? 8.600   16.657  1.893   1.00 39.08 ? 96  ALA A CB  1 
ATOM   509  N N   . PHE A 1 68  ? 9.388   14.763  -0.590  1.00 34.24 ? 97  PHE A N   1 
ATOM   510  C CA  . PHE A 1 68  ? 10.274  14.515  -1.716  1.00 37.43 ? 97  PHE A CA  1 
ATOM   511  C C   . PHE A 1 68  ? 9.520   14.867  -2.990  1.00 40.82 ? 97  PHE A C   1 
ATOM   512  O O   . PHE A 1 68  ? 8.286   14.850  -3.018  1.00 38.89 ? 97  PHE A O   1 
ATOM   513  C CB  . PHE A 1 68  ? 10.755  13.055  -1.756  1.00 39.05 ? 97  PHE A CB  1 
ATOM   514  C CG  . PHE A 1 68  ? 9.641   12.047  -1.884  1.00 34.42 ? 97  PHE A CG  1 
ATOM   515  C CD1 . PHE A 1 68  ? 9.267   11.568  -3.128  1.00 33.51 ? 97  PHE A CD1 1 
ATOM   516  C CD2 . PHE A 1 68  ? 8.978   11.569  -0.754  1.00 30.80 ? 97  PHE A CD2 1 
ATOM   517  C CE1 . PHE A 1 68  ? 8.251   10.652  -3.262  1.00 30.42 ? 97  PHE A CE1 1 
ATOM   518  C CE2 . PHE A 1 68  ? 7.963   10.639  -0.883  1.00 26.67 ? 97  PHE A CE2 1 
ATOM   519  C CZ  . PHE A 1 68  ? 7.595   10.186  -2.124  1.00 27.33 ? 97  PHE A CZ  1 
ATOM   520  N N   . THR A 1 69  ? 10.271  15.201  -4.032  1.00 39.11 ? 98  THR A N   1 
ATOM   521  C CA  . THR A 1 69  ? 9.724   15.406  -5.363  1.00 37.25 ? 98  THR A CA  1 
ATOM   522  C C   . THR A 1 69  ? 10.100  14.229  -6.249  1.00 40.39 ? 98  THR A C   1 
ATOM   523  O O   . THR A 1 69  ? 11.027  13.471  -5.952  1.00 46.79 ? 98  THR A O   1 
ATOM   524  C CB  . THR A 1 69  ? 10.245  16.706  -5.985  1.00 40.07 ? 98  THR A CB  1 
ATOM   525  O OG1 . THR A 1 69  ? 11.660  16.589  -6.186  1.00 46.85 ? 98  THR A OG1 1 
ATOM   526  C CG2 . THR A 1 69  ? 9.965   17.870  -5.074  1.00 34.24 ? 98  THR A CG2 1 
ATOM   527  N N   . THR A 1 70  ? 9.379   14.085  -7.353  1.00 36.76 ? 99  THR A N   1 
ATOM   528  C CA  . THR A 1 70  ? 9.658   12.994  -8.271  1.00 43.74 ? 99  THR A CA  1 
ATOM   529  C C   . THR A 1 70  ? 10.195  13.511  -9.605  1.00 51.13 ? 99  THR A C   1 
ATOM   530  O O   . THR A 1 70  ? 9.710   14.513  -10.130 1.00 59.90 ? 99  THR A O   1 
ATOM   531  C CB  . THR A 1 70  ? 8.410   12.153  -8.515  1.00 42.76 ? 99  THR A CB  1 
ATOM   532  O OG1 . THR A 1 70  ? 7.307   13.011  -8.833  1.00 44.55 ? 99  THR A OG1 1 
ATOM   533  C CG2 . THR A 1 70  ? 8.083   11.333  -7.270  1.00 43.72 ? 99  THR A CG2 1 
ATOM   534  N N   . ASP A 1 74  ? 9.260   8.763   -11.910 1.00 32.07 ? 103 ASP A N   1 
ATOM   535  C CA  . ASP A 1 74  ? 8.238   9.381   -11.067 1.00 36.98 ? 103 ASP A CA  1 
ATOM   536  C C   . ASP A 1 74  ? 7.579   8.362   -10.134 1.00 35.77 ? 103 ASP A C   1 
ATOM   537  O O   . ASP A 1 74  ? 6.778   8.732   -9.270  1.00 39.96 ? 103 ASP A O   1 
ATOM   538  C CB  . ASP A 1 74  ? 7.169   10.070  -11.931 1.00 46.96 ? 103 ASP A CB  1 
ATOM   539  C CG  . ASP A 1 74  ? 7.633   11.414  -12.481 1.00 40.41 ? 103 ASP A CG  1 
ATOM   540  O OD1 . ASP A 1 74  ? 8.428   12.103  -11.798 1.00 45.00 ? 103 ASP A OD1 1 
ATOM   541  O OD2 . ASP A 1 74  ? 7.186   11.794  -13.585 1.00 44.67 ? 103 ASP A OD2 1 
ATOM   542  N N   . MET A 1 75  ? 7.921   7.083   -10.296 1.00 31.32 ? 104 MET A N   1 
ATOM   543  C CA  . MET A 1 75  ? 7.334   6.015   -9.488  1.00 30.59 ? 104 MET A CA  1 
ATOM   544  C C   . MET A 1 75  ? 8.141   5.790   -8.221  1.00 27.48 ? 104 MET A C   1 
ATOM   545  O O   . MET A 1 75  ? 9.368   5.866   -8.243  1.00 24.00 ? 104 MET A O   1 
ATOM   546  C CB  . MET A 1 75  ? 7.276   4.723   -10.285 1.00 25.77 ? 104 MET A CB  1 
ATOM   547  C CG  . MET A 1 75  ? 6.557   4.912   -11.603 1.00 34.03 ? 104 MET A CG  1 
ATOM   548  S SD  . MET A 1 75  ? 6.544   3.371   -12.523 1.00 39.33 ? 104 MET A SD  1 
ATOM   549  C CE  . MET A 1 75  ? 8.187   3.415   -13.256 1.00 36.54 ? 104 MET A CE  1 
ATOM   550  N N   . PHE A 1 76  ? 7.449   5.496   -7.119  1.00 20.96 ? 105 PHE A N   1 
ATOM   551  C CA  . PHE A 1 76  ? 8.148   5.369   -5.847  1.00 20.27 ? 105 PHE A CA  1 
ATOM   552  C C   . PHE A 1 76  ? 7.404   4.376   -4.966  1.00 20.53 ? 105 PHE A C   1 
ATOM   553  O O   . PHE A 1 76  ? 6.256   4.010   -5.230  1.00 19.45 ? 105 PHE A O   1 
ATOM   554  C CB  . PHE A 1 76  ? 8.302   6.716   -5.129  1.00 21.22 ? 105 PHE A CB  1 
ATOM   555  C CG  . PHE A 1 76  ? 7.006   7.362   -4.741  1.00 25.59 ? 105 PHE A CG  1 
ATOM   556  C CD1 . PHE A 1 76  ? 6.418   7.083   -3.515  1.00 24.46 ? 105 PHE A CD1 1 
ATOM   557  C CD2 . PHE A 1 76  ? 6.378   8.254   -5.597  1.00 24.55 ? 105 PHE A CD2 1 
ATOM   558  C CE1 . PHE A 1 76  ? 5.219   7.682   -3.147  1.00 29.12 ? 105 PHE A CE1 1 
ATOM   559  C CE2 . PHE A 1 76  ? 5.184   8.859   -5.240  1.00 32.26 ? 105 PHE A CE2 1 
ATOM   560  C CZ  . PHE A 1 76  ? 4.603   8.571   -4.017  1.00 29.44 ? 105 PHE A CZ  1 
ATOM   561  N N   . GLU A 1 77  ? 8.090   3.943   -3.918  1.00 19.38 ? 106 GLU A N   1 
ATOM   562  C CA  . GLU A 1 77  ? 7.558   2.960   -2.986  1.00 17.61 ? 106 GLU A CA  1 
ATOM   563  C C   . GLU A 1 77  ? 7.861   3.424   -1.564  1.00 19.78 ? 106 GLU A C   1 
ATOM   564  O O   . GLU A 1 77  ? 8.967   3.897   -1.283  1.00 19.10 ? 106 GLU A O   1 
ATOM   565  C CB  . GLU A 1 77  ? 8.176   1.605   -3.336  1.00 24.37 ? 106 GLU A CB  1 
ATOM   566  C CG  . GLU A 1 77  ? 8.354   0.589   -2.299  1.00 36.00 ? 106 GLU A CG  1 
ATOM   567  C CD  . GLU A 1 77  ? 8.992   -0.659  -2.888  1.00 43.96 ? 106 GLU A CD  1 
ATOM   568  O OE1 . GLU A 1 77  ? 10.226  -0.807  -2.774  1.00 42.32 ? 106 GLU A OE1 1 
ATOM   569  O OE2 . GLU A 1 77  ? 8.251   -1.460  -3.487  1.00 43.88 ? 106 GLU A OE2 1 
ATOM   570  N N   . VAL A 1 78  ? 6.864   3.359   -0.685  1.00 17.22 ? 107 VAL A N   1 
ATOM   571  C CA  . VAL A 1 78  ? 7.033   3.683   0.735   1.00 17.80 ? 107 VAL A CA  1 
ATOM   572  C C   . VAL A 1 78  ? 6.980   2.369   1.510   1.00 18.82 ? 107 VAL A C   1 
ATOM   573  O O   . VAL A 1 78  ? 5.947   1.691   1.498   1.00 19.85 ? 107 VAL A O   1 
ATOM   574  C CB  . VAL A 1 78  ? 5.943   4.651   1.227   1.00 17.56 ? 107 VAL A CB  1 
ATOM   575  C CG1 . VAL A 1 78  ? 6.154   4.990   2.714   1.00 19.91 ? 107 VAL A CG1 1 
ATOM   576  C CG2 . VAL A 1 78  ? 5.932   5.914   0.402   1.00 20.56 ? 107 VAL A CG2 1 
ATOM   577  N N   . CYS A 1 79  ? 8.073   2.000   2.186   1.00 18.07 ? 108 CYS A N   1 
ATOM   578  C CA  . CYS A 1 79  ? 8.151   0.703   2.869   1.00 19.28 ? 108 CYS A CA  1 
ATOM   579  C C   . CYS A 1 79  ? 8.435   0.854   4.357   1.00 19.36 ? 108 CYS A C   1 
ATOM   580  O O   . CYS A 1 79  ? 9.297   1.635   4.758   1.00 20.96 ? 108 CYS A O   1 
ATOM   581  C CB  . CYS A 1 79  ? 9.233   -0.188  2.289   1.00 25.86 ? 108 CYS A CB  1 
ATOM   582  S SG  . CYS A 1 79  ? 8.898   -0.854  0.645   1.00 32.20 ? 108 CYS A SG  1 
ATOM   583  N N   . PHE A 1 80  ? 7.731   0.063   5.165   1.00 18.21 ? 109 PHE A N   1 
ATOM   584  C CA  . PHE A 1 80  ? 7.956   -0.039  6.604   1.00 16.64 ? 109 PHE A CA  1 
ATOM   585  C C   . PHE A 1 80  ? 8.393   -1.464  6.894   1.00 17.12 ? 109 PHE A C   1 
ATOM   586  O O   . PHE A 1 80  ? 7.768   -2.407  6.403   1.00 18.95 ? 109 PHE A O   1 
ATOM   587  C CB  . PHE A 1 80  ? 6.679   0.264   7.407   1.00 17.68 ? 109 PHE A CB  1 
ATOM   588  C CG  . PHE A 1 80  ? 6.213   1.705   7.348   1.00 17.46 ? 109 PHE A CG  1 
ATOM   589  C CD1 . PHE A 1 80  ? 5.430   2.161   6.292   1.00 21.02 ? 109 PHE A CD1 1 
ATOM   590  C CD2 . PHE A 1 80  ? 6.513   2.576   8.387   1.00 22.70 ? 109 PHE A CD2 1 
ATOM   591  C CE1 . PHE A 1 80  ? 4.978   3.473   6.261   1.00 22.53 ? 109 PHE A CE1 1 
ATOM   592  C CE2 . PHE A 1 80  ? 6.075   3.900   8.363   1.00 22.85 ? 109 PHE A CE2 1 
ATOM   593  C CZ  . PHE A 1 80  ? 5.294   4.349   7.293   1.00 21.09 ? 109 PHE A CZ  1 
ATOM   594  N N   . GLU A 1 81  ? 9.442   -1.629  7.702   1.00 17.47 ? 110 GLU A N   1 
ATOM   595  C CA  . GLU A 1 81  ? 9.971   -2.956  8.019   1.00 17.23 ? 110 GLU A CA  1 
ATOM   596  C C   . GLU A 1 81  ? 10.405  -3.000  9.481   1.00 19.80 ? 110 GLU A C   1 
ATOM   597  O O   . GLU A 1 81  ? 11.178  -2.150  9.929   1.00 21.51 ? 110 GLU A O   1 
ATOM   598  C CB  . GLU A 1 81  ? 11.161  -3.313  7.105   1.00 25.45 ? 110 GLU A CB  1 
ATOM   599  C CG  . GLU A 1 81  ? 11.876  -4.617  7.487   1.00 27.78 ? 110 GLU A CG  1 
ATOM   600  C CD  . GLU A 1 81  ? 13.013  -4.990  6.534   1.00 36.30 ? 110 GLU A CD  1 
ATOM   601  O OE1 . GLU A 1 81  ? 13.374  -4.172  5.663   1.00 37.57 ? 110 GLU A OE1 1 
ATOM   602  O OE2 . GLU A 1 81  ? 13.543  -6.112  6.666   1.00 39.92 ? 110 GLU A OE2 1 
ATOM   603  N N   . SER A 1 82  ? 9.918   -3.989  10.222  1.00 19.37 ? 111 SER A N   1 
ATOM   604  C CA  . SER A 1 82  ? 10.307  -4.155  11.617  1.00 19.96 ? 111 SER A CA  1 
ATOM   605  C C   . SER A 1 82  ? 11.308  -5.292  11.772  1.00 22.11 ? 111 SER A C   1 
ATOM   606  O O   . SER A 1 82  ? 11.371  -6.219  10.961  1.00 23.71 ? 111 SER A O   1 
ATOM   607  C CB  . SER A 1 82  ? 9.090   -4.441  12.498  1.00 20.73 ? 111 SER A CB  1 
ATOM   608  O OG  . SER A 1 82  ? 8.497   -5.669  12.120  1.00 25.19 ? 111 SER A OG  1 
ATOM   609  N N   . LYS A 1 83  ? 12.086  -5.210  12.850  1.00 24.11 ? 112 LYS A N   1 
ATOM   610  C CA  . LYS A 1 83  ? 12.988  -6.281  13.263  1.00 25.12 ? 112 LYS A CA  1 
ATOM   611  C C   . LYS A 1 83  ? 12.878  -6.446  14.768  1.00 23.63 ? 112 LYS A C   1 
ATOM   612  O O   . LYS A 1 83  ? 12.896  -5.453  15.496  1.00 23.69 ? 112 LYS A O   1 
ATOM   613  C CB  . LYS A 1 83  ? 14.434  -5.972  12.877  1.00 29.37 ? 112 LYS A CB  1 
ATOM   614  C CG  . LYS A 1 83  ? 14.594  -5.544  11.430  1.00 38.15 ? 112 LYS A CG  1 
ATOM   615  C CD  . LYS A 1 83  ? 16.027  -5.644  10.945  1.00 42.84 ? 112 LYS A CD  1 
ATOM   616  C CE  . LYS A 1 83  ? 16.056  -5.759  9.419   1.00 47.96 ? 112 LYS A CE  1 
ATOM   617  N NZ  . LYS A 1 83  ? 15.198  -6.891  8.937   1.00 44.93 ? 112 LYS A NZ  1 
ATOM   618  N N   . GLY A 1 84  ? 12.759  -7.691  15.224  1.00 26.86 ? 113 GLY A N   1 
ATOM   619  C CA  . GLY A 1 84  ? 12.715  -7.983  16.645  1.00 24.55 ? 113 GLY A CA  1 
ATOM   620  C C   . GLY A 1 84  ? 12.907  -9.465  16.876  1.00 29.87 ? 113 GLY A C   1 
ATOM   621  O O   . GLY A 1 84  ? 12.908  -10.268 15.939  1.00 28.84 ? 113 GLY A O   1 
ATOM   622  N N   . THR A 1 85  ? 13.078  -9.816  18.152  1.00 30.17 ? 114 THR A N   1 
ATOM   623  C CA  . THR A 1 85  ? 13.248  -11.202 18.576  1.00 31.58 ? 114 THR A CA  1 
ATOM   624  C C   . THR A 1 85  ? 12.065  -11.608 19.440  1.00 31.67 ? 114 THR A C   1 
ATOM   625  O O   . THR A 1 85  ? 11.650  -10.848 20.318  1.00 36.03 ? 114 THR A O   1 
ATOM   626  C CB  . THR A 1 85  ? 14.546  -11.385 19.365  1.00 34.11 ? 114 THR A CB  1 
ATOM   627  O OG1 . THR A 1 85  ? 15.642  -10.832 18.624  1.00 35.66 ? 114 THR A OG1 1 
ATOM   628  C CG2 . THR A 1 85  ? 14.795  -12.869 19.612  1.00 41.16 ? 114 THR A CG2 1 
ATOM   629  N N   . GLY A 1 86  ? 11.521  -12.797 19.194  1.00 35.66 ? 115 GLY A N   1 
ATOM   630  C CA  . GLY A 1 86  ? 10.480  -13.328 20.055  1.00 35.33 ? 115 GLY A CA  1 
ATOM   631  C C   . GLY A 1 86  ? 9.078   -12.934 19.639  1.00 36.81 ? 115 GLY A C   1 
ATOM   632  O O   . GLY A 1 86  ? 8.847   -12.288 18.613  1.00 38.58 ? 115 GLY A O   1 
ATOM   633  N N   . ARG A 1 87  ? 8.117   -13.342 20.471  1.00 36.54 ? 116 ARG A N   1 
ATOM   634  C CA  . ARG A 1 87  ? 6.701   -13.093 20.217  1.00 35.17 ? 116 ARG A CA  1 
ATOM   635  C C   . ARG A 1 87  ? 6.325   -11.711 20.736  1.00 37.21 ? 116 ARG A C   1 
ATOM   636  O O   . ARG A 1 87  ? 6.332   -11.462 21.949  1.00 33.64 ? 116 ARG A O   1 
ATOM   637  C CB  . ARG A 1 87  ? 5.830   -14.175 20.853  1.00 43.72 ? 116 ARG A CB  1 
ATOM   638  C CG  . ARG A 1 87  ? 5.220   -15.130 19.825  1.00 44.86 ? 116 ARG A CG  1 
ATOM   639  C CD  . ARG A 1 87  ? 3.949   -15.794 20.332  1.00 49.83 ? 116 ARG A CD  1 
ATOM   640  N NE  . ARG A 1 87  ? 4.227   -16.909 21.232  1.00 57.78 ? 116 ARG A NE  1 
ATOM   641  C CZ  . ARG A 1 87  ? 3.288   -17.678 21.776  1.00 58.39 ? 116 ARG A CZ  1 
ATOM   642  N NH1 . ARG A 1 87  ? 2.010   -17.457 21.509  1.00 60.96 ? 116 ARG A NH1 1 
ATOM   643  N NH2 . ARG A 1 87  ? 3.629   -18.670 22.587  1.00 64.13 ? 116 ARG A NH2 1 
ATOM   644  N N   . ILE A 1 88  ? 5.978   -10.821 19.809  1.00 31.96 ? 117 ILE A N   1 
ATOM   645  C CA  . ILE A 1 88  ? 5.651   -9.425  20.072  1.00 30.79 ? 117 ILE A CA  1 
ATOM   646  C C   . ILE A 1 88  ? 4.329   -9.167  19.361  1.00 29.85 ? 117 ILE A C   1 
ATOM   647  O O   . ILE A 1 88  ? 4.165   -9.622  18.230  1.00 27.16 ? 117 ILE A O   1 
ATOM   648  C CB  . ILE A 1 88  ? 6.763   -8.497  19.553  1.00 33.08 ? 117 ILE A CB  1 
ATOM   649  C CG1 . ILE A 1 88  ? 8.112   -8.881  20.176  1.00 37.00 ? 117 ILE A CG1 1 
ATOM   650  C CG2 . ILE A 1 88  ? 6.431   -7.047  19.831  1.00 33.05 ? 117 ILE A CG2 1 
ATOM   651  C CD1 . ILE A 1 88  ? 9.335   -8.535  19.320  1.00 32.97 ? 117 ILE A CD1 1 
ATOM   652  N N   . PRO A 1 89  ? 3.360   -8.483  19.966  1.00 33.23 ? 118 PRO A N   1 
ATOM   653  C CA  . PRO A 1 89  ? 2.145   -8.132  19.220  1.00 32.35 ? 118 PRO A CA  1 
ATOM   654  C C   . PRO A 1 89  ? 2.474   -7.290  17.995  1.00 30.96 ? 118 PRO A C   1 
ATOM   655  O O   . PRO A 1 89  ? 3.487   -6.586  17.956  1.00 30.09 ? 118 PRO A O   1 
ATOM   656  C CB  . PRO A 1 89  ? 1.314   -7.339  20.237  1.00 34.63 ? 118 PRO A CB  1 
ATOM   657  C CG  . PRO A 1 89  ? 2.276   -6.955  21.334  1.00 40.97 ? 118 PRO A CG  1 
ATOM   658  C CD  . PRO A 1 89  ? 3.299   -8.047  21.372  1.00 37.58 ? 118 PRO A CD  1 
ATOM   659  N N   . ASP A 1 90  ? 1.607   -7.377  16.984  1.00 31.22 ? 119 ASP A N   1 
ATOM   660  C CA  . ASP A 1 90  ? 1.746   -6.527  15.805  1.00 29.87 ? 119 ASP A CA  1 
ATOM   661  C C   . ASP A 1 90  ? 1.743   -5.057  16.206  1.00 24.36 ? 119 ASP A C   1 
ATOM   662  O O   . ASP A 1 90  ? 0.987   -4.634  17.091  1.00 24.34 ? 119 ASP A O   1 
ATOM   663  C CB  . ASP A 1 90  ? 0.598   -6.757  14.810  1.00 29.08 ? 119 ASP A CB  1 
ATOM   664  C CG  . ASP A 1 90  ? 0.559   -8.160  14.214  1.00 34.25 ? 119 ASP A CG  1 
ATOM   665  O OD1 . ASP A 1 90  ? 1.509   -8.947  14.362  1.00 30.46 ? 119 ASP A OD1 1 
ATOM   666  O OD2 . ASP A 1 90  ? -0.459  -8.468  13.553  1.00 37.13 ? 119 ASP A OD2 1 
ATOM   667  N N   . GLN A 1 91  ? 2.560   -4.258  15.522  1.00 21.70 ? 120 GLN A N   1 
ATOM   668  C CA  . GLN A 1 91  ? 2.479   -2.814  15.680  1.00 20.00 ? 120 GLN A CA  1 
ATOM   669  C C   . GLN A 1 91  ? 1.345   -2.246  14.821  1.00 17.23 ? 120 GLN A C   1 
ATOM   670  O O   . GLN A 1 91  ? 0.970   -2.813  13.801  1.00 21.92 ? 120 GLN A O   1 
ATOM   671  C CB  . GLN A 1 91  ? 3.781   -2.140  15.269  1.00 21.75 ? 120 GLN A CB  1 
ATOM   672  C CG  . GLN A 1 91  ? 5.034   -2.564  16.048  1.00 24.75 ? 120 GLN A CG  1 
ATOM   673  C CD  . GLN A 1 91  ? 6.248   -1.746  15.643  1.00 25.61 ? 120 GLN A CD  1 
ATOM   674  O OE1 . GLN A 1 91  ? 6.537   -0.701  16.240  1.00 24.72 ? 120 GLN A OE1 1 
ATOM   675  N NE2 . GLN A 1 91  ? 6.965   -2.212  14.609  1.00 25.31 ? 120 GLN A NE2 1 
ATOM   676  N N   . LEU A 1 92  ? 0.840   -1.084  15.211  1.00 19.22 ? 121 LEU A N   1 
ATOM   677  C CA  . LEU A 1 92  ? -0.147  -0.362  14.408  1.00 18.23 ? 121 LEU A CA  1 
ATOM   678  C C   . LEU A 1 92  ? 0.540   0.841   13.785  1.00 20.73 ? 121 LEU A C   1 
ATOM   679  O O   . LEU A 1 92  ? 1.207   1.610   14.488  1.00 23.99 ? 121 LEU A O   1 
ATOM   680  C CB  . LEU A 1 92  ? -1.344  0.070   15.262  1.00 22.31 ? 121 LEU A CB  1 
ATOM   681  C CG  . LEU A 1 92  ? -2.387  1.015   14.654  1.00 22.20 ? 121 LEU A CG  1 
ATOM   682  C CD1 . LEU A 1 92  ? -3.112  0.367   13.492  1.00 21.75 ? 121 LEU A CD1 1 
ATOM   683  C CD2 . LEU A 1 92  ? -3.380  1.457   15.732  1.00 30.60 ? 121 LEU A CD2 1 
ATOM   684  N N   . VAL A 1 93  ? 0.379   1.009   12.474  1.00 18.89 ? 122 VAL A N   1 
ATOM   685  C CA  . VAL A 1 93  ? 1.030   2.079   11.730  1.00 17.24 ? 122 VAL A CA  1 
ATOM   686  C C   . VAL A 1 93  ? -0.051  2.875   11.017  1.00 22.18 ? 122 VAL A C   1 
ATOM   687  O O   . VAL A 1 93  ? -0.954  2.285   10.417  1.00 19.33 ? 122 VAL A O   1 
ATOM   688  C CB  . VAL A 1 93  ? 2.043   1.526   10.712  1.00 20.96 ? 122 VAL A CB  1 
ATOM   689  C CG1 . VAL A 1 93  ? 2.728   2.673   9.951   1.00 23.04 ? 122 VAL A CG1 1 
ATOM   690  C CG2 . VAL A 1 93  ? 3.085   0.645   11.407  1.00 24.97 ? 122 VAL A CG2 1 
ATOM   691  N N   . ILE A 1 94  ? 0.038   4.202   11.098  1.00 17.45 ? 123 ILE A N   1 
ATOM   692  C CA  . ILE A 1 94  ? -0.790  5.117   10.309  1.00 17.18 ? 123 ILE A CA  1 
ATOM   693  C C   . ILE A 1 94  ? 0.123   5.869   9.360   1.00 19.61 ? 123 ILE A C   1 
ATOM   694  O O   . ILE A 1 94  ? 1.182   6.351   9.771   1.00 19.79 ? 123 ILE A O   1 
ATOM   695  C CB  . ILE A 1 94  ? -1.547  6.135   11.180  1.00 25.11 ? 123 ILE A CB  1 
ATOM   696  C CG1 . ILE A 1 94  ? -2.298  5.445   12.313  1.00 32.51 ? 123 ILE A CG1 1 
ATOM   697  C CG2 . ILE A 1 94  ? -2.473  7.023   10.294  1.00 23.84 ? 123 ILE A CG2 1 
ATOM   698  C CD1 . ILE A 1 94  ? -3.443  4.620   11.866  1.00 30.04 ? 123 ILE A CD1 1 
ATOM   699  N N   . LEU A 1 95  ? -0.297  6.002   8.103   1.00 18.55 ? 124 LEU A N   1 
ATOM   700  C CA  . LEU A 1 95  ? 0.437   6.786   7.119   1.00 15.74 ? 124 LEU A CA  1 
ATOM   701  C C   . LEU A 1 95  ? -0.559  7.642   6.357   1.00 23.36 ? 124 LEU A C   1 
ATOM   702  O O   . LEU A 1 95  ? -1.541  7.118   5.824   1.00 21.44 ? 124 LEU A O   1 
ATOM   703  C CB  . LEU A 1 95  ? 1.206   5.878   6.168   1.00 19.57 ? 124 LEU A CB  1 
ATOM   704  C CG  . LEU A 1 95  ? 1.794   6.602   4.959   1.00 22.82 ? 124 LEU A CG  1 
ATOM   705  C CD1 . LEU A 1 95  ? 2.860   7.569   5.464   1.00 22.48 ? 124 LEU A CD1 1 
ATOM   706  C CD2 . LEU A 1 95  ? 2.357   5.579   3.975   1.00 24.28 ? 124 LEU A CD2 1 
ATOM   707  N N   . ASP A 1 96  ? -0.332  8.956   6.352   1.00 20.95 ? 125 ASP A N   1 
ATOM   708  C CA  . ASP A 1 96  ? -1.130  9.894   5.563   1.00 24.32 ? 125 ASP A CA  1 
ATOM   709  C C   . ASP A 1 96  ? -0.230  10.550  4.534   1.00 26.78 ? 125 ASP A C   1 
ATOM   710  O O   . ASP A 1 96  ? 0.873   10.985  4.865   1.00 25.07 ? 125 ASP A O   1 
ATOM   711  C CB  . ASP A 1 96  ? -1.756  10.983  6.441   1.00 28.56 ? 125 ASP A CB  1 
ATOM   712  C CG  . ASP A 1 96  ? -2.676  10.428  7.505   1.00 37.15 ? 125 ASP A CG  1 
ATOM   713  O OD1 . ASP A 1 96  ? -3.474  9.514   7.205   1.00 37.22 ? 125 ASP A OD1 1 
ATOM   714  O OD2 . ASP A 1 96  ? -2.609  10.926  8.645   1.00 44.45 ? 125 ASP A OD2 1 
ATOM   715  N N   . MET A 1 97  ? -0.688  10.629  3.287   1.00 21.96 ? 126 MET A N   1 
ATOM   716  C CA  . MET A 1 97  ? 0.119   11.260  2.265   1.00 22.01 ? 126 MET A CA  1 
ATOM   717  C C   . MET A 1 97  ? -0.745  12.201  1.447   1.00 27.02 ? 126 MET A C   1 
ATOM   718  O O   . MET A 1 97  ? -1.961  12.036  1.353   1.00 27.49 ? 126 MET A O   1 
ATOM   719  C CB  . MET A 1 97  ? 0.790   10.223  1.358   1.00 26.22 ? 126 MET A CB  1 
ATOM   720  C CG  . MET A 1 97  ? 2.006   9.593   2.015   1.00 28.33 ? 126 MET A CG  1 
ATOM   721  S SD  . MET A 1 97  ? 2.687   8.251   1.076   1.00 38.13 ? 126 MET A SD  1 
ATOM   722  C CE  . MET A 1 97  ? 2.999   9.007   -0.495  1.00 36.86 ? 126 MET A CE  1 
ATOM   723  N N   . LYS A 1 98  ? -0.112  13.212  0.877   1.00 24.58 ? 127 LYS A N   1 
ATOM   724  C CA  . LYS A 1 98  ? -0.811  14.014  -0.114  1.00 27.09 ? 127 LYS A CA  1 
ATOM   725  C C   . LYS A 1 98  ? 0.154   14.322  -1.238  1.00 26.85 ? 127 LYS A C   1 
ATOM   726  O O   . LYS A 1 98  ? 1.378   14.235  -1.086  1.00 26.24 ? 127 LYS A O   1 
ATOM   727  C CB  . LYS A 1 98  ? -1.429  15.288  0.475   1.00 34.93 ? 127 LYS A CB  1 
ATOM   728  C CG  . LYS A 1 98  ? -0.486  16.203  1.173   1.00 37.33 ? 127 LYS A CG  1 
ATOM   729  C CD  . LYS A 1 98  ? -1.255  17.376  1.804   1.00 47.40 ? 127 LYS A CD  1 
ATOM   730  C CE  . LYS A 1 98  ? -2.176  16.899  2.927   1.00 46.90 ? 127 LYS A CE  1 
ATOM   731  N NZ  . LYS A 1 98  ? -2.917  18.010  3.598   1.00 58.28 ? 127 LYS A NZ  1 
ATOM   732  N N   . HIS A 1 99  ? -0.424  14.656  -2.386  1.00 25.33 ? 128 HIS A N   1 
ATOM   733  C CA  . HIS A 1 99  ? 0.302   14.702  -3.643  1.00 32.61 ? 128 HIS A CA  1 
ATOM   734  C C   . HIS A 1 99  ? 0.023   16.041  -4.298  1.00 32.79 ? 128 HIS A C   1 
ATOM   735  O O   . HIS A 1 99  ? -1.143  16.405  -4.487  1.00 42.41 ? 128 HIS A O   1 
ATOM   736  C CB  . HIS A 1 99  ? -0.126  13.542  -4.558  1.00 34.32 ? 128 HIS A CB  1 
ATOM   737  C CG  . HIS A 1 99  ? 0.113   12.184  -3.962  1.00 37.16 ? 128 HIS A CG  1 
ATOM   738  N ND1 . HIS A 1 99  ? -0.663  11.667  -2.946  1.00 39.28 ? 128 HIS A ND1 1 
ATOM   739  C CD2 . HIS A 1 99  ? 1.050   11.243  -4.233  1.00 39.82 ? 128 HIS A CD2 1 
ATOM   740  C CE1 . HIS A 1 99  ? -0.217  10.466  -2.619  1.00 36.74 ? 128 HIS A CE1 1 
ATOM   741  N NE2 . HIS A 1 99  ? 0.819   10.183  -3.387  1.00 36.82 ? 128 HIS A NE2 1 
ATOM   742  N N   . GLY A 1 100 ? 1.081   16.778  -4.611  1.00 35.84 ? 129 GLY A N   1 
ATOM   743  C CA  . GLY A 1 100 ? 0.955   18.050  -5.297  1.00 37.01 ? 129 GLY A CA  1 
ATOM   744  C C   . GLY A 1 100 ? 1.755   18.119  -6.587  1.00 37.90 ? 129 GLY A C   1 
ATOM   745  O O   . GLY A 1 100 ? 1.253   18.621  -7.600  1.00 56.92 ? 129 GLY A O   1 
ATOM   746  N N   . GLY B 1 1   ? -6.905  -3.833  8.243   1.00 36.54 ? 30  GLY B N   1 
ATOM   747  C CA  . GLY B 1 1   ? -6.314  -2.588  7.779   1.00 32.80 ? 30  GLY B CA  1 
ATOM   748  C C   . GLY B 1 1   ? -7.209  -1.909  6.767   1.00 31.82 ? 30  GLY B C   1 
ATOM   749  O O   . GLY B 1 1   ? -8.032  -2.560  6.125   1.00 28.11 ? 30  GLY B O   1 
ATOM   750  N N   . SER B 1 2   ? -7.047  -0.601  6.613   1.00 23.89 ? 31  SER B N   1 
ATOM   751  C CA  . SER B 1 2   ? -7.929  0.175   5.755   1.00 28.04 ? 31  SER B CA  1 
ATOM   752  C C   . SER B 1 2   ? -7.118  1.225   5.021   1.00 28.02 ? 31  SER B C   1 
ATOM   753  O O   . SER B 1 2   ? -6.276  1.894   5.620   1.00 24.41 ? 31  SER B O   1 
ATOM   754  C CB  . SER B 1 2   ? -9.043  0.854   6.558   1.00 32.06 ? 31  SER B CB  1 
ATOM   755  O OG  . SER B 1 2   ? -9.929  1.539   5.682   1.00 43.80 ? 31  SER B OG  1 
ATOM   756  N N   . ILE B 1 3   ? -7.372  1.391   3.730   1.00 20.70 ? 32  ILE B N   1 
ATOM   757  C CA  . ILE B 1 3   ? -6.709  2.451   2.993   1.00 19.30 ? 32  ILE B CA  1 
ATOM   758  C C   . ILE B 1 3   ? -7.737  3.191   2.159   1.00 23.13 ? 32  ILE B C   1 
ATOM   759  O O   . ILE B 1 3   ? -8.680  2.593   1.631   1.00 22.19 ? 32  ILE B O   1 
ATOM   760  C CB  . ILE B 1 3   ? -5.555  1.927   2.114   1.00 24.09 ? 32  ILE B CB  1 
ATOM   761  C CG1 . ILE B 1 3   ? -4.873  3.095   1.393   1.00 25.27 ? 32  ILE B CG1 1 
ATOM   762  C CG2 . ILE B 1 3   ? -6.044  0.920   1.105   1.00 24.85 ? 32  ILE B CG2 1 
ATOM   763  C CD1 . ILE B 1 3   ? -3.662  2.696   0.556   1.00 32.91 ? 32  ILE B CD1 1 
ATOM   764  N N   . SER B 1 4   ? -7.573  4.502   2.081   1.00 20.32 ? 33  SER B N   1 
ATOM   765  C CA  . SER B 1 4   ? -8.279  5.315   1.105   1.00 21.09 ? 33  SER B CA  1 
ATOM   766  C C   . SER B 1 4   ? -7.245  6.039   0.255   1.00 24.51 ? 33  SER B C   1 
ATOM   767  O O   . SER B 1 4   ? -6.257  6.570   0.777   1.00 24.65 ? 33  SER B O   1 
ATOM   768  C CB  . SER B 1 4   ? -9.218  6.300   1.788   1.00 24.36 ? 33  SER B CB  1 
ATOM   769  O OG  . SER B 1 4   ? -8.492  7.120   2.690   1.00 32.96 ? 33  SER B OG  1 
ATOM   770  N N   . PHE B 1 5   ? -7.455  6.054   -1.059  1.00 19.20 ? 34  PHE B N   1 
ATOM   771  C CA  . PHE B 1 5   ? -6.497  6.720   -1.927  1.00 17.59 ? 34  PHE B CA  1 
ATOM   772  C C   . PHE B 1 5   ? -7.199  7.168   -3.193  1.00 24.17 ? 34  PHE B C   1 
ATOM   773  O O   . PHE B 1 5   ? -8.262  6.656   -3.549  1.00 23.15 ? 34  PHE B O   1 
ATOM   774  C CB  . PHE B 1 5   ? -5.282  5.820   -2.259  1.00 23.35 ? 34  PHE B CB  1 
ATOM   775  C CG  . PHE B 1 5   ? -5.614  4.522   -2.989  1.00 20.33 ? 34  PHE B CG  1 
ATOM   776  C CD1 . PHE B 1 5   ? -5.479  4.433   -4.375  1.00 22.66 ? 34  PHE B CD1 1 
ATOM   777  C CD2 . PHE B 1 5   ? -6.018  3.394   -2.296  1.00 28.10 ? 34  PHE B CD2 1 
ATOM   778  C CE1 . PHE B 1 5   ? -5.759  3.246   -5.058  1.00 24.00 ? 34  PHE B CE1 1 
ATOM   779  C CE2 . PHE B 1 5   ? -6.295  2.194   -2.969  1.00 25.88 ? 34  PHE B CE2 1 
ATOM   780  C CZ  . PHE B 1 5   ? -6.157  2.125   -4.356  1.00 24.22 ? 34  PHE B CZ  1 
ATOM   781  N N   . HIS B 1 6   ? -6.598  8.146   -3.859  1.00 20.16 ? 35  HIS B N   1 
ATOM   782  C CA  . HIS B 1 6   ? -7.055  8.546   -5.176  1.00 23.80 ? 35  HIS B CA  1 
ATOM   783  C C   . HIS B 1 6   ? -6.265  7.783   -6.222  1.00 21.99 ? 35  HIS B C   1 
ATOM   784  O O   . HIS B 1 6   ? -5.106  7.435   -6.017  1.00 25.14 ? 35  HIS B O   1 
ATOM   785  C CB  . HIS B 1 6   ? -6.909  10.050  -5.387  1.00 24.86 ? 35  HIS B CB  1 
ATOM   786  C CG  . HIS B 1 6   ? -7.897  10.855  -4.607  1.00 28.56 ? 35  HIS B CG  1 
ATOM   787  N ND1 . HIS B 1 6   ? -7.624  11.359  -3.355  1.00 38.66 ? 35  HIS B ND1 1 
ATOM   788  C CD2 . HIS B 1 6   ? -9.174  11.204  -4.883  1.00 29.24 ? 35  HIS B CD2 1 
ATOM   789  C CE1 . HIS B 1 6   ? -8.682  12.009  -2.903  1.00 36.57 ? 35  HIS B CE1 1 
ATOM   790  N NE2 . HIS B 1 6   ? -9.639  11.930  -3.810  1.00 33.26 ? 35  HIS B NE2 1 
ATOM   791  N N   . LEU B 1 7   ? -6.920  7.504   -7.341  1.00 21.40 ? 36  LEU B N   1 
ATOM   792  C CA  . LEU B 1 7   ? -6.303  6.766   -8.434  1.00 20.72 ? 36  LEU B CA  1 
ATOM   793  C C   . LEU B 1 7   ? -6.498  7.608   -9.683  1.00 26.02 ? 36  LEU B C   1 
ATOM   794  O O   . LEU B 1 7   ? -7.588  7.582   -10.279 1.00 25.67 ? 36  LEU B O   1 
ATOM   795  C CB  . LEU B 1 7   ? -6.923  5.384   -8.574  1.00 20.90 ? 36  LEU B CB  1 
ATOM   796  C CG  . LEU B 1 7   ? -6.285  4.490   -9.638  1.00 24.55 ? 36  LEU B CG  1 
ATOM   797  C CD1 . LEU B 1 7   ? -4.826  4.127   -9.243  1.00 20.04 ? 36  LEU B CD1 1 
ATOM   798  C CD2 . LEU B 1 7   ? -7.148  3.247   -9.862  1.00 24.75 ? 36  LEU B CD2 1 
ATOM   799  N N   . PRO B 1 8   ? -5.508  8.412   -10.071 1.00 24.16 ? 37  PRO B N   1 
ATOM   800  C CA  . PRO B 1 8   ? -5.640  9.193   -11.305 1.00 29.49 ? 37  PRO B CA  1 
ATOM   801  C C   . PRO B 1 8   ? -5.695  8.274   -12.511 1.00 26.91 ? 37  PRO B C   1 
ATOM   802  O O   . PRO B 1 8   ? -5.240  7.127   -12.484 1.00 24.41 ? 37  PRO B O   1 
ATOM   803  C CB  . PRO B 1 8   ? -4.379  10.063  -11.327 1.00 25.75 ? 37  PRO B CB  1 
ATOM   804  C CG  . PRO B 1 8   ? -3.900  10.088  -9.914  1.00 30.16 ? 37  PRO B CG  1 
ATOM   805  C CD  . PRO B 1 8   ? -4.292  8.754   -9.324  1.00 27.37 ? 37  PRO B CD  1 
ATOM   806  N N   . VAL B 1 9   ? -6.278  8.786   -13.595 1.00 27.05 ? 38  VAL B N   1 
ATOM   807  C CA  . VAL B 1 9   ? -6.402  7.941   -14.765 1.00 30.46 ? 38  VAL B CA  1 
ATOM   808  C C   . VAL B 1 9   ? -4.993  7.620   -15.272 1.00 27.24 ? 38  VAL B C   1 
ATOM   809  O O   . VAL B 1 9   ? -4.053  8.413   -15.119 1.00 27.24 ? 38  VAL B O   1 
ATOM   810  C CB  . VAL B 1 9   ? -7.275  8.603   -15.851 1.00 33.15 ? 38  VAL B CB  1 
ATOM   811  C CG1 . VAL B 1 9   ? -6.716  9.960   -16.260 1.00 34.32 ? 38  VAL B CG1 1 
ATOM   812  C CG2 . VAL B 1 9   ? -7.475  7.675   -17.048 1.00 29.60 ? 38  VAL B CG2 1 
ATOM   813  N N   . ASN B 1 10  ? -4.838  6.406   -15.800 1.00 26.58 ? 39  ASN B N   1 
ATOM   814  C CA  . ASN B 1 10  ? -3.568  5.908   -16.328 1.00 27.33 ? 39  ASN B CA  1 
ATOM   815  C C   . ASN B 1 10  ? -2.483  5.856   -15.248 1.00 28.82 ? 39  ASN B C   1 
ATOM   816  O O   . ASN B 1 10  ? -1.330  6.251   -15.461 1.00 29.73 ? 39  ASN B O   1 
ATOM   817  C CB  . ASN B 1 10  ? -3.116  6.733   -17.534 1.00 27.89 ? 39  ASN B CB  1 
ATOM   818  C CG  . ASN B 1 10  ? -4.124  6.682   -18.670 1.00 29.50 ? 39  ASN B CG  1 
ATOM   819  O OD1 . ASN B 1 10  ? -4.645  5.619   -19.008 1.00 31.66 ? 39  ASN B OD1 1 
ATOM   820  N ND2 . ASN B 1 10  ? -4.410  7.831   -19.252 1.00 31.44 ? 39  ASN B ND2 1 
ATOM   821  N N   . SER B 1 11  ? -2.855  5.336   -14.084 1.00 22.89 ? 40  SER B N   1 
ATOM   822  C CA  . SER B 1 11  ? -1.918  5.192   -12.980 1.00 21.64 ? 40  SER B CA  1 
ATOM   823  C C   . SER B 1 11  ? -2.138  3.838   -12.321 1.00 20.97 ? 40  SER B C   1 
ATOM   824  O O   . SER B 1 11  ? -3.143  3.148   -12.558 1.00 19.50 ? 40  SER B O   1 
ATOM   825  C CB  . SER B 1 11  ? -2.062  6.331   -11.956 1.00 24.78 ? 40  SER B CB  1 
ATOM   826  O OG  . SER B 1 11  ? -3.236  6.153   -11.173 1.00 26.28 ? 40  SER B OG  1 
ATOM   827  N N   . ARG B 1 12  ? -1.163  3.435   -11.520 1.00 19.11 ? 41  ARG B N   1 
ATOM   828  C CA  . ARG B 1 12  ? -1.242  2.195   -10.758 1.00 23.14 ? 41  ARG B CA  1 
ATOM   829  C C   . ARG B 1 12  ? -0.824  2.462   -9.320  1.00 19.67 ? 41  ARG B C   1 
ATOM   830  O O   . ARG B 1 12  ? 0.145   3.192   -9.063  1.00 20.26 ? 41  ARG B O   1 
ATOM   831  C CB  . ARG B 1 12  ? -0.347  1.086   -11.362 1.00 25.11 ? 41  ARG B CB  1 
ATOM   832  C CG  . ARG B 1 12  ? -0.481  -0.258  -10.622 1.00 27.71 ? 41  ARG B CG  1 
ATOM   833  C CD  . ARG B 1 12  ? 0.239   -1.401  -11.337 1.00 33.95 ? 41  ARG B CD  1 
ATOM   834  N NE  . ARG B 1 12  ? 1.684   -1.284  -11.214 1.00 32.80 ? 41  ARG B NE  1 
ATOM   835  C CZ  . ARG B 1 12  ? 2.509   -2.316  -11.061 1.00 33.53 ? 41  ARG B CZ  1 
ATOM   836  N NH1 . ARG B 1 12  ? 2.033   -3.554  -11.017 1.00 37.46 ? 41  ARG B NH1 1 
ATOM   837  N NH2 . ARG B 1 12  ? 3.813   -2.110  -10.949 1.00 30.66 ? 41  ARG B NH2 1 
ATOM   838  N N   . LYS B 1 13  ? -1.550  1.859   -8.380  1.00 20.11 ? 42  LYS B N   1 
ATOM   839  C CA  . LYS B 1 13  ? -1.173  1.897   -6.974  1.00 16.10 ? 42  LYS B CA  1 
ATOM   840  C C   . LYS B 1 13  ? -1.273  0.500   -6.384  1.00 17.60 ? 42  LYS B C   1 
ATOM   841  O O   . LYS B 1 13  ? -2.237  -0.222  -6.654  1.00 20.33 ? 42  LYS B O   1 
ATOM   842  C CB  . LYS B 1 13  ? -2.059  2.880   -6.195  1.00 19.93 ? 42  LYS B CB  1 
ATOM   843  C CG  . LYS B 1 13  ? -1.781  4.323   -6.632  1.00 22.42 ? 42  LYS B CG  1 
ATOM   844  C CD  . LYS B 1 13  ? -2.393  5.347   -5.691  1.00 23.44 ? 42  LYS B CD  1 
ATOM   845  C CE  . LYS B 1 13  ? -1.949  6.742   -6.131  1.00 24.35 ? 42  LYS B CE  1 
ATOM   846  N NZ  . LYS B 1 13  ? -2.316  7.781   -5.135  1.00 27.67 ? 42  LYS B NZ  1 
ATOM   847  N N   . CYS B 1 14  ? -0.274  0.113   -5.588  1.00 16.87 ? 43  CYS B N   1 
ATOM   848  C CA  . CYS B 1 14  ? -0.223  -1.252  -5.071  1.00 17.60 ? 43  CYS B CA  1 
ATOM   849  C C   . CYS B 1 14  ? 0.094   -1.268  -3.584  1.00 18.30 ? 43  CYS B C   1 
ATOM   850  O O   . CYS B 1 14  ? 0.778   -0.386  -3.058  1.00 18.05 ? 43  CYS B O   1 
ATOM   851  C CB  . CYS B 1 14  ? 0.841   -2.097  -5.785  1.00 21.51 ? 43  CYS B CB  1 
ATOM   852  S SG  . CYS B 1 14  ? 0.747   -2.144  -7.571  1.00 28.58 ? 43  CYS B SG  1 
ATOM   853  N N   A LEU B 1 15  ? -0.402  -2.301  -2.915  0.56 19.43 ? 44  LEU B N   1 
ATOM   854  N N   B LEU B 1 15  ? -0.427  -2.287  -2.915  0.44 18.92 ? 44  LEU B N   1 
ATOM   855  C CA  A LEU B 1 15  ? -0.047  -2.608  -1.536  0.56 18.49 ? 44  LEU B CA  1 
ATOM   856  C CA  B LEU B 1 15  ? -0.057  -2.618  -1.549  0.44 19.15 ? 44  LEU B CA  1 
ATOM   857  C C   A LEU B 1 15  ? 0.656   -3.954  -1.544  0.56 22.92 ? 44  LEU B C   1 
ATOM   858  C C   B LEU B 1 15  ? 0.684   -3.944  -1.611  0.44 22.66 ? 44  LEU B C   1 
ATOM   859  O O   A LEU B 1 15  ? 0.080   -4.950  -1.989  0.56 21.32 ? 44  LEU B O   1 
ATOM   860  O O   B LEU B 1 15  ? 0.174   -4.912  -2.184  0.44 21.42 ? 44  LEU B O   1 
ATOM   861  C CB  A LEU B 1 15  ? -1.277  -2.653  -0.629  0.56 21.36 ? 44  LEU B CB  1 
ATOM   862  C CB  B LEU B 1 15  ? -1.282  -2.715  -0.638  0.44 22.31 ? 44  LEU B CB  1 
ATOM   863  C CG  A LEU B 1 15  ? -1.072  -3.264  0.759   0.56 22.86 ? 44  LEU B CG  1 
ATOM   864  C CG  B LEU B 1 15  ? -2.134  -1.451  -0.484  0.44 22.88 ? 44  LEU B CG  1 
ATOM   865  C CD1 A LEU B 1 15  ? -0.052  -2.475  1.578   0.56 24.16 ? 44  LEU B CD1 1 
ATOM   866  C CD1 B LEU B 1 15  ? -3.217  -1.670  0.552   0.44 28.73 ? 44  LEU B CD1 1 
ATOM   867  C CD2 A LEU B 1 15  ? -2.406  -3.370  1.500   0.56 27.67 ? 44  LEU B CD2 1 
ATOM   868  C CD2 B LEU B 1 15  ? -1.248  -0.290  -0.079  0.44 24.49 ? 44  LEU B CD2 1 
ATOM   869  N N   . ARG B 1 16  ? 1.890   -3.978  -1.058  1.00 20.50 ? 45  ARG B N   1 
ATOM   870  C CA  . ARG B 1 16  ? 2.719   -5.177  -1.042  1.00 23.23 ? 45  ARG B CA  1 
ATOM   871  C C   . ARG B 1 16  ? 2.956   -5.600  0.405   1.00 21.72 ? 45  ARG B C   1 
ATOM   872  O O   . ARG B 1 16  ? 3.327   -4.777  1.243   1.00 20.96 ? 45  ARG B O   1 
ATOM   873  C CB  . ARG B 1 16  ? 4.052   -4.913  -1.752  1.00 25.99 ? 45  ARG B CB  1 
ATOM   874  C CG  . ARG B 1 16  ? 4.916   -6.157  -1.926  1.00 33.14 ? 45  ARG B CG  1 
ATOM   875  C CD  . ARG B 1 16  ? 6.010   -5.919  -2.955  1.00 45.36 ? 45  ARG B CD  1 
ATOM   876  N NE  . ARG B 1 16  ? 7.167   -5.239  -2.385  1.00 51.62 ? 45  ARG B NE  1 
ATOM   877  C CZ  . ARG B 1 16  ? 8.149   -4.704  -3.106  1.00 55.47 ? 45  ARG B CZ  1 
ATOM   878  N NH1 . ARG B 1 16  ? 8.106   -4.765  -4.432  1.00 52.04 ? 45  ARG B NH1 1 
ATOM   879  N NH2 . ARG B 1 16  ? 9.171   -4.107  -2.506  1.00 54.96 ? 45  ARG B NH2 1 
ATOM   880  N N   . GLU B 1 17  ? 2.751   -6.879  0.708   1.00 19.78 ? 46  GLU B N   1 
ATOM   881  C CA  . GLU B 1 17  ? 2.934   -7.348  2.075   1.00 22.61 ? 46  GLU B CA  1 
ATOM   882  C C   . GLU B 1 17  ? 3.817   -8.588  2.072   1.00 26.21 ? 46  GLU B C   1 
ATOM   883  O O   . GLU B 1 17  ? 3.652   -9.474  1.231   1.00 24.99 ? 46  GLU B O   1 
ATOM   884  C CB  . GLU B 1 17  ? 1.588   -7.641  2.745   1.00 22.40 ? 46  GLU B CB  1 
ATOM   885  C CG  . GLU B 1 17  ? 0.629   -6.432  2.790   1.00 25.60 ? 46  GLU B CG  1 
ATOM   886  C CD  . GLU B 1 17  ? -0.524  -6.616  3.773   1.00 35.66 ? 46  GLU B CD  1 
ATOM   887  O OE1 . GLU B 1 17  ? -0.486  -7.576  4.568   1.00 38.32 ? 46  GLU B OE1 1 
ATOM   888  O OE2 . GLU B 1 17  ? -1.472  -5.801  3.738   1.00 39.16 ? 46  GLU B OE2 1 
ATOM   889  N N   . GLU B 1 18  ? 4.774   -8.632  2.998   1.00 20.62 ? 47  GLU B N   1 
ATOM   890  C CA  . GLU B 1 18  ? 5.625   -9.807  3.193   1.00 23.15 ? 47  GLU B CA  1 
ATOM   891  C C   . GLU B 1 18  ? 5.523   -10.191 4.662   1.00 30.61 ? 47  GLU B C   1 
ATOM   892  O O   . GLU B 1 18  ? 6.123   -9.531  5.512   1.00 32.42 ? 47  GLU B O   1 
ATOM   893  C CB  . GLU B 1 18  ? 7.071   -9.511  2.793   1.00 34.27 ? 47  GLU B CB  1 
ATOM   894  C CG  . GLU B 1 18  ? 7.191   -8.890  1.409   1.00 30.48 ? 47  GLU B CG  1 
ATOM   895  C CD  . GLU B 1 18  ? 8.563   -8.306  1.130   1.00 45.23 ? 47  GLU B CD  1 
ATOM   896  O OE1 . GLU B 1 18  ? 9.564   -8.866  1.615   1.00 44.94 ? 47  GLU B OE1 1 
ATOM   897  O OE2 . GLU B 1 18  ? 8.634   -7.281  0.418   1.00 52.99 ? 47  GLU B OE2 1 
ATOM   898  N N   . ILE B 1 19  ? 4.767   -11.250 4.961   1.00 35.84 ? 48  ILE B N   1 
ATOM   899  C CA  . ILE B 1 19  ? 4.586   -11.708 6.338   1.00 37.25 ? 48  ILE B CA  1 
ATOM   900  C C   . ILE B 1 19  ? 5.237   -13.082 6.476   1.00 47.03 ? 48  ILE B C   1 
ATOM   901  O O   . ILE B 1 19  ? 5.796   -13.611 5.511   1.00 41.66 ? 48  ILE B O   1 
ATOM   902  C CB  . ILE B 1 19  ? 3.092   -11.729 6.726   1.00 41.81 ? 48  ILE B CB  1 
ATOM   903  C CG1 . ILE B 1 19  ? 2.918   -11.700 8.253   1.00 47.34 ? 48  ILE B CG1 1 
ATOM   904  C CG2 . ILE B 1 19  ? 2.354   -12.902 6.053   1.00 48.15 ? 48  ILE B CG2 1 
ATOM   905  C CD1 . ILE B 1 19  ? 1.487   -11.892 8.738   1.00 48.44 ? 48  ILE B CD1 1 
ATOM   906  N N   . HIS B 1 20  ? 5.221   -13.658 7.676   1.00 39.45 ? 49  HIS B N   1 
ATOM   907  C CA  . HIS B 1 20  ? 5.828   -14.976 7.837   1.00 47.33 ? 49  HIS B CA  1 
ATOM   908  C C   . HIS B 1 20  ? 4.838   -15.960 8.445   1.00 47.59 ? 49  HIS B C   1 
ATOM   909  O O   . HIS B 1 20  ? 5.180   -16.729 9.349   1.00 44.79 ? 49  HIS B O   1 
ATOM   910  C CB  . HIS B 1 20  ? 7.110   -14.885 8.673   1.00 52.09 ? 49  HIS B CB  1 
ATOM   911  C CG  . HIS B 1 20  ? 8.276   -14.306 7.932   1.00 54.10 ? 49  HIS B CG  1 
ATOM   912  N ND1 . HIS B 1 20  ? 8.139   -13.607 6.750   1.00 55.63 ? 49  HIS B ND1 1 
ATOM   913  C CD2 . HIS B 1 20  ? 9.604   -14.334 8.194   1.00 59.21 ? 49  HIS B CD2 1 
ATOM   914  C CE1 . HIS B 1 20  ? 9.327   -13.224 6.323   1.00 54.68 ? 49  HIS B CE1 1 
ATOM   915  N NE2 . HIS B 1 20  ? 10.234  -13.652 7.183   1.00 63.60 ? 49  HIS B NE2 1 
ATOM   916  N N   . LYS B 1 21  ? 3.605   -15.941 7.949   1.00 42.46 ? 50  LYS B N   1 
ATOM   917  C CA  . LYS B 1 21  ? 2.571   -16.857 8.399   1.00 42.45 ? 50  LYS B CA  1 
ATOM   918  C C   . LYS B 1 21  ? 1.732   -17.281 7.204   1.00 43.51 ? 50  LYS B C   1 
ATOM   919  O O   . LYS B 1 21  ? 1.574   -16.523 6.242   1.00 37.64 ? 50  LYS B O   1 
ATOM   920  C CB  . LYS B 1 21  ? 1.666   -16.221 9.466   1.00 43.73 ? 50  LYS B CB  1 
ATOM   921  C CG  . LYS B 1 21  ? 2.360   -15.936 10.790  1.00 47.26 ? 50  LYS B CG  1 
ATOM   922  C CD  . LYS B 1 21  ? 1.395   -15.352 11.803  1.00 50.11 ? 50  LYS B CD  1 
ATOM   923  C CE  . LYS B 1 21  ? 2.066   -15.187 13.157  1.00 51.27 ? 50  LYS B CE  1 
ATOM   924  N NZ  . LYS B 1 21  ? 1.152   -14.557 14.148  1.00 59.44 ? 50  LYS B NZ  1 
ATOM   925  N N   . ASP B 1 22  ? 1.208   -18.505 7.272   1.00 38.65 ? 51  ASP B N   1 
ATOM   926  C CA  . ASP B 1 22  ? 0.175   -18.970 6.351   1.00 43.60 ? 51  ASP B CA  1 
ATOM   927  C C   . ASP B 1 22  ? -1.181  -18.648 6.969   1.00 36.97 ? 51  ASP B C   1 
ATOM   928  O O   . ASP B 1 22  ? -1.561  -19.232 7.989   1.00 40.13 ? 51  ASP B O   1 
ATOM   929  C CB  . ASP B 1 22  ? 0.302   -20.469 6.086   1.00 43.93 ? 51  ASP B CB  1 
ATOM   930  C CG  . ASP B 1 22  ? 1.609   -20.838 5.421   1.00 51.37 ? 51  ASP B CG  1 
ATOM   931  O OD1 . ASP B 1 22  ? 1.707   -21.968 4.896   1.00 53.77 ? 51  ASP B OD1 1 
ATOM   932  O OD2 . ASP B 1 22  ? 2.533   -19.998 5.415   1.00 54.39 ? 51  ASP B OD2 1 
ATOM   933  N N   . LEU B 1 23  ? -1.917  -17.724 6.362   1.00 39.18 ? 52  LEU B N   1 
ATOM   934  C CA  . LEU B 1 23  ? -3.208  -17.348 6.913   1.00 33.85 ? 52  LEU B CA  1 
ATOM   935  C C   . LEU B 1 23  ? -4.155  -17.005 5.772   1.00 24.20 ? 52  LEU B C   1 
ATOM   936  O O   . LEU B 1 23  ? -3.785  -17.020 4.595   1.00 33.26 ? 52  LEU B O   1 
ATOM   937  C CB  . LEU B 1 23  ? -3.077  -16.183 7.905   1.00 38.38 ? 52  LEU B CB  1 
ATOM   938  C CG  . LEU B 1 23  ? -2.100  -15.055 7.554   1.00 41.07 ? 52  LEU B CG  1 
ATOM   939  C CD1 . LEU B 1 23  ? -2.571  -14.210 6.376   1.00 33.10 ? 52  LEU B CD1 1 
ATOM   940  C CD2 . LEU B 1 23  ? -1.850  -14.183 8.764   1.00 33.79 ? 52  LEU B CD2 1 
ATOM   941  N N   . LEU B 1 24  ? -5.385  -16.689 6.137   1.00 26.02 ? 53  LEU B N   1 
ATOM   942  C CA  . LEU B 1 24  ? -6.394  -16.262 5.180   1.00 27.10 ? 53  LEU B CA  1 
ATOM   943  C C   . LEU B 1 24  ? -6.408  -14.742 5.140   1.00 27.13 ? 53  LEU B C   1 
ATOM   944  O O   . LEU B 1 24  ? -6.505  -14.097 6.190   1.00 30.88 ? 53  LEU B O   1 
ATOM   945  C CB  . LEU B 1 24  ? -7.775  -16.786 5.565   1.00 28.19 ? 53  LEU B CB  1 
ATOM   946  C CG  . LEU B 1 24  ? -8.944  -16.300 4.696   1.00 27.88 ? 53  LEU B CG  1 
ATOM   947  C CD1 . LEU B 1 24  ? -8.933  -16.995 3.339   1.00 32.05 ? 53  LEU B CD1 1 
ATOM   948  C CD2 . LEU B 1 24  ? -10.280 -16.507 5.410   1.00 30.73 ? 53  LEU B CD2 1 
ATOM   949  N N   . VAL B 1 25  ? -6.319  -14.183 3.938   1.00 28.54 ? 54  VAL B N   1 
ATOM   950  C CA  . VAL B 1 25  ? -6.491  -12.754 3.705   1.00 25.35 ? 54  VAL B CA  1 
ATOM   951  C C   . VAL B 1 25  ? -7.813  -12.555 2.976   1.00 26.70 ? 54  VAL B C   1 
ATOM   952  O O   . VAL B 1 25  ? -8.074  -13.204 1.957   1.00 23.61 ? 54  VAL B O   1 
ATOM   953  C CB  . VAL B 1 25  ? -5.325  -12.165 2.893   1.00 28.90 ? 54  VAL B CB  1 
ATOM   954  C CG1 . VAL B 1 25  ? -5.539  -10.665 2.692   1.00 27.06 ? 54  VAL B CG1 1 
ATOM   955  C CG2 . VAL B 1 25  ? -4.001  -12.435 3.592   1.00 26.96 ? 54  VAL B CG2 1 
ATOM   956  N N   . THR B 1 26  ? -8.649  -11.675 3.506   1.00 24.44 ? 55  THR B N   1 
ATOM   957  C CA  . THR B 1 26  ? -9.892  -11.288 2.862   1.00 28.26 ? 55  THR B CA  1 
ATOM   958  C C   . THR B 1 26  ? -9.887  -9.785  2.632   1.00 28.52 ? 55  THR B C   1 
ATOM   959  O O   . THR B 1 26  ? -9.288  -9.024  3.397   1.00 26.60 ? 55  THR B O   1 
ATOM   960  C CB  . THR B 1 26  ? -11.113 -11.678 3.696   1.00 26.90 ? 55  THR B CB  1 
ATOM   961  O OG1 . THR B 1 26  ? -10.975 -11.143 5.016   1.00 32.90 ? 55  THR B OG1 1 
ATOM   962  C CG2 . THR B 1 26  ? -11.249 -13.195 3.776   1.00 32.15 ? 55  THR B CG2 1 
ATOM   963  N N   . GLY B 1 27  ? -10.555 -9.360  1.564   1.00 23.09 ? 56  GLY B N   1 
ATOM   964  C CA  . GLY B 1 27  ? -10.614 -7.951  1.238   1.00 26.97 ? 56  GLY B CA  1 
ATOM   965  C C   . GLY B 1 27  ? -11.988 -7.550  0.765   1.00 24.20 ? 56  GLY B C   1 
ATOM   966  O O   . GLY B 1 27  ? -12.785 -8.368  0.274   1.00 24.85 ? 56  GLY B O   1 
ATOM   967  N N   . ALA B 1 28  ? -12.272 -6.259  0.934   1.00 21.77 ? 57  ALA B N   1 
ATOM   968  C CA  . ALA B 1 28  ? -13.459 -5.612  0.394   1.00 21.18 ? 57  ALA B CA  1 
ATOM   969  C C   . ALA B 1 28  ? -13.034 -4.270  -0.182  1.00 22.96 ? 57  ALA B C   1 
ATOM   970  O O   . ALA B 1 28  ? -12.315 -3.511  0.475   1.00 24.86 ? 57  ALA B O   1 
ATOM   971  C CB  . ALA B 1 28  ? -14.535 -5.404  1.471   1.00 24.89 ? 57  ALA B CB  1 
ATOM   972  N N   . TYR B 1 29  ? -13.483 -3.955  -1.391  1.00 19.63 ? 58  TYR B N   1 
ATOM   973  C CA  . TYR B 1 29  ? -13.054 -2.711  -2.012  1.00 17.55 ? 58  TYR B CA  1 
ATOM   974  C C   . TYR B 1 29  ? -14.232 -2.018  -2.682  1.00 24.57 ? 58  TYR B C   1 
ATOM   975  O O   . TYR B 1 29  ? -15.236 -2.643  -3.026  1.00 22.12 ? 58  TYR B O   1 
ATOM   976  C CB  . TYR B 1 29  ? -11.959 -2.946  -3.063  1.00 19.28 ? 58  TYR B CB  1 
ATOM   977  C CG  . TYR B 1 29  ? -12.427 -3.854  -4.191  1.00 20.35 ? 58  TYR B CG  1 
ATOM   978  C CD1 . TYR B 1 29  ? -12.983 -3.332  -5.356  1.00 22.79 ? 58  TYR B CD1 1 
ATOM   979  C CD2 . TYR B 1 29  ? -12.313 -5.242  -4.078  1.00 22.11 ? 58  TYR B CD2 1 
ATOM   980  C CE1 . TYR B 1 29  ? -13.410 -4.184  -6.382  1.00 26.84 ? 58  TYR B CE1 1 
ATOM   981  C CE2 . TYR B 1 29  ? -12.745 -6.083  -5.084  1.00 26.15 ? 58  TYR B CE2 1 
ATOM   982  C CZ  . TYR B 1 29  ? -13.291 -5.550  -6.228  1.00 26.55 ? 58  TYR B CZ  1 
ATOM   983  O OH  . TYR B 1 29  ? -13.701 -6.418  -7.227  1.00 27.96 ? 58  TYR B OH  1 
ATOM   984  N N   . GLU B 1 30  ? -14.083 -0.711  -2.877  1.00 20.22 ? 59  GLU B N   1 
ATOM   985  C CA  . GLU B 1 30  ? -15.072 0.085   -3.601  1.00 22.82 ? 59  GLU B CA  1 
ATOM   986  C C   . GLU B 1 30  ? -14.330 1.179   -4.351  1.00 25.63 ? 59  GLU B C   1 
ATOM   987  O O   . GLU B 1 30  ? -13.580 1.949   -3.738  1.00 25.08 ? 59  GLU B O   1 
ATOM   988  C CB  . GLU B 1 30  ? -16.118 0.692   -2.653  1.00 26.54 ? 59  GLU B CB  1 
ATOM   989  C CG  . GLU B 1 30  ? -17.165 1.531   -3.377  1.00 32.24 ? 59  GLU B CG  1 
ATOM   990  C CD  . GLU B 1 30  ? -18.124 2.267   -2.440  1.00 40.28 ? 59  GLU B CD  1 
ATOM   991  O OE1 . GLU B 1 30  ? -18.020 2.116   -1.205  1.00 33.63 ? 59  GLU B OE1 1 
ATOM   992  O OE2 . GLU B 1 30  ? -18.992 3.004   -2.956  1.00 47.90 ? 59  GLU B OE2 1 
ATOM   993  N N   . ILE B 1 31  ? -14.524 1.236   -5.672  1.00 20.40 ? 60  ILE B N   1 
ATOM   994  C CA  . ILE B 1 31  ? -13.867 2.208   -6.544  1.00 21.59 ? 60  ILE B CA  1 
ATOM   995  C C   . ILE B 1 31  ? -14.942 3.159   -7.039  1.00 26.18 ? 60  ILE B C   1 
ATOM   996  O O   . ILE B 1 31  ? -15.894 2.718   -7.689  1.00 26.59 ? 60  ILE B O   1 
ATOM   997  C CB  . ILE B 1 31  ? -13.179 1.524   -7.733  1.00 25.50 ? 60  ILE B CB  1 
ATOM   998  C CG1 . ILE B 1 31  ? -12.188 0.480   -7.217  1.00 27.72 ? 60  ILE B CG1 1 
ATOM   999  C CG2 . ILE B 1 31  ? -12.467 2.553   -8.607  1.00 26.10 ? 60  ILE B CG2 1 
ATOM   1000 C CD1 . ILE B 1 31  ? -11.749 -0.517  -8.285  1.00 30.78 ? 60  ILE B CD1 1 
ATOM   1001 N N   . THR B 1 32  ? -14.812 4.442   -6.731  1.00 23.02 ? 61  THR B N   1 
ATOM   1002 C CA  . THR B 1 32  ? -15.831 5.416   -7.101  1.00 25.88 ? 61  THR B CA  1 
ATOM   1003 C C   . THR B 1 32  ? -15.315 6.305   -8.212  1.00 34.92 ? 61  THR B C   1 
ATOM   1004 O O   . THR B 1 32  ? -14.177 6.777   -8.167  1.00 34.34 ? 61  THR B O   1 
ATOM   1005 C CB  . THR B 1 32  ? -16.272 6.281   -5.925  1.00 38.07 ? 61  THR B CB  1 
ATOM   1006 O OG1 . THR B 1 32  ? -15.280 7.281   -5.667  1.00 42.54 ? 61  THR B OG1 1 
ATOM   1007 C CG2 . THR B 1 32  ? -16.490 5.422   -4.708  1.00 37.60 ? 61  THR B CG2 1 
ATOM   1008 N N   . ASP B 1 33  ? -16.196 6.562   -9.169  1.00 33.78 ? 62  ASP B N   1 
ATOM   1009 C CA  . ASP B 1 33  ? -15.886 7.242   -10.419 1.00 38.66 ? 62  ASP B CA  1 
ATOM   1010 C C   . ASP B 1 33  ? -17.115 8.085   -10.700 1.00 35.97 ? 62  ASP B C   1 
ATOM   1011 O O   . ASP B 1 33  ? -18.172 7.542   -11.029 1.00 42.66 ? 62  ASP B O   1 
ATOM   1012 C CB  . ASP B 1 33  ? -15.629 6.226   -11.535 1.00 36.94 ? 62  ASP B CB  1 
ATOM   1013 C CG  . ASP B 1 33  ? -15.811 6.805   -12.924 1.00 43.70 ? 62  ASP B CG  1 
ATOM   1014 O OD1 . ASP B 1 33  ? -15.537 8.007   -13.122 1.00 40.01 ? 62  ASP B OD1 1 
ATOM   1015 O OD2 . ASP B 1 33  ? -16.240 6.044   -13.822 1.00 41.10 ? 62  ASP B OD2 1 
ATOM   1016 N N   . GLN B 1 34  ? -17.009 9.386   -10.514 1.00 34.49 ? 63  GLN B N   1 
ATOM   1017 C CA  . GLN B 1 34  ? -18.167 10.237  -10.745 1.00 42.44 ? 63  GLN B CA  1 
ATOM   1018 C C   . GLN B 1 34  ? -18.334 10.609  -12.209 1.00 42.27 ? 63  GLN B C   1 
ATOM   1019 O O   . GLN B 1 34  ? -19.275 11.339  -12.543 1.00 44.06 ? 63  GLN B O   1 
ATOM   1020 C CB  . GLN B 1 34  ? -18.081 11.500  -9.886  1.00 44.38 ? 63  GLN B CB  1 
ATOM   1021 C CG  . GLN B 1 34  ? -17.949 11.213  -8.395  1.00 48.99 ? 63  GLN B CG  1 
ATOM   1022 C CD  . GLN B 1 34  ? -16.593 11.615  -7.837  1.00 53.12 ? 63  GLN B CD  1 
ATOM   1023 O OE1 . GLN B 1 34  ? -16.247 12.798  -7.813  1.00 59.68 ? 63  GLN B OE1 1 
ATOM   1024 N NE2 . GLN B 1 34  ? -15.814 10.629  -7.393  1.00 53.03 ? 63  GLN B NE2 1 
ATOM   1025 N N   . SER B 1 35  ? -17.462 10.111  -13.090 1.00 39.78 ? 64  SER B N   1 
ATOM   1026 C CA  . SER B 1 35  ? -17.571 10.394  -14.515 1.00 42.26 ? 64  SER B CA  1 
ATOM   1027 C C   . SER B 1 35  ? -18.520 9.452   -15.244 1.00 41.25 ? 64  SER B C   1 
ATOM   1028 O O   . SER B 1 35  ? -18.847 9.712   -16.405 1.00 42.82 ? 64  SER B O   1 
ATOM   1029 C CB  . SER B 1 35  ? -16.189 10.332  -15.174 1.00 40.58 ? 64  SER B CB  1 
ATOM   1030 O OG  . SER B 1 35  ? -15.814 8.990   -15.436 1.00 38.71 ? 64  SER B OG  1 
ATOM   1031 N N   . GLY B 1 36  ? -18.978 8.381   -14.607 1.00 42.07 ? 65  GLY B N   1 
ATOM   1032 C CA  . GLY B 1 36  ? -19.779 7.399   -15.319 1.00 40.71 ? 65  GLY B CA  1 
ATOM   1033 C C   . GLY B 1 36  ? -19.012 6.647   -16.389 1.00 44.00 ? 65  GLY B C   1 
ATOM   1034 O O   . GLY B 1 36  ? -19.580 6.316   -17.436 1.00 46.54 ? 65  GLY B O   1 
ATOM   1035 N N   . GLY B 1 37  ? -17.729 6.373   -16.157 1.00 39.65 ? 66  GLY B N   1 
ATOM   1036 C CA  . GLY B 1 37  ? -16.938 5.664   -17.148 1.00 37.98 ? 66  GLY B CA  1 
ATOM   1037 C C   . GLY B 1 37  ? -16.579 6.483   -18.368 1.00 33.13 ? 66  GLY B C   1 
ATOM   1038 O O   . GLY B 1 37  ? -16.383 5.920   -19.451 1.00 38.27 ? 66  GLY B O   1 
ATOM   1039 N N   . ALA B 1 38  ? -16.474 7.802   -18.220 1.00 40.08 ? 67  ALA B N   1 
ATOM   1040 C CA  . ALA B 1 38  ? -16.135 8.661   -19.344 1.00 44.43 ? 67  ALA B CA  1 
ATOM   1041 C C   . ALA B 1 38  ? -14.752 8.321   -19.886 1.00 43.62 ? 67  ALA B C   1 
ATOM   1042 O O   . ALA B 1 38  ? -13.912 7.727   -19.205 1.00 42.19 ? 67  ALA B O   1 
ATOM   1043 C CB  . ALA B 1 38  ? -16.190 10.133  -18.931 1.00 45.60 ? 67  ALA B CB  1 
ATOM   1044 N N   . GLY B 1 39  ? -14.525 8.702   -21.143 1.00 36.25 ? 68  GLY B N   1 
ATOM   1045 C CA  . GLY B 1 39  ? -13.232 8.489   -21.768 1.00 39.65 ? 68  GLY B CA  1 
ATOM   1046 C C   . GLY B 1 39  ? -12.783 7.047   -21.817 1.00 37.54 ? 68  GLY B C   1 
ATOM   1047 O O   . GLY B 1 39  ? -11.582 6.787   -21.890 1.00 40.06 ? 68  GLY B O   1 
ATOM   1048 N N   . GLY B 1 40  ? -13.716 6.098   -21.771 1.00 36.90 ? 69  GLY B N   1 
ATOM   1049 C CA  . GLY B 1 40  ? -13.353 4.697   -21.829 1.00 34.25 ? 69  GLY B CA  1 
ATOM   1050 C C   . GLY B 1 40  ? -12.676 4.196   -20.575 1.00 39.28 ? 69  GLY B C   1 
ATOM   1051 O O   . GLY B 1 40  ? -11.847 3.284   -20.642 1.00 38.74 ? 69  GLY B O   1 
ATOM   1052 N N   . LEU B 1 41  ? -13.033 4.756   -19.426 1.00 35.94 ? 70  LEU B N   1 
ATOM   1053 C CA  . LEU B 1 41  ? -12.327 4.457   -18.189 1.00 35.43 ? 70  LEU B CA  1 
ATOM   1054 C C   . LEU B 1 41  ? -12.665 3.058   -17.695 1.00 37.18 ? 70  LEU B C   1 
ATOM   1055 O O   . LEU B 1 41  ? -13.837 2.682   -17.613 1.00 34.76 ? 70  LEU B O   1 
ATOM   1056 C CB  . LEU B 1 41  ? -12.698 5.490   -17.133 1.00 31.81 ? 70  LEU B CB  1 
ATOM   1057 C CG  . LEU B 1 41  ? -12.111 5.305   -15.732 1.00 34.46 ? 70  LEU B CG  1 
ATOM   1058 C CD1 . LEU B 1 41  ? -10.611 5.588   -15.757 1.00 33.67 ? 70  LEU B CD1 1 
ATOM   1059 C CD2 . LEU B 1 41  ? -12.838 6.215   -14.768 1.00 32.88 ? 70  LEU B CD2 1 
ATOM   1060 N N   . ARG B 1 42  ? -11.641 2.286   -17.344 1.00 39.56 ? 71  ARG B N   1 
ATOM   1061 C CA  . ARG B 1 42  ? -11.893 1.096   -16.548 1.00 35.81 ? 71  ARG B CA  1 
ATOM   1062 C C   . ARG B 1 42  ? -10.697 0.841   -15.645 1.00 28.13 ? 71  ARG B C   1 
ATOM   1063 O O   . ARG B 1 42  ? -9.601  1.366   -15.854 1.00 26.92 ? 71  ARG B O   1 
ATOM   1064 C CB  . ARG B 1 42  ? -12.239 -0.144  -17.392 1.00 43.12 ? 71  ARG B CB  1 
ATOM   1065 C CG  . ARG B 1 42  ? -11.146 -0.804  -18.210 1.00 51.17 ? 71  ARG B CG  1 
ATOM   1066 C CD  . ARG B 1 42  ? -10.400 0.099   -19.166 1.00 57.42 ? 71  ARG B CD  1 
ATOM   1067 N NE  . ARG B 1 42  ? -9.760  -0.724  -20.170 1.00 64.56 ? 71  ARG B NE  1 
ATOM   1068 C CZ  . ARG B 1 42  ? -9.236  -0.287  -21.305 1.00 69.88 ? 71  ARG B CZ  1 
ATOM   1069 N NH1 . ARG B 1 42  ? -9.245  1.001   -21.595 1.00 67.49 ? 71  ARG B NH1 1 
ATOM   1070 N NH2 . ARG B 1 42  ? -8.687  -1.157  -22.150 1.00 72.91 ? 71  ARG B NH2 1 
ATOM   1071 N N   . THR B 1 43  ? -10.947 0.060   -14.607 1.00 28.98 ? 72  THR B N   1 
ATOM   1072 C CA  . THR B 1 43  ? -9.979  -0.154  -13.545 1.00 23.69 ? 72  THR B CA  1 
ATOM   1073 C C   . THR B 1 43  ? -9.828  -1.643  -13.311 1.00 24.12 ? 72  THR B C   1 
ATOM   1074 O O   . THR B 1 43  ? -10.817 -2.351  -13.107 1.00 33.20 ? 72  THR B O   1 
ATOM   1075 C CB  . THR B 1 43  ? -10.406 0.537   -12.252 1.00 28.18 ? 72  THR B CB  1 
ATOM   1076 O OG1 . THR B 1 43  ? -10.585 1.938   -12.502 1.00 34.75 ? 72  THR B OG1 1 
ATOM   1077 C CG2 . THR B 1 43  ? -9.341  0.338   -11.184 1.00 24.23 ? 72  THR B CG2 1 
ATOM   1078 N N   . HIS B 1 44  ? -8.590  -2.108  -13.331 1.00 28.61 ? 73  HIS B N   1 
ATOM   1079 C CA  . HIS B 1 44  ? -8.284  -3.511  -13.125 1.00 26.74 ? 73  HIS B CA  1 
ATOM   1080 C C   . HIS B 1 44  ? -7.746  -3.711  -11.715 1.00 23.82 ? 73  HIS B C   1 
ATOM   1081 O O   . HIS B 1 44  ? -7.022  -2.865  -11.192 1.00 26.68 ? 73  HIS B O   1 
ATOM   1082 C CB  . HIS B 1 44  ? -7.254  -3.997  -14.145 1.00 28.25 ? 73  HIS B CB  1 
ATOM   1083 C CG  . HIS B 1 44  ? -7.710  -3.886  -15.568 1.00 38.27 ? 73  HIS B CG  1 
ATOM   1084 N ND1 . HIS B 1 44  ? -9.028  -3.674  -15.917 1.00 45.27 ? 73  HIS B ND1 1 
ATOM   1085 C CD2 . HIS B 1 44  ? -7.018  -3.942  -16.731 1.00 49.73 ? 73  HIS B CD2 1 
ATOM   1086 C CE1 . HIS B 1 44  ? -9.127  -3.609  -17.234 1.00 48.61 ? 73  HIS B CE1 1 
ATOM   1087 N NE2 . HIS B 1 44  ? -7.922  -3.768  -17.750 1.00 45.23 ? 73  HIS B NE2 1 
ATOM   1088 N N   . LEU B 1 45  ? -8.107  -4.833  -11.113 1.00 22.56 ? 74  LEU B N   1 
ATOM   1089 C CA  . LEU B 1 45  ? -7.606  -5.248  -9.813  1.00 23.47 ? 74  LEU B CA  1 
ATOM   1090 C C   . LEU B 1 45  ? -6.922  -6.590  -10.017 1.00 27.48 ? 74  LEU B C   1 
ATOM   1091 O O   . LEU B 1 45  ? -7.492  -7.485  -10.649 1.00 27.50 ? 74  LEU B O   1 
ATOM   1092 C CB  . LEU B 1 45  ? -8.746  -5.351  -8.787  1.00 25.92 ? 74  LEU B CB  1 
ATOM   1093 C CG  . LEU B 1 45  ? -8.429  -6.036  -7.456  1.00 30.30 ? 74  LEU B CG  1 
ATOM   1094 C CD1 . LEU B 1 45  ? -7.392  -5.235  -6.698  1.00 24.75 ? 74  LEU B CD1 1 
ATOM   1095 C CD2 . LEU B 1 45  ? -9.675  -6.196  -6.582  1.00 31.61 ? 74  LEU B CD2 1 
ATOM   1096 N N   . LYS B 1 46  ? -5.688  -6.715  -9.529  1.00 22.86 ? 75  LYS B N   1 
ATOM   1097 C CA  . LYS B 1 46  ? -4.924  -7.949  -9.660  1.00 22.21 ? 75  LYS B CA  1 
ATOM   1098 C C   . LYS B 1 46  ? -4.149  -8.188  -8.374  1.00 25.36 ? 75  LYS B C   1 
ATOM   1099 O O   . LYS B 1 46  ? -3.511  -7.266  -7.854  1.00 22.89 ? 75  LYS B O   1 
ATOM   1100 C CB  . LYS B 1 46  ? -3.958  -7.880  -10.852 1.00 28.29 ? 75  LYS B CB  1 
ATOM   1101 C CG  . LYS B 1 46  ? -3.127  -9.155  -11.043 1.00 30.67 ? 75  LYS B CG  1 
ATOM   1102 C CD  . LYS B 1 46  ? -2.182  -9.042  -12.243 1.00 39.65 ? 75  LYS B CD  1 
ATOM   1103 C CE  . LYS B 1 46  ? -1.231  -7.849  -12.108 1.00 52.43 ? 75  LYS B CE  1 
ATOM   1104 N NZ  . LYS B 1 46  ? -0.231  -7.987  -11.003 1.00 50.91 ? 75  LYS B NZ  1 
ATOM   1105 N N   . ILE B 1 47  ? -4.208  -9.419  -7.866  1.00 20.98 ? 76  ILE B N   1 
ATOM   1106 C CA  . ILE B 1 47  ? -3.458  -9.840  -6.684  1.00 23.43 ? 76  ILE B CA  1 
ATOM   1107 C C   . ILE B 1 47  ? -2.506  -10.955 -7.102  1.00 26.67 ? 76  ILE B C   1 
ATOM   1108 O O   . ILE B 1 47  ? -2.915  -11.892 -7.801  1.00 28.40 ? 76  ILE B O   1 
ATOM   1109 C CB  . ILE B 1 47  ? -4.408  -10.294 -5.563  1.00 22.28 ? 76  ILE B CB  1 
ATOM   1110 C CG1 . ILE B 1 47  ? -5.483  -9.214  -5.345  1.00 23.39 ? 76  ILE B CG1 1 
ATOM   1111 C CG2 . ILE B 1 47  ? -3.631  -10.614 -4.278  1.00 22.35 ? 76  ILE B CG2 1 
ATOM   1112 C CD1 . ILE B 1 47  ? -6.434  -9.446  -4.176  1.00 23.01 ? 76  ILE B CD1 1 
ATOM   1113 N N   . THR B 1 48  ? -1.232  -10.837 -6.717  1.00 23.42 ? 77  THR B N   1 
ATOM   1114 C CA  . THR B 1 48  ? -0.214  -11.801 -7.127  1.00 27.20 ? 77  THR B CA  1 
ATOM   1115 C C   . THR B 1 48  ? 0.607   -12.245 -5.925  1.00 31.78 ? 77  THR B C   1 
ATOM   1116 O O   . THR B 1 48  ? 0.665   -11.557 -4.907  1.00 27.26 ? 77  THR B O   1 
ATOM   1117 C CB  . THR B 1 48  ? 0.743   -11.236 -8.182  1.00 29.61 ? 77  THR B CB  1 
ATOM   1118 O OG1 . THR B 1 48  ? 1.459   -10.115 -7.630  1.00 31.04 ? 77  THR B OG1 1 
ATOM   1119 C CG2 . THR B 1 48  ? -0.022  -10.819 -9.437  1.00 31.20 ? 77  THR B CG2 1 
ATOM   1120 N N   . ASP B 1 49  ? 1.267   -13.403 -6.059  1.00 32.27 ? 78  ASP B N   1 
ATOM   1121 C CA  . ASP B 1 49  ? 2.172   -13.868 -5.016  1.00 32.98 ? 78  ASP B CA  1 
ATOM   1122 C C   . ASP B 1 49  ? 3.619   -13.574 -5.409  1.00 38.16 ? 78  ASP B C   1 
ATOM   1123 O O   . ASP B 1 49  ? 3.898   -12.939 -6.430  1.00 41.33 ? 78  ASP B O   1 
ATOM   1124 C CB  . ASP B 1 49  ? 1.951   -15.357 -4.696  1.00 33.34 ? 78  ASP B CB  1 
ATOM   1125 C CG  . ASP B 1 49  ? 2.285   -16.296 -5.856  1.00 41.14 ? 78  ASP B CG  1 
ATOM   1126 O OD1 . ASP B 1 49  ? 3.026   -15.919 -6.791  1.00 35.41 ? 78  ASP B OD1 1 
ATOM   1127 O OD2 . ASP B 1 49  ? 1.816   -17.457 -5.802  1.00 40.71 ? 78  ASP B OD2 1 
ATOM   1128 N N   . SER B 1 50  ? 4.559   -14.051 -4.590  1.00 39.65 ? 79  SER B N   1 
ATOM   1129 C CA  . SER B 1 50  ? 5.965   -13.750 -4.830  1.00 44.72 ? 79  SER B CA  1 
ATOM   1130 C C   . SER B 1 50  ? 6.419   -14.243 -6.199  1.00 43.22 ? 79  SER B C   1 
ATOM   1131 O O   . SER B 1 50  ? 7.279   -13.618 -6.829  1.00 49.13 ? 79  SER B O   1 
ATOM   1132 C CB  . SER B 1 50  ? 6.822   -14.367 -3.726  1.00 45.95 ? 79  SER B CB  1 
ATOM   1133 O OG  . SER B 1 50  ? 8.160   -13.925 -3.836  1.00 56.88 ? 79  SER B OG  1 
ATOM   1134 N N   . ALA B 1 51  ? 5.837   -15.338 -6.683  1.00 44.70 ? 80  ALA B N   1 
ATOM   1135 C CA  . ALA B 1 51  ? 6.216   -15.935 -7.957  1.00 45.84 ? 80  ALA B CA  1 
ATOM   1136 C C   . ALA B 1 51  ? 5.453   -15.356 -9.142  1.00 48.97 ? 80  ALA B C   1 
ATOM   1137 O O   . ALA B 1 51  ? 5.601   -15.860 -10.261 1.00 41.58 ? 80  ALA B O   1 
ATOM   1138 C CB  . ALA B 1 51  ? 6.009   -17.451 -7.905  1.00 48.32 ? 80  ALA B CB  1 
ATOM   1139 N N   . GLY B 1 52  ? 4.645   -14.319 -8.931  1.00 43.58 ? 81  GLY B N   1 
ATOM   1140 C CA  . GLY B 1 52  ? 3.858   -13.758 -10.005 1.00 42.06 ? 81  GLY B CA  1 
ATOM   1141 C C   . GLY B 1 52  ? 2.580   -14.503 -10.323 1.00 38.75 ? 81  GLY B C   1 
ATOM   1142 O O   . GLY B 1 52  ? 1.856   -14.092 -11.240 1.00 41.22 ? 81  GLY B O   1 
ATOM   1143 N N   . HIS B 1 53  ? 2.278   -15.587 -9.611  1.00 40.76 ? 82  HIS B N   1 
ATOM   1144 C CA  . HIS B 1 53  ? 1.010   -16.275 -9.811  1.00 37.38 ? 82  HIS B CA  1 
ATOM   1145 C C   . HIS B 1 53  ? -0.143  -15.347 -9.448  1.00 38.77 ? 82  HIS B C   1 
ATOM   1146 O O   . HIS B 1 53  ? -0.088  -14.629 -8.446  1.00 32.12 ? 82  HIS B O   1 
ATOM   1147 C CB  . HIS B 1 53  ? 0.947   -17.538 -8.954  1.00 36.87 ? 82  HIS B CB  1 
ATOM   1148 C CG  . HIS B 1 53  ? 2.048   -18.516 -9.230  1.00 48.04 ? 82  HIS B CG  1 
ATOM   1149 N ND1 . HIS B 1 53  ? 2.732   -19.168 -8.226  1.00 52.42 ? 82  HIS B ND1 1 
ATOM   1150 C CD2 . HIS B 1 53  ? 2.568   -18.970 -10.396 1.00 51.80 ? 82  HIS B CD2 1 
ATOM   1151 C CE1 . HIS B 1 53  ? 3.635   -19.972 -8.761  1.00 48.76 ? 82  HIS B CE1 1 
ATOM   1152 N NE2 . HIS B 1 53  ? 3.555   -19.871 -10.076 1.00 51.84 ? 82  HIS B NE2 1 
ATOM   1153 N N   . ILE B 1 54  ? -1.196  -15.370 -10.260 1.00 34.07 ? 83  ILE B N   1 
ATOM   1154 C CA  . ILE B 1 54  ? -2.358  -14.519 -10.023 1.00 39.55 ? 83  ILE B CA  1 
ATOM   1155 C C   . ILE B 1 54  ? -3.264  -15.204 -9.005  1.00 39.52 ? 83  ILE B C   1 
ATOM   1156 O O   . ILE B 1 54  ? -3.811  -16.278 -9.267  1.00 41.24 ? 83  ILE B O   1 
ATOM   1157 C CB  . ILE B 1 54  ? -3.108  -14.220 -11.324 1.00 36.86 ? 83  ILE B CB  1 
ATOM   1158 C CG1 . ILE B 1 54  ? -2.207  -13.444 -12.286 1.00 38.32 ? 83  ILE B CG1 1 
ATOM   1159 C CG2 . ILE B 1 54  ? -4.385  -13.442 -11.037 1.00 36.73 ? 83  ILE B CG2 1 
ATOM   1160 C CD1 . ILE B 1 54  ? -2.875  -13.092 -13.597 1.00 42.05 ? 83  ILE B CD1 1 
ATOM   1161 N N   . LEU B 1 55  ? -3.431  -14.579 -7.836  1.00 33.19 ? 84  LEU B N   1 
ATOM   1162 C CA  . LEU B 1 55  ? -4.323  -15.112 -6.813  1.00 33.84 ? 84  LEU B CA  1 
ATOM   1163 C C   . LEU B 1 55  ? -5.756  -14.634 -6.969  1.00 33.08 ? 84  LEU B C   1 
ATOM   1164 O O   . LEU B 1 55  ? -6.666  -15.263 -6.419  1.00 33.39 ? 84  LEU B O   1 
ATOM   1165 C CB  . LEU B 1 55  ? -3.816  -14.741 -5.418  1.00 33.32 ? 84  LEU B CB  1 
ATOM   1166 C CG  . LEU B 1 55  ? -2.387  -15.193 -5.128  1.00 36.20 ? 84  LEU B CG  1 
ATOM   1167 C CD1 . LEU B 1 55  ? -1.887  -14.588 -3.825  1.00 34.85 ? 84  LEU B CD1 1 
ATOM   1168 C CD2 . LEU B 1 55  ? -2.313  -16.722 -5.089  1.00 39.22 ? 84  LEU B CD2 1 
ATOM   1169 N N   . TYR B 1 56  ? -5.968  -13.545 -7.703  1.00 30.17 ? 85  TYR B N   1 
ATOM   1170 C CA  . TYR B 1 56  ? -7.271  -12.942 -7.942  1.00 30.27 ? 85  TYR B CA  1 
ATOM   1171 C C   . TYR B 1 56  ? -7.097  -11.844 -8.982  1.00 34.94 ? 85  TYR B C   1 
ATOM   1172 O O   . TYR B 1 56  ? -6.138  -11.069 -8.917  1.00 28.89 ? 85  TYR B O   1 
ATOM   1173 C CB  . TYR B 1 56  ? -7.880  -12.377 -6.649  1.00 31.83 ? 85  TYR B CB  1 
ATOM   1174 C CG  . TYR B 1 56  ? -9.182  -11.608 -6.843  1.00 33.44 ? 85  TYR B CG  1 
ATOM   1175 C CD1 . TYR B 1 56  ? -9.177  -10.239 -7.064  1.00 35.40 ? 85  TYR B CD1 1 
ATOM   1176 C CD2 . TYR B 1 56  ? -10.413 -12.259 -6.805  1.00 43.22 ? 85  TYR B CD2 1 
ATOM   1177 C CE1 . TYR B 1 56  ? -10.351 -9.535  -7.236  1.00 37.98 ? 85  TYR B CE1 1 
ATOM   1178 C CE2 . TYR B 1 56  ? -11.604 -11.554 -6.977  1.00 39.75 ? 85  TYR B CE2 1 
ATOM   1179 C CZ  . TYR B 1 56  ? -11.562 -10.195 -7.190  1.00 39.75 ? 85  TYR B CZ  1 
ATOM   1180 O OH  . TYR B 1 56  ? -12.730 -9.483  -7.366  1.00 46.35 ? 85  TYR B OH  1 
ATOM   1181 N N   . ALA B 1 57  ? -8.005  -11.804 -9.955  1.00 32.53 ? 86  ALA B N   1 
ATOM   1182 C CA  . ALA B 1 57  ? -8.019  -10.741 -10.953 1.00 27.60 ? 86  ALA B CA  1 
ATOM   1183 C C   . ALA B 1 57  ? -9.459  -10.360 -11.251 1.00 34.21 ? 86  ALA B C   1 
ATOM   1184 O O   . ALA B 1 57  ? -10.310 -11.236 -11.434 1.00 34.91 ? 86  ALA B O   1 
ATOM   1185 C CB  . ALA B 1 57  ? -7.301  -11.163 -12.242 1.00 27.43 ? 86  ALA B CB  1 
ATOM   1186 N N   . LYS B 1 58  ? -9.725  -9.057  -11.293 1.00 30.77 ? 87  LYS B N   1 
ATOM   1187 C CA  . LYS B 1 58  ? -11.028 -8.516  -11.659 1.00 27.75 ? 87  LYS B CA  1 
ATOM   1188 C C   . LYS B 1 58  ? -10.828 -7.557  -12.823 1.00 37.06 ? 87  LYS B C   1 
ATOM   1189 O O   . LYS B 1 58  ? -10.154 -6.527  -12.684 1.00 31.97 ? 87  LYS B O   1 
ATOM   1190 C CB  . LYS B 1 58  ? -11.706 -7.820  -10.479 1.00 31.86 ? 87  LYS B CB  1 
ATOM   1191 C CG  . LYS B 1 58  ? -13.138 -7.353  -10.754 1.00 38.32 ? 87  LYS B CG  1 
ATOM   1192 C CD  . LYS B 1 58  ? -14.074 -8.508  -11.085 1.00 40.99 ? 87  LYS B CD  1 
ATOM   1193 C CE  . LYS B 1 58  ? -15.468 -8.011  -11.447 1.00 41.66 ? 87  LYS B CE  1 
ATOM   1194 N NZ  . LYS B 1 58  ? -16.395 -9.141  -11.766 1.00 42.88 ? 87  LYS B NZ  1 
ATOM   1195 N N   . GLU B 1 59  ? -11.424 -7.908  -13.963 1.00 39.77 ? 88  GLU B N   1 
ATOM   1196 C CA  . GLU B 1 59  ? -11.231 -7.193  -15.219 1.00 40.54 ? 88  GLU B CA  1 
ATOM   1197 C C   . GLU B 1 59  ? -11.849 -5.796  -15.179 1.00 40.48 ? 88  GLU B C   1 
ATOM   1198 O O   . GLU B 1 59  ? -11.206 -4.806  -15.544 1.00 41.50 ? 88  GLU B O   1 
ATOM   1199 C CB  . GLU B 1 59  ? -11.842 -8.025  -16.356 1.00 39.53 ? 88  GLU B CB  1 
ATOM   1200 C CG  . GLU B 1 59  ? -13.334 -8.427  -16.150 1.00 46.42 ? 88  GLU B CG  1 
ATOM   1201 C CD  . GLU B 1 59  ? -13.563 -9.527  -15.109 1.00 38.62 ? 88  GLU B CD  1 
ATOM   1202 O OE1 . GLU B 1 59  ? -12.580 -10.135 -14.631 1.00 42.55 ? 88  GLU B OE1 1 
ATOM   1203 O OE2 . GLU B 1 59  ? -14.727 -9.763  -14.745 1.00 40.64 ? 88  GLU B OE2 1 
ATOM   1204 N N   . ASP B 1 60  ? -13.101 -5.703  -14.755 1.00 41.04 ? 89  ASP B N   1 
ATOM   1205 C CA  . ASP B 1 60  ? -13.851 -4.455  -14.689 1.00 42.22 ? 89  ASP B CA  1 
ATOM   1206 C C   . ASP B 1 60  ? -14.223 -4.264  -13.227 1.00 37.43 ? 89  ASP B C   1 
ATOM   1207 O O   . ASP B 1 60  ? -15.337 -4.589  -12.819 1.00 36.97 ? 89  ASP B O   1 
ATOM   1208 C CB  . ASP B 1 60  ? -15.090 -4.521  -15.595 1.00 45.59 ? 89  ASP B CB  1 
ATOM   1209 C CG  . ASP B 1 60  ? -15.798 -3.188  -15.721 1.00 56.63 ? 89  ASP B CG  1 
ATOM   1210 O OD1 . ASP B 1 60  ? -15.126 -2.140  -15.605 1.00 55.43 ? 89  ASP B OD1 1 
ATOM   1211 O OD2 . ASP B 1 60  ? -17.029 -3.192  -15.933 1.00 61.00 ? 89  ASP B OD2 1 
ATOM   1212 N N   . ALA B 1 61  ? -13.289 -3.743  -12.437 1.00 34.42 ? 90  ALA B N   1 
ATOM   1213 C CA  . ALA B 1 61  ? -13.468 -3.661  -10.991 1.00 28.01 ? 90  ALA B CA  1 
ATOM   1214 C C   . ALA B 1 61  ? -14.274 -2.421  -10.619 1.00 30.44 ? 90  ALA B C   1 
ATOM   1215 O O   . ALA B 1 61  ? -13.992 -1.317  -11.097 1.00 27.13 ? 90  ALA B O   1 
ATOM   1216 C CB  . ALA B 1 61  ? -12.113 -3.649  -10.278 1.00 25.83 ? 90  ALA B CB  1 
ATOM   1217 N N   . THR B 1 62  ? -15.286 -2.616  -9.774  1.00 28.48 ? 91  THR B N   1 
ATOM   1218 C CA  . THR B 1 62  ? -16.078 -1.519  -9.237  1.00 28.09 ? 91  THR B CA  1 
ATOM   1219 C C   . THR B 1 62  ? -16.157 -1.667  -7.722  1.00 32.27 ? 91  THR B C   1 
ATOM   1220 O O   . THR B 1 62  ? -15.457 -0.963  -6.989  1.00 31.12 ? 91  THR B O   1 
ATOM   1221 C CB  . THR B 1 62  ? -17.478 -1.487  -9.871  1.00 31.78 ? 91  THR B CB  1 
ATOM   1222 O OG1 . THR B 1 62  ? -18.082 -2.784  -9.790  1.00 29.54 ? 91  THR B OG1 1 
ATOM   1223 C CG2 . THR B 1 62  ? -17.378 -1.074  -11.332 1.00 27.67 ? 91  THR B CG2 1 
ATOM   1224 N N   . LYS B 1 63  ? -16.963 -2.609  -7.241  1.00 23.55 ? 92  LYS B N   1 
ATOM   1225 C CA  . LYS B 1 63  ? -17.028 -2.921  -5.821  1.00 24.23 ? 92  LYS B CA  1 
ATOM   1226 C C   . LYS B 1 63  ? -17.152 -4.426  -5.685  1.00 33.84 ? 92  LYS B C   1 
ATOM   1227 O O   . LYS B 1 63  ? -17.782 -5.077  -6.522  1.00 28.25 ? 92  LYS B O   1 
ATOM   1228 C CB  . LYS B 1 63  ? -18.200 -2.194  -5.111  1.00 29.59 ? 92  LYS B CB  1 
ATOM   1229 C CG  . LYS B 1 63  ? -19.605 -2.643  -5.490  1.00 37.23 ? 92  LYS B CG  1 
ATOM   1230 C CD  . LYS B 1 63  ? -20.656 -1.840  -4.716  1.00 46.46 ? 92  LYS B CD  1 
ATOM   1231 C CE  . LYS B 1 63  ? -22.078 -2.267  -5.084  1.00 48.27 ? 92  LYS B CE  1 
ATOM   1232 N NZ  . LYS B 1 63  ? -23.107 -1.447  -4.385  1.00 54.27 ? 92  LYS B NZ  1 
ATOM   1233 N N   . GLY B 1 64  ? -16.516 -4.988  -4.665  1.00 24.84 ? 93  GLY B N   1 
ATOM   1234 C CA  . GLY B 1 64  ? -16.535 -6.428  -4.520  1.00 26.87 ? 93  GLY B CA  1 
ATOM   1235 C C   . GLY B 1 64  ? -15.650 -6.872  -3.375  1.00 23.55 ? 93  GLY B C   1 
ATOM   1236 O O   . GLY B 1 64  ? -15.240 -6.073  -2.533  1.00 22.75 ? 93  GLY B O   1 
ATOM   1237 N N   . LYS B 1 65  ? -15.370 -8.174  -3.361  1.00 25.34 ? 94  LYS B N   1 
ATOM   1238 C CA  . LYS B 1 65  ? -14.605 -8.787  -2.285  1.00 25.46 ? 94  LYS B CA  1 
ATOM   1239 C C   . LYS B 1 65  ? -13.647 -9.809  -2.885  1.00 32.56 ? 94  LYS B C   1 
ATOM   1240 O O   . LYS B 1 65  ? -13.853 -10.291 -4.002  1.00 31.11 ? 94  LYS B O   1 
ATOM   1241 C CB  . LYS B 1 65  ? -15.522 -9.470  -1.255  1.00 29.36 ? 94  LYS B CB  1 
ATOM   1242 C CG  . LYS B 1 65  ? -16.574 -8.560  -0.636  1.00 37.71 ? 94  LYS B CG  1 
ATOM   1243 C CD  . LYS B 1 65  ? -17.537 -9.358  0.227   1.00 44.20 ? 94  LYS B CD  1 
ATOM   1244 C CE  . LYS B 1 65  ? -18.459 -8.442  1.020   1.00 47.08 ? 94  LYS B CE  1 
ATOM   1245 N NZ  . LYS B 1 65  ? -18.557 -8.864  2.447   1.00 55.00 ? 94  LYS B NZ  1 
ATOM   1246 N N   . PHE B 1 66  ? -12.586 -10.132 -2.143  1.00 23.73 ? 95  PHE B N   1 
ATOM   1247 C CA  . PHE B 1 66  ? -11.679 -11.195 -2.558  1.00 26.54 ? 95  PHE B CA  1 
ATOM   1248 C C   . PHE B 1 66  ? -11.193 -11.981 -1.345  1.00 24.81 ? 95  PHE B C   1 
ATOM   1249 O O   . PHE B 1 66  ? -11.334 -11.550 -0.197  1.00 23.32 ? 95  PHE B O   1 
ATOM   1250 C CB  . PHE B 1 66  ? -10.477 -10.660 -3.358  1.00 25.15 ? 95  PHE B CB  1 
ATOM   1251 C CG  . PHE B 1 66  ? -9.673  -9.609  -2.641  1.00 25.20 ? 95  PHE B CG  1 
ATOM   1252 C CD1 . PHE B 1 66  ? -8.721  -9.967  -1.702  1.00 25.53 ? 95  PHE B CD1 1 
ATOM   1253 C CD2 . PHE B 1 66  ? -9.843  -8.268  -2.939  1.00 25.69 ? 95  PHE B CD2 1 
ATOM   1254 C CE1 . PHE B 1 66  ? -7.967  -9.008  -1.052  1.00 29.10 ? 95  PHE B CE1 1 
ATOM   1255 C CE2 . PHE B 1 66  ? -9.087  -7.296  -2.299  1.00 24.85 ? 95  PHE B CE2 1 
ATOM   1256 C CZ  . PHE B 1 66  ? -8.145  -7.669  -1.354  1.00 23.26 ? 95  PHE B CZ  1 
ATOM   1257 N N   . ALA B 1 67  ? -10.608 -13.147 -1.620  1.00 24.17 ? 96  ALA B N   1 
ATOM   1258 C CA  . ALA B 1 67  ? -10.003 -13.959 -0.573  1.00 27.17 ? 96  ALA B CA  1 
ATOM   1259 C C   . ALA B 1 67  ? -8.876  -14.783 -1.175  1.00 24.05 ? 96  ALA B C   1 
ATOM   1260 O O   . ALA B 1 67  ? -8.971  -15.231 -2.321  1.00 28.34 ? 96  ALA B O   1 
ATOM   1261 C CB  . ALA B 1 67  ? -11.041 -14.871 0.098   1.00 29.19 ? 96  ALA B CB  1 
ATOM   1262 N N   . PHE B 1 68  ? -7.802  -14.955 -0.406  1.00 26.43 ? 97  PHE B N   1 
ATOM   1263 C CA  . PHE B 1 68  ? -6.695  -15.817 -0.791  1.00 25.67 ? 97  PHE B CA  1 
ATOM   1264 C C   . PHE B 1 68  ? -5.930  -16.213 0.464   1.00 28.26 ? 97  PHE B C   1 
ATOM   1265 O O   . PHE B 1 68  ? -6.034  -15.571 1.514   1.00 29.58 ? 97  PHE B O   1 
ATOM   1266 C CB  . PHE B 1 68  ? -5.776  -15.137 -1.819  1.00 32.42 ? 97  PHE B CB  1 
ATOM   1267 C CG  . PHE B 1 68  ? -5.107  -13.882 -1.313  1.00 32.10 ? 97  PHE B CG  1 
ATOM   1268 C CD1 . PHE B 1 68  ? -3.834  -13.938 -0.764  1.00 31.97 ? 97  PHE B CD1 1 
ATOM   1269 C CD2 . PHE B 1 68  ? -5.741  -12.652 -1.410  1.00 29.53 ? 97  PHE B CD2 1 
ATOM   1270 C CE1 . PHE B 1 68  ? -3.205  -12.788 -0.302  1.00 27.97 ? 97  PHE B CE1 1 
ATOM   1271 C CE2 . PHE B 1 68  ? -5.117  -11.498 -0.950  1.00 27.43 ? 97  PHE B CE2 1 
ATOM   1272 C CZ  . PHE B 1 68  ? -3.850  -11.569 -0.400  1.00 26.71 ? 97  PHE B CZ  1 
ATOM   1273 N N   . THR B 1 69  ? -5.185  -17.303 0.354   1.00 35.47 ? 98  THR B N   1 
ATOM   1274 C CA  . THR B 1 69  ? -4.349  -17.781 1.441   1.00 29.84 ? 98  THR B CA  1 
ATOM   1275 C C   . THR B 1 69  ? -2.887  -17.610 1.053   1.00 31.64 ? 98  THR B C   1 
ATOM   1276 O O   . THR B 1 69  ? -2.532  -17.650 -0.129  1.00 32.76 ? 98  THR B O   1 
ATOM   1277 C CB  . THR B 1 69  ? -4.646  -19.249 1.785   1.00 33.86 ? 98  THR B CB  1 
ATOM   1278 O OG1 . THR B 1 69  ? -4.369  -20.074 0.649   1.00 34.20 ? 98  THR B OG1 1 
ATOM   1279 C CG2 . THR B 1 69  ? -6.108  -19.421 2.171   1.00 36.61 ? 98  THR B CG2 1 
ATOM   1280 N N   . THR B 1 70  ? -2.054  -17.387 2.062   1.00 38.42 ? 99  THR B N   1 
ATOM   1281 C CA  . THR B 1 70  ? -0.633  -17.138 1.872   1.00 43.21 ? 99  THR B CA  1 
ATOM   1282 C C   . THR B 1 70  ? 0.128   -18.452 1.970   1.00 42.19 ? 99  THR B C   1 
ATOM   1283 O O   . THR B 1 70  ? -0.188  -19.300 2.808   1.00 53.78 ? 99  THR B O   1 
ATOM   1284 C CB  . THR B 1 70  ? -0.113  -16.138 2.913   1.00 40.08 ? 99  THR B CB  1 
ATOM   1285 O OG1 . THR B 1 70  ? -0.419  -16.604 4.235   1.00 39.17 ? 99  THR B OG1 1 
ATOM   1286 C CG2 . THR B 1 70  ? -0.773  -14.780 2.716   1.00 37.65 ? 99  THR B CG2 1 
ATOM   1287 N N   . GLU B 1 71  ? 1.120   -18.625 1.103   1.00 51.74 ? 100 GLU B N   1 
ATOM   1288 C CA  . GLU B 1 71  ? 1.946   -19.836 1.104   1.00 55.36 ? 100 GLU B CA  1 
ATOM   1289 C C   . GLU B 1 71  ? 3.331   -19.568 0.519   1.00 59.49 ? 100 GLU B C   1 
ATOM   1290 O O   . GLU B 1 71  ? 3.726   -18.417 0.324   1.00 52.45 ? 100 GLU B O   1 
ATOM   1291 C CB  . GLU B 1 71  ? 1.263   -20.963 0.323   1.00 58.68 ? 100 GLU B CB  1 
ATOM   1292 C CG  . GLU B 1 71  ? 0.930   -20.609 -1.124  1.00 62.39 ? 100 GLU B CG  1 
ATOM   1293 C CD  . GLU B 1 71  ? 0.744   -21.830 -2.009  1.00 63.76 ? 100 GLU B CD  1 
ATOM   1294 O OE1 . GLU B 1 71  ? 0.916   -21.707 -3.241  1.00 65.03 ? 100 GLU B OE1 1 
ATOM   1295 O OE2 . GLU B 1 71  ? 0.433   -22.914 -1.472  1.00 72.69 ? 100 GLU B OE2 1 
ATOM   1296 N N   . ASP B 1 74  ? 6.247   -15.529 2.029   1.00 38.78 ? 103 ASP B N   1 
ATOM   1297 C CA  . ASP B 1 74  ? 4.806   -15.285 2.130   1.00 53.65 ? 103 ASP B CA  1 
ATOM   1298 C C   . ASP B 1 74  ? 4.483   -13.855 1.695   1.00 44.79 ? 103 ASP B C   1 
ATOM   1299 O O   . ASP B 1 74  ? 4.049   -13.025 2.509   1.00 45.15 ? 103 ASP B O   1 
ATOM   1300 C CB  . ASP B 1 74  ? 4.299   -15.519 3.566   1.00 51.88 ? 103 ASP B CB  1 
ATOM   1301 C CG  . ASP B 1 74  ? 4.109   -16.999 3.904   1.00 53.01 ? 103 ASP B CG  1 
ATOM   1302 O OD1 . ASP B 1 74  ? 3.687   -17.778 3.021   1.00 54.16 ? 103 ASP B OD1 1 
ATOM   1303 O OD2 . ASP B 1 74  ? 4.385   -17.381 5.064   1.00 53.05 ? 103 ASP B OD2 1 
ATOM   1304 N N   . MET B 1 75  ? 4.690   -13.573 0.412   1.00 35.68 ? 104 MET B N   1 
ATOM   1305 C CA  . MET B 1 75  ? 4.538   -12.236 -0.145  1.00 37.86 ? 104 MET B CA  1 
ATOM   1306 C C   . MET B 1 75  ? 3.284   -12.164 -1.010  1.00 39.63 ? 104 MET B C   1 
ATOM   1307 O O   . MET B 1 75  ? 2.841   -13.168 -1.574  1.00 33.48 ? 104 MET B O   1 
ATOM   1308 C CB  . MET B 1 75  ? 5.783   -11.854 -0.960  1.00 42.91 ? 104 MET B CB  1 
ATOM   1309 C CG  . MET B 1 75  ? 5.843   -10.398 -1.427  1.00 39.15 ? 104 MET B CG  1 
ATOM   1310 S SD  . MET B 1 75  ? 4.974   -10.071 -2.989  1.00 57.93 ? 104 MET B SD  1 
ATOM   1311 C CE  . MET B 1 75  ? 6.345   -9.727  -4.088  1.00 45.65 ? 104 MET B CE  1 
ATOM   1312 N N   . PHE B 1 76  ? 2.680   -10.976 -1.076  1.00 28.32 ? 105 PHE B N   1 
ATOM   1313 C CA  . PHE B 1 76  ? 1.599   -10.772 -2.030  1.00 25.83 ? 105 PHE B CA  1 
ATOM   1314 C C   . PHE B 1 76  ? 1.504   -9.290  -2.344  1.00 24.68 ? 105 PHE B C   1 
ATOM   1315 O O   . PHE B 1 76  ? 1.970   -8.446  -1.582  1.00 22.91 ? 105 PHE B O   1 
ATOM   1316 C CB  . PHE B 1 76  ? 0.257   -11.322 -1.528  1.00 27.07 ? 105 PHE B CB  1 
ATOM   1317 C CG  . PHE B 1 76  ? -0.387  -10.519 -0.424  1.00 30.88 ? 105 PHE B CG  1 
ATOM   1318 C CD1 . PHE B 1 76  ? -1.161  -9.391  -0.708  1.00 29.88 ? 105 PHE B CD1 1 
ATOM   1319 C CD2 . PHE B 1 76  ? -0.246  -10.911 0.902   1.00 31.22 ? 105 PHE B CD2 1 
ATOM   1320 C CE1 . PHE B 1 76  ? -1.754  -8.656  0.318   1.00 31.62 ? 105 PHE B CE1 1 
ATOM   1321 C CE2 . PHE B 1 76  ? -0.846  -10.185 1.928   1.00 32.85 ? 105 PHE B CE2 1 
ATOM   1322 C CZ  . PHE B 1 76  ? -1.600  -9.060  1.636   1.00 32.36 ? 105 PHE B CZ  1 
ATOM   1323 N N   . GLU B 1 77  ? 0.889   -8.990  -3.477  1.00 20.47 ? 106 GLU B N   1 
ATOM   1324 C CA  . GLU B 1 77  ? 0.715   -7.607  -3.892  1.00 21.69 ? 106 GLU B CA  1 
ATOM   1325 C C   . GLU B 1 77  ? -0.696  -7.441  -4.426  1.00 21.38 ? 106 GLU B C   1 
ATOM   1326 O O   . GLU B 1 77  ? -1.130  -8.225  -5.272  1.00 24.22 ? 106 GLU B O   1 
ATOM   1327 C CB  . GLU B 1 77  ? 1.747   -7.228  -4.951  1.00 26.31 ? 106 GLU B CB  1 
ATOM   1328 C CG  . GLU B 1 77  ? 1.780   -5.761  -5.320  1.00 30.87 ? 106 GLU B CG  1 
ATOM   1329 C CD  . GLU B 1 77  ? 3.006   -5.416  -6.151  1.00 39.60 ? 106 GLU B CD  1 
ATOM   1330 O OE1 . GLU B 1 77  ? 3.027   -5.753  -7.352  1.00 41.37 ? 106 GLU B OE1 1 
ATOM   1331 O OE2 . GLU B 1 77  ? 3.960   -4.834  -5.592  1.00 43.35 ? 106 GLU B OE2 1 
ATOM   1332 N N   . VAL B 1 78  ? -1.390  -6.414  -3.943  1.00 18.74 ? 107 VAL B N   1 
ATOM   1333 C CA  . VAL B 1 78  ? -2.720  -6.037  -4.408  1.00 17.44 ? 107 VAL B CA  1 
ATOM   1334 C C   . VAL B 1 78  ? -2.542  -4.761  -5.219  1.00 23.77 ? 107 VAL B C   1 
ATOM   1335 O O   . VAL B 1 78  ? -2.057  -3.761  -4.678  1.00 20.63 ? 107 VAL B O   1 
ATOM   1336 C CB  . VAL B 1 78  ? -3.672  -5.807  -3.216  1.00 19.76 ? 107 VAL B CB  1 
ATOM   1337 C CG1 . VAL B 1 78  ? -5.060  -5.354  -3.683  1.00 21.66 ? 107 VAL B CG1 1 
ATOM   1338 C CG2 . VAL B 1 78  ? -3.764  -7.052  -2.344  1.00 25.71 ? 107 VAL B CG2 1 
ATOM   1339 N N   . CYS B 1 79  ? -2.891  -4.786  -6.516  1.00 20.45 ? 108 CYS B N   1 
ATOM   1340 C CA  . CYS B 1 79  ? -2.673  -3.629  -7.388  1.00 19.92 ? 108 CYS B CA  1 
ATOM   1341 C C   . CYS B 1 79  ? -3.973  -3.162  -8.022  1.00 23.10 ? 108 CYS B C   1 
ATOM   1342 O O   . CYS B 1 79  ? -4.798  -3.976  -8.435  1.00 21.09 ? 108 CYS B O   1 
ATOM   1343 C CB  . CYS B 1 79  ? -1.666  -3.928  -8.507  1.00 27.09 ? 108 CYS B CB  1 
ATOM   1344 S SG  . CYS B 1 79  ? 0.059   -4.051  -7.986  1.00 36.93 ? 108 CYS B SG  1 
ATOM   1345 N N   . PHE B 1 80  ? -4.147  -1.842  -8.089  1.00 21.42 ? 109 PHE B N   1 
ATOM   1346 C CA  . PHE B 1 80  ? -5.242  -1.208  -8.817  1.00 20.48 ? 109 PHE B CA  1 
ATOM   1347 C C   . PHE B 1 80  ? -4.653  -0.394  -9.961  1.00 19.63 ? 109 PHE B C   1 
ATOM   1348 O O   . PHE B 1 80  ? -3.758  0.429   -9.741  1.00 20.78 ? 109 PHE B O   1 
ATOM   1349 C CB  . PHE B 1 80  ? -6.063  -0.281  -7.908  1.00 19.12 ? 109 PHE B CB  1 
ATOM   1350 C CG  . PHE B 1 80  ? -6.816  -0.976  -6.798  1.00 23.78 ? 109 PHE B CG  1 
ATOM   1351 C CD1 . PHE B 1 80  ? -6.184  -1.347  -5.613  1.00 26.54 ? 109 PHE B CD1 1 
ATOM   1352 C CD2 . PHE B 1 80  ? -8.167  -1.206  -6.916  1.00 23.80 ? 109 PHE B CD2 1 
ATOM   1353 C CE1 . PHE B 1 80  ? -6.897  -1.960  -4.595  1.00 25.19 ? 109 PHE B CE1 1 
ATOM   1354 C CE2 . PHE B 1 80  ? -8.887  -1.824  -5.892  1.00 27.43 ? 109 PHE B CE2 1 
ATOM   1355 C CZ  . PHE B 1 80  ? -8.250  -2.199  -4.740  1.00 26.20 ? 109 PHE B CZ  1 
ATOM   1356 N N   . GLU B 1 81  ? -5.141  -0.605  -11.186 1.00 20.46 ? 110 GLU B N   1 
ATOM   1357 C CA  . GLU B 1 81  ? -4.587  0.091   -12.346 1.00 20.79 ? 110 GLU B CA  1 
ATOM   1358 C C   . GLU B 1 81  ? -5.727  0.606   -13.209 1.00 20.54 ? 110 GLU B C   1 
ATOM   1359 O O   . GLU B 1 81  ? -6.607  -0.168  -13.579 1.00 24.55 ? 110 GLU B O   1 
ATOM   1360 C CB  . GLU B 1 81  ? -3.679  -0.818  -13.191 1.00 25.38 ? 110 GLU B CB  1 
ATOM   1361 C CG  . GLU B 1 81  ? -3.141  -0.086  -14.419 1.00 30.93 ? 110 GLU B CG  1 
ATOM   1362 C CD  . GLU B 1 81  ? -2.308  -0.959  -15.335 1.00 42.54 ? 110 GLU B CD  1 
ATOM   1363 O OE1 . GLU B 1 81  ? -2.048  -2.131  -14.988 1.00 45.10 ? 110 GLU B OE1 1 
ATOM   1364 O OE2 . GLU B 1 81  ? -1.898  -0.452  -16.399 1.00 43.87 ? 110 GLU B OE2 1 
ATOM   1365 N N   . SER B 1 82  ? -5.719  1.896   -13.525 1.00 25.10 ? 111 SER B N   1 
ATOM   1366 C CA  . SER B 1 82  ? -6.776  2.481   -14.340 1.00 22.61 ? 111 SER B CA  1 
ATOM   1367 C C   . SER B 1 82  ? -6.248  2.838   -15.727 1.00 27.78 ? 111 SER B C   1 
ATOM   1368 O O   . SER B 1 82  ? -5.065  3.126   -15.907 1.00 27.86 ? 111 SER B O   1 
ATOM   1369 C CB  . SER B 1 82  ? -7.356  3.724   -13.669 1.00 22.71 ? 111 SER B CB  1 
ATOM   1370 O OG  . SER B 1 82  ? -6.453  4.796   -13.739 1.00 28.42 ? 111 SER B OG  1 
ATOM   1371 N N   . LYS B 1 83  ? -7.135  2.798   -16.723 1.00 25.54 ? 112 LYS B N   1 
ATOM   1372 C CA  . LYS B 1 83  ? -6.810  3.267   -18.071 1.00 31.78 ? 112 LYS B CA  1 
ATOM   1373 C C   . LYS B 1 83  ? -7.978  4.073   -18.626 1.00 27.40 ? 112 LYS B C   1 
ATOM   1374 O O   . LYS B 1 83  ? -9.141  3.700   -18.455 1.00 30.16 ? 112 LYS B O   1 
ATOM   1375 C CB  . LYS B 1 83  ? -6.525  2.137   -19.053 1.00 41.52 ? 112 LYS B CB  1 
ATOM   1376 C CG  . LYS B 1 83  ? -5.416  1.203   -18.665 1.00 42.77 ? 112 LYS B CG  1 
ATOM   1377 C CD  . LYS B 1 83  ? -4.800  0.594   -19.903 1.00 50.34 ? 112 LYS B CD  1 
ATOM   1378 C CE  . LYS B 1 83  ? -3.790  -0.436  -19.489 1.00 52.51 ? 112 LYS B CE  1 
ATOM   1379 N NZ  . LYS B 1 83  ? -4.498  -1.701  -19.107 1.00 56.92 ? 112 LYS B NZ  1 
ATOM   1380 N N   . GLY B 1 84  ? -7.664  5.190   -19.269 1.00 34.04 ? 113 GLY B N   1 
ATOM   1381 C CA  . GLY B 1 84  ? -8.676  5.949   -19.992 1.00 32.97 ? 113 GLY B CA  1 
ATOM   1382 C C   . GLY B 1 84  ? -8.010  6.987   -20.875 1.00 40.96 ? 113 GLY B C   1 
ATOM   1383 O O   . GLY B 1 84  ? -6.782  7.140   -20.886 1.00 40.07 ? 113 GLY B O   1 
ATOM   1384 N N   . THR B 1 85  ? -8.842  7.708   -21.620 1.00 42.72 ? 114 THR B N   1 
ATOM   1385 C CA  . THR B 1 85  ? -8.397  8.742   -22.544 1.00 44.72 ? 114 THR B CA  1 
ATOM   1386 C C   . THR B 1 85  ? -9.051  10.055  -22.144 1.00 49.84 ? 114 THR B C   1 
ATOM   1387 O O   . THR B 1 85  ? -10.216 10.073  -21.739 1.00 47.40 ? 114 THR B O   1 
ATOM   1388 C CB  . THR B 1 85  ? -8.765  8.363   -23.994 1.00 42.89 ? 114 THR B CB  1 
ATOM   1389 O OG1 . THR B 1 85  ? -7.989  7.228   -24.400 1.00 45.23 ? 114 THR B OG1 1 
ATOM   1390 C CG2 . THR B 1 85  ? -8.528  9.513   -24.954 1.00 48.31 ? 114 THR B CG2 1 
ATOM   1391 N N   . GLY B 1 86  ? -8.300  11.145  -22.234 1.00 52.35 ? 115 GLY B N   1 
ATOM   1392 C CA  . GLY B 1 86  ? -8.812  12.441  -21.845 1.00 51.65 ? 115 GLY B CA  1 
ATOM   1393 C C   . GLY B 1 86  ? -8.425  12.794  -20.426 1.00 52.10 ? 115 GLY B C   1 
ATOM   1394 O O   . GLY B 1 86  ? -7.664  12.095  -19.751 1.00 50.72 ? 115 GLY B O   1 
ATOM   1395 N N   . ARG B 1 87  ? -8.975  13.911  -19.967 1.00 54.11 ? 116 ARG B N   1 
ATOM   1396 C CA  . ARG B 1 87  ? -8.727  14.408  -18.618 1.00 57.23 ? 116 ARG B CA  1 
ATOM   1397 C C   . ARG B 1 87  ? -9.934  14.003  -17.783 1.00 53.89 ? 116 ARG B C   1 
ATOM   1398 O O   . ARG B 1 87  ? -10.996 14.621  -17.870 1.00 58.77 ? 116 ARG B O   1 
ATOM   1399 C CB  . ARG B 1 87  ? -8.500  15.919  -18.583 1.00 57.24 ? 116 ARG B CB  1 
ATOM   1400 C CG  . ARG B 1 87  ? -7.440  16.505  -19.547 1.00 57.05 ? 116 ARG B CG  1 
ATOM   1401 C CD  . ARG B 1 87  ? -7.769  16.301  -21.013 1.00 69.20 ? 116 ARG B CD  1 
ATOM   1402 N NE  . ARG B 1 87  ? -9.110  16.782  -21.308 1.00 72.04 ? 116 ARG B NE  1 
ATOM   1403 C CZ  . ARG B 1 87  ? -9.889  16.305  -22.269 1.00 67.56 ? 116 ARG B CZ  1 
ATOM   1404 N NH1 . ARG B 1 87  ? -9.460  15.329  -23.042 1.00 65.51 ? 116 ARG B NH1 1 
ATOM   1405 N NH2 . ARG B 1 87  ? -11.102 16.806  -22.452 1.00 70.71 ? 116 ARG B NH2 1 
ATOM   1406 N N   . ILE B 1 88  ? -9.767  12.948  -16.994 1.00 47.45 ? 117 ILE B N   1 
ATOM   1407 C CA  . ILE B 1 88  ? -10.817 12.370  -16.156 1.00 46.26 ? 117 ILE B CA  1 
ATOM   1408 C C   . ILE B 1 88  ? -10.470 12.694  -14.706 1.00 39.54 ? 117 ILE B C   1 
ATOM   1409 O O   . ILE B 1 88  ? -9.285  12.643  -14.330 1.00 37.99 ? 117 ILE B O   1 
ATOM   1410 C CB  . ILE B 1 88  ? -10.940 10.855  -16.413 1.00 39.46 ? 117 ILE B CB  1 
ATOM   1411 C CG1 . ILE B 1 88  ? -11.091 10.602  -17.911 1.00 46.66 ? 117 ILE B CG1 1 
ATOM   1412 C CG2 . ILE B 1 88  ? -12.108 10.236  -15.656 1.00 46.16 ? 117 ILE B CG2 1 
ATOM   1413 C CD1 . ILE B 1 88  ? -10.835 9.178   -18.341 1.00 39.44 ? 117 ILE B CD1 1 
ATOM   1414 N N   . PRO B 1 89  ? -11.437 13.074  -13.868 1.00 42.82 ? 118 PRO B N   1 
ATOM   1415 C CA  . PRO B 1 89  ? -11.132 13.271  -12.446 1.00 38.39 ? 118 PRO B CA  1 
ATOM   1416 C C   . PRO B 1 89  ? -10.671 11.970  -11.806 1.00 34.49 ? 118 PRO B C   1 
ATOM   1417 O O   . PRO B 1 89  ? -11.045 10.876  -12.240 1.00 34.01 ? 118 PRO B O   1 
ATOM   1418 C CB  . PRO B 1 89  ? -12.458 13.761  -11.847 1.00 41.85 ? 118 PRO B CB  1 
ATOM   1419 C CG  . PRO B 1 89  ? -13.362 14.035  -13.006 1.00 51.48 ? 118 PRO B CG  1 
ATOM   1420 C CD  . PRO B 1 89  ? -12.862 13.279  -14.181 1.00 47.50 ? 118 PRO B CD  1 
ATOM   1421 N N   . ASP B 1 90  ? -9.814  12.103  -10.795 1.00 34.35 ? 119 ASP B N   1 
ATOM   1422 C CA  . ASP B 1 90  ? -9.297  10.937  -10.086 1.00 29.82 ? 119 ASP B CA  1 
ATOM   1423 C C   . ASP B 1 90  ? -10.442 10.099  -9.544  1.00 33.43 ? 119 ASP B C   1 
ATOM   1424 O O   . ASP B 1 90  ? -11.471 10.628  -9.112  1.00 33.32 ? 119 ASP B O   1 
ATOM   1425 C CB  . ASP B 1 90  ? -8.410  11.349  -8.906  1.00 28.17 ? 119 ASP B CB  1 
ATOM   1426 C CG  . ASP B 1 90  ? -7.150  12.067  -9.321  1.00 37.31 ? 119 ASP B CG  1 
ATOM   1427 O OD1 . ASP B 1 90  ? -6.845  12.122  -10.532 1.00 37.53 ? 119 ASP B OD1 1 
ATOM   1428 O OD2 . ASP B 1 90  ? -6.448  12.559  -8.411  1.00 39.06 ? 119 ASP B OD2 1 
ATOM   1429 N N   . GLN B 1 91  ? -10.256 8.787   -9.550  1.00 23.13 ? 120 GLN B N   1 
ATOM   1430 C CA  . GLN B 1 91  ? -11.159 7.914   -8.824  1.00 19.95 ? 120 GLN B CA  1 
ATOM   1431 C C   . GLN B 1 91  ? -10.770 7.871   -7.354  1.00 23.58 ? 120 GLN B C   1 
ATOM   1432 O O   . GLN B 1 91  ? -9.615  8.078   -6.996  1.00 24.29 ? 120 GLN B O   1 
ATOM   1433 C CB  . GLN B 1 91  ? -11.121 6.509   -9.410  1.00 20.16 ? 120 GLN B CB  1 
ATOM   1434 C CG  . GLN B 1 91  ? -11.743 6.412   -10.804 1.00 23.65 ? 120 GLN B CG  1 
ATOM   1435 C CD  . GLN B 1 91  ? -11.724 5.017   -11.338 1.00 27.92 ? 120 GLN B CD  1 
ATOM   1436 O OE1 . GLN B 1 91  ? -12.751 4.340   -11.373 1.00 29.83 ? 120 GLN B OE1 1 
ATOM   1437 N NE2 . GLN B 1 91  ? -10.553 4.566   -11.759 1.00 28.08 ? 120 GLN B NE2 1 
ATOM   1438 N N   . LEU B 1 92  ? -11.747 7.590   -6.498  1.00 23.03 ? 121 LEU B N   1 
ATOM   1439 C CA  . LEU B 1 92  ? -11.492 7.369   -5.081  1.00 20.46 ? 121 LEU B CA  1 
ATOM   1440 C C   . LEU B 1 92  ? -11.646 5.884   -4.795  1.00 23.95 ? 121 LEU B C   1 
ATOM   1441 O O   . LEU B 1 92  ? -12.657 5.283   -5.164  1.00 25.83 ? 121 LEU B O   1 
ATOM   1442 C CB  . LEU B 1 92  ? -12.451 8.185   -4.215  1.00 26.66 ? 121 LEU B CB  1 
ATOM   1443 C CG  . LEU B 1 92  ? -12.364 8.000   -2.698  1.00 29.63 ? 121 LEU B CG  1 
ATOM   1444 C CD1 . LEU B 1 92  ? -10.963 8.314   -2.172  1.00 29.22 ? 121 LEU B CD1 1 
ATOM   1445 C CD2 . LEU B 1 92  ? -13.399 8.891   -2.028  1.00 28.77 ? 121 LEU B CD2 1 
ATOM   1446 N N   . VAL B 1 93  ? -10.648 5.290   -4.145  1.00 22.00 ? 122 VAL B N   1 
ATOM   1447 C CA  . VAL B 1 93  ? -10.652 3.862   -3.853  1.00 22.10 ? 122 VAL B CA  1 
ATOM   1448 C C   . VAL B 1 93  ? -10.596 3.672   -2.346  1.00 20.80 ? 122 VAL B C   1 
ATOM   1449 O O   . VAL B 1 93  ? -9.766  4.299   -1.675  1.00 21.16 ? 122 VAL B O   1 
ATOM   1450 C CB  . VAL B 1 93  ? -9.469  3.146   -4.523  1.00 24.71 ? 122 VAL B CB  1 
ATOM   1451 C CG1 . VAL B 1 93  ? -9.520  1.639   -4.220  1.00 22.02 ? 122 VAL B CG1 1 
ATOM   1452 C CG2 . VAL B 1 93  ? -9.485  3.402   -6.025  1.00 22.95 ? 122 VAL B CG2 1 
ATOM   1453 N N   . ILE B 1 94  ? -11.454 2.791   -1.830  1.00 19.22 ? 123 ILE B N   1 
ATOM   1454 C CA  . ILE B 1 94  ? -11.387 2.298   -0.448  1.00 21.38 ? 123 ILE B CA  1 
ATOM   1455 C C   . ILE B 1 94  ? -11.064 0.811   -0.487  1.00 24.13 ? 123 ILE B C   1 
ATOM   1456 O O   . ILE B 1 94  ? -11.722 0.053   -1.204  1.00 22.01 ? 123 ILE B O   1 
ATOM   1457 C CB  . ILE B 1 94  ? -12.717 2.515   0.300   1.00 23.18 ? 123 ILE B CB  1 
ATOM   1458 C CG1 . ILE B 1 94  ? -13.199 3.947   0.137   1.00 31.00 ? 123 ILE B CG1 1 
ATOM   1459 C CG2 . ILE B 1 94  ? -12.619 2.090   1.772   1.00 24.41 ? 123 ILE B CG2 1 
ATOM   1460 C CD1 . ILE B 1 94  ? -12.231 4.937   0.628   1.00 27.63 ? 123 ILE B CD1 1 
ATOM   1461 N N   . LEU B 1 95  ? -10.096 0.376   0.323   1.00 18.18 ? 124 LEU B N   1 
ATOM   1462 C CA  . LEU B 1 95  ? -9.766  -1.040  0.425   1.00 20.34 ? 124 LEU B CA  1 
ATOM   1463 C C   . LEU B 1 95  ? -9.637  -1.412  1.894   1.00 22.70 ? 124 LEU B C   1 
ATOM   1464 O O   . LEU B 1 95  ? -8.847  -0.794  2.620   1.00 23.69 ? 124 LEU B O   1 
ATOM   1465 C CB  . LEU B 1 95  ? -8.470  -1.362  -0.324  1.00 22.24 ? 124 LEU B CB  1 
ATOM   1466 C CG  . LEU B 1 95  ? -7.965  -2.791  -0.098  1.00 24.63 ? 124 LEU B CG  1 
ATOM   1467 C CD1 . LEU B 1 95  ? -8.941  -3.808  -0.676  1.00 20.93 ? 124 LEU B CD1 1 
ATOM   1468 C CD2 . LEU B 1 95  ? -6.578  -2.939  -0.692  1.00 29.26 ? 124 LEU B CD2 1 
ATOM   1469 N N   . ASP B 1 96  ? -10.414 -2.408  2.326   1.00 20.34 ? 125 ASP B N   1 
ATOM   1470 C CA  . ASP B 1 96  ? -10.349 -2.960  3.679   1.00 22.85 ? 125 ASP B CA  1 
ATOM   1471 C C   . ASP B 1 96  ? -9.853  -4.397  3.613   1.00 27.67 ? 125 ASP B C   1 
ATOM   1472 O O   . ASP B 1 96  ? -10.365 -5.194  2.822   1.00 23.89 ? 125 ASP B O   1 
ATOM   1473 C CB  . ASP B 1 96  ? -11.720 -2.935  4.357   1.00 30.97 ? 125 ASP B CB  1 
ATOM   1474 C CG  . ASP B 1 96  ? -12.205 -1.532  4.667   1.00 40.99 ? 125 ASP B CG  1 
ATOM   1475 O OD1 . ASP B 1 96  ? -11.376 -0.642  4.967   1.00 40.02 ? 125 ASP B OD1 1 
ATOM   1476 O OD2 . ASP B 1 96  ? -13.435 -1.324  4.629   1.00 45.58 ? 125 ASP B OD2 1 
ATOM   1477 N N   . MET B 1 97  ? -8.860  -4.741  4.432   1.00 23.24 ? 126 MET B N   1 
ATOM   1478 C CA  . MET B 1 97  ? -8.347  -6.104  4.412   1.00 23.37 ? 126 MET B CA  1 
ATOM   1479 C C   . MET B 1 97  ? -8.230  -6.625  5.835   1.00 32.39 ? 126 MET B C   1 
ATOM   1480 O O   . MET B 1 97  ? -8.017  -5.859  6.778   1.00 30.92 ? 126 MET B O   1 
ATOM   1481 C CB  . MET B 1 97  ? -6.989  -6.199  3.702   1.00 25.26 ? 126 MET B CB  1 
ATOM   1482 C CG  . MET B 1 97  ? -7.019  -5.670  2.276   1.00 28.06 ? 126 MET B CG  1 
ATOM   1483 S SD  . MET B 1 97  ? -5.458  -5.913  1.433   1.00 41.12 ? 126 MET B SD  1 
ATOM   1484 C CE  . MET B 1 97  ? -5.604  -7.604  0.984   1.00 33.15 ? 126 MET B CE  1 
ATOM   1485 N N   . LYS B 1 98  ? -8.398  -7.933  5.981   1.00 28.77 ? 127 LYS B N   1 
ATOM   1486 C CA  . LYS B 1 98  ? -8.270  -8.597  7.269   1.00 30.16 ? 127 LYS B CA  1 
ATOM   1487 C C   . LYS B 1 98  ? -7.382  -9.813  7.102   1.00 33.41 ? 127 LYS B C   1 
ATOM   1488 O O   . LYS B 1 98  ? -7.422  -10.482 6.064   1.00 28.15 ? 127 LYS B O   1 
ATOM   1489 C CB  . LYS B 1 98  ? -9.637  -9.019  7.846   1.00 36.02 ? 127 LYS B CB  1 
ATOM   1490 C CG  . LYS B 1 98  ? -10.412 -7.896  8.501   1.00 47.42 ? 127 LYS B CG  1 
ATOM   1491 C CD  . LYS B 1 98  ? -11.583 -8.441  9.317   1.00 58.19 ? 127 LYS B CD  1 
ATOM   1492 C CE  . LYS B 1 98  ? -12.614 -9.130  8.432   1.00 60.44 ? 127 LYS B CE  1 
ATOM   1493 N NZ  . LYS B 1 98  ? -13.810 -9.565  9.212   1.00 68.35 ? 127 LYS B NZ  1 
ATOM   1494 N N   . HIS B 1 99  ? -6.560  -10.076 8.118   1.00 32.24 ? 128 HIS B N   1 
ATOM   1495 C CA  . HIS B 1 99  ? -5.651  -11.217 8.134   1.00 32.48 ? 128 HIS B CA  1 
ATOM   1496 C C   . HIS B 1 99  ? -6.092  -12.140 9.259   1.00 40.79 ? 128 HIS B C   1 
ATOM   1497 O O   . HIS B 1 99  ? -6.193  -11.706 10.413  1.00 40.14 ? 128 HIS B O   1 
ATOM   1498 C CB  . HIS B 1 99  ? -4.203  -10.768 8.338   1.00 34.46 ? 128 HIS B CB  1 
ATOM   1499 C CG  . HIS B 1 99  ? -3.703  -9.843  7.270   1.00 36.98 ? 128 HIS B CG  1 
ATOM   1500 N ND1 . HIS B 1 99  ? -4.161  -8.550  7.128   1.00 34.62 ? 128 HIS B ND1 1 
ATOM   1501 C CD2 . HIS B 1 99  ? -2.800  -10.033 6.280   1.00 39.46 ? 128 HIS B CD2 1 
ATOM   1502 C CE1 . HIS B 1 99  ? -3.559  -7.983  6.096   1.00 39.17 ? 128 HIS B CE1 1 
ATOM   1503 N NE2 . HIS B 1 99  ? -2.726  -8.861  5.567   1.00 32.15 ? 128 HIS B NE2 1 
ATOM   1504 N N   . GLY B 1 100 ? -6.373  -13.395 8.922   1.00 38.97 ? 129 GLY B N   1 
ATOM   1505 C CA  . GLY B 1 100 ? -6.866  -14.355 9.896   1.00 40.77 ? 129 GLY B CA  1 
ATOM   1506 C C   . GLY B 1 100 ? -5.862  -15.442 10.223  1.00 47.97 ? 129 GLY B C   1 
ATOM   1507 O O   . GLY B 1 100 ? -4.821  -15.182 10.831  1.00 43.42 ? 129 GLY B O   1 
HETATM 1508 S S   . SO4 C 2 .   ? -4.133  10.540  -2.507  1.00 41.11 ? 201 SO4 A S   1 
HETATM 1509 O O1  . SO4 C 2 .   ? -4.175  11.410  -3.688  1.00 42.33 ? 201 SO4 A O1  1 
HETATM 1510 O O2  . SO4 C 2 .   ? -2.977  10.898  -1.683  1.00 39.98 ? 201 SO4 A O2  1 
HETATM 1511 O O3  . SO4 C 2 .   ? -5.352  10.704  -1.713  1.00 40.38 ? 201 SO4 A O3  1 
HETATM 1512 O O4  . SO4 C 2 .   ? -4.050  9.149   -2.928  1.00 29.86 ? 201 SO4 A O4  1 
HETATM 1513 S S   . SO4 D 2 .   ? 19.149  -2.831  12.357  1.00 60.59 ? 202 SO4 A S   1 
HETATM 1514 O O1  . SO4 D 2 .   ? 18.186  -2.042  13.127  1.00 53.42 ? 202 SO4 A O1  1 
HETATM 1515 O O2  . SO4 D 2 .   ? 20.287  -1.985  12.003  1.00 63.04 ? 202 SO4 A O2  1 
HETATM 1516 O O3  . SO4 D 2 .   ? 18.524  -3.339  11.136  1.00 55.67 ? 202 SO4 A O3  1 
HETATM 1517 O O4  . SO4 D 2 .   ? 19.607  -3.964  13.158  1.00 58.23 ? 202 SO4 A O4  1 
HETATM 1518 C C1  . EDO E 3 .   ? -4.265  -6.501  9.961   1.00 38.66 ? 203 EDO A C1  1 
HETATM 1519 O O1  . EDO E 3 .   ? -5.630  -6.855  10.247  1.00 38.83 ? 203 EDO A O1  1 
HETATM 1520 C C2  . EDO E 3 .   ? -4.247  -5.291  9.024   1.00 29.08 ? 203 EDO A C2  1 
HETATM 1521 O O2  . EDO E 3 .   ? -2.947  -5.011  8.489   1.00 30.89 ? 203 EDO A O2  1 
HETATM 1522 O O   . HOH F 4 .   ? -1.777  0.916   23.961  1.00 56.76 ? 301 HOH A O   1 
HETATM 1523 O O   . HOH F 4 .   ? 10.590  11.496  9.614   1.00 33.45 ? 302 HOH A O   1 
HETATM 1524 O O   . HOH F 4 .   ? 15.883  -6.556  5.909   1.00 36.50 ? 303 HOH A O   1 
HETATM 1525 O O   . HOH F 4 .   ? -1.720  7.657   -1.405  1.00 37.70 ? 304 HOH A O   1 
HETATM 1526 O O   . HOH F 4 .   ? 8.935   0.250   16.424  1.00 30.91 ? 305 HOH A O   1 
HETATM 1527 O O   . HOH F 4 .   ? 7.111   3.753   17.874  1.00 37.07 ? 306 HOH A O   1 
HETATM 1528 O O   . HOH F 4 .   ? 12.510  -7.574  8.904   1.00 40.08 ? 307 HOH A O   1 
HETATM 1529 O O   . HOH F 4 .   ? 10.520  8.771   13.408  1.00 27.59 ? 308 HOH A O   1 
HETATM 1530 O O   . HOH F 4 .   ? 5.727   -6.670  16.393  1.00 27.17 ? 309 HOH A O   1 
HETATM 1531 O O   . HOH F 4 .   ? 6.408   -4.934  14.122  1.00 24.42 ? 310 HOH A O   1 
HETATM 1532 O O   . HOH F 4 .   ? 2.662   2.300   -14.056 1.00 32.81 ? 311 HOH A O   1 
HETATM 1533 O O   . HOH F 4 .   ? 4.046   -9.402  15.419  1.00 29.72 ? 312 HOH A O   1 
HETATM 1534 O O   . HOH F 4 .   ? 4.157   8.246   -8.399  1.00 35.22 ? 313 HOH A O   1 
HETATM 1535 O O   . HOH F 4 .   ? 11.680  2.153   15.632  1.00 30.99 ? 314 HOH A O   1 
HETATM 1536 O O   . HOH F 4 .   ? 16.535  10.413  4.272   1.00 36.33 ? 315 HOH A O   1 
HETATM 1537 O O   . HOH F 4 .   ? -0.663  -9.206  17.170  1.00 37.68 ? 316 HOH A O   1 
HETATM 1538 O O   . HOH F 4 .   ? 15.445  2.871   6.473   1.00 35.41 ? 317 HOH A O   1 
HETATM 1539 O O   . HOH F 4 .   ? 11.989  14.563  4.039   1.00 36.92 ? 318 HOH A O   1 
HETATM 1540 O O   . HOH F 4 .   ? 0.222   2.988   -15.326 1.00 38.54 ? 319 HOH A O   1 
HETATM 1541 O O   . HOH F 4 .   ? 9.661   -13.876 12.879  1.00 46.75 ? 320 HOH A O   1 
HETATM 1542 O O   . HOH F 4 .   ? 11.978  -0.342  5.261   1.00 33.24 ? 321 HOH A O   1 
HETATM 1543 O O   . HOH F 4 .   ? 6.381   20.175  -7.670  1.00 44.58 ? 322 HOH A O   1 
HETATM 1544 O O   . HOH G 4 .   ? 4.137   -5.050  -9.507  1.00 37.37 ? 201 HOH B O   1 
HETATM 1545 O O   . HOH G 4 .   ? -7.284  11.437  -13.039 1.00 32.34 ? 202 HOH B O   1 
HETATM 1546 O O   . HOH G 4 .   ? -15.800 -5.194  -8.996  1.00 30.57 ? 203 HOH B O   1 
HETATM 1547 O O   . HOH G 4 .   ? -8.546  6.348   -12.537 1.00 27.76 ? 204 HOH B O   1 
HETATM 1548 O O   . HOH G 4 .   ? -11.522 -14.246 -4.173  1.00 36.22 ? 205 HOH B O   1 
HETATM 1549 O O   . HOH G 4 .   ? -6.607  -7.519  -13.645 1.00 36.37 ? 206 HOH B O   1 
HETATM 1550 O O   . HOH G 4 .   ? -8.056  9.746   0.753   1.00 41.11 ? 207 HOH B O   1 
HETATM 1551 O O   . HOH G 4 .   ? -3.890  -4.214  -11.815 1.00 35.16 ? 208 HOH B O   1 
HETATM 1552 O O   . HOH G 4 .   ? -14.663 -0.943  1.137   1.00 40.33 ? 209 HOH B O   1 
# 
